data_3RHE
# 
_entry.id   3RHE 
# 
_audit_conform.dict_name       mmcif_pdbx.dic 
_audit_conform.dict_version    5.397 
_audit_conform.dict_location   http://mmcif.pdb.org/dictionaries/ascii/mmcif_pdbx.dic 
# 
loop_
_database_2.database_id 
_database_2.database_code 
_database_2.pdbx_database_accession 
_database_2.pdbx_DOI 
PDB   3RHE         pdb_00003rhe 10.2210/pdb3rhe/pdb 
RCSB  RCSB064934   ?            ?                   
WWPDB D_1000064934 ?            ?                   
# 
loop_
_pdbx_audit_revision_history.ordinal 
_pdbx_audit_revision_history.data_content_type 
_pdbx_audit_revision_history.major_revision 
_pdbx_audit_revision_history.minor_revision 
_pdbx_audit_revision_history.revision_date 
1 'Structure model' 1 0 2011-05-04 
2 'Structure model' 1 1 2011-07-13 
3 'Structure model' 1 2 2011-11-16 
4 'Structure model' 1 3 2024-10-09 
# 
_pdbx_audit_revision_details.ordinal             1 
_pdbx_audit_revision_details.revision_ordinal    1 
_pdbx_audit_revision_details.data_content_type   'Structure model' 
_pdbx_audit_revision_details.provider            repository 
_pdbx_audit_revision_details.type                'Initial release' 
_pdbx_audit_revision_details.description         ? 
_pdbx_audit_revision_details.details             ? 
# 
loop_
_pdbx_audit_revision_group.ordinal 
_pdbx_audit_revision_group.revision_ordinal 
_pdbx_audit_revision_group.data_content_type 
_pdbx_audit_revision_group.group 
1 2 'Structure model' 'Version format compliance' 
2 3 'Structure model' 'Atomic model'              
3 4 'Structure model' 'Data collection'           
4 4 'Structure model' 'Database references'       
5 4 'Structure model' 'Derived calculations'      
6 4 'Structure model' 'Structure summary'         
# 
loop_
_pdbx_audit_revision_category.ordinal 
_pdbx_audit_revision_category.revision_ordinal 
_pdbx_audit_revision_category.data_content_type 
_pdbx_audit_revision_category.category 
1 4 'Structure model' chem_comp_atom            
2 4 'Structure model' chem_comp_bond            
3 4 'Structure model' database_2                
4 4 'Structure model' pdbx_entry_details        
5 4 'Structure model' pdbx_modification_feature 
6 4 'Structure model' struct_conn               
7 4 'Structure model' struct_ref_seq_dif        
# 
loop_
_pdbx_audit_revision_item.ordinal 
_pdbx_audit_revision_item.revision_ordinal 
_pdbx_audit_revision_item.data_content_type 
_pdbx_audit_revision_item.item 
1 4 'Structure model' '_database_2.pdbx_DOI'                
2 4 'Structure model' '_database_2.pdbx_database_accession' 
3 4 'Structure model' '_struct_conn.pdbx_leaving_atom_flag' 
4 4 'Structure model' '_struct_ref_seq_dif.details'         
# 
_pdbx_database_status.status_code                     REL 
_pdbx_database_status.entry_id                        3RHE 
_pdbx_database_status.recvd_initial_deposition_date   2011-04-11 
_pdbx_database_status.deposit_site                    RCSB 
_pdbx_database_status.process_site                    RCSB 
_pdbx_database_status.status_code_sf                  REL 
_pdbx_database_status.status_code_mr                  ? 
_pdbx_database_status.SG_entry                        Y 
_pdbx_database_status.status_code_cs                  ? 
_pdbx_database_status.pdb_format_compatible           Y 
_pdbx_database_status.status_code_nmr_data            ? 
_pdbx_database_status.methods_development_category    ? 
# 
_pdbx_database_related.db_name        TargetDB 
_pdbx_database_related.db_id          NYSGRC-000544 
_pdbx_database_related.details        . 
_pdbx_database_related.content_type   unspecified 
# 
loop_
_audit_author.name 
_audit_author.pdbx_ordinal 
'Zhang, Z.'                                                 1 
'Almo, S.C.'                                                2 
'Swaminathan, S.'                                           3 
'New York Structural Genomics Research Consortium (NYSGRC)' 4 
# 
_citation.id                        primary 
_citation.title                     'The crystal structure of NAD-dependent benzaldehyde dehydrogenase from Legionella pneumophila' 
_citation.journal_abbrev            'To be Published' 
_citation.journal_volume            ? 
_citation.page_first                ? 
_citation.page_last                 ? 
_citation.year                      ? 
_citation.journal_id_ASTM           ? 
_citation.country                   ? 
_citation.journal_id_ISSN           ? 
_citation.journal_id_CSD            0353 
_citation.book_publisher            ? 
_citation.pdbx_database_id_PubMed   ? 
_citation.pdbx_database_id_DOI      ? 
# 
loop_
_citation_author.citation_id 
_citation_author.name 
_citation_author.ordinal 
_citation_author.identifier_ORCID 
primary 'Zhang, Z.'       1 ? 
primary 'Almo, S.C.'      2 ? 
primary 'Swaminathan, S.' 3 ? 
# 
loop_
_entity.id 
_entity.type 
_entity.src_method 
_entity.pdbx_description 
_entity.formula_weight 
_entity.pdbx_number_of_molecules 
_entity.pdbx_ec 
_entity.pdbx_mutation 
_entity.pdbx_fragment 
_entity.details 
1 polymer man 'NAD-dependent benzaldehyde dehydrogenase' 17723.941 1  ? ? ? ? 
2 water   nat water                                      18.015    40 ? ? ? ? 
# 
_entity_poly.entity_id                      1 
_entity_poly.type                           'polypeptide(L)' 
_entity_poly.nstd_linkage                   no 
_entity_poly.nstd_monomer                   yes 
_entity_poly.pdbx_seq_one_letter_code       
;(MSE)V(MSE)LSDPNLVLFYVKNPAKSEEFYKNLLDTQPIESSPTFA(MSE)FV(MSE)KTGLRLGLWAQEEIEPKAHQ
TGGG(MSE)ELSFQVNSNE(MSE)VDEIHRQWSDKEISIIQPPTQ(MSE)DFGYTFVGVDPDEHRLRIFCLKRTAENLYF
QSHHHHHHWSHPQFEK
;
_entity_poly.pdbx_seq_one_letter_code_can   
;MVMLSDPNLVLFYVKNPAKSEEFYKNLLDTQPIESSPTFAMFVMKTGLRLGLWAQEEIEPKAHQTGGGMELSFQVNSNEM
VDEIHRQWSDKEISIIQPPTQMDFGYTFVGVDPDEHRLRIFCLKRTAENLYFQSHHHHHHWSHPQFEK
;
_entity_poly.pdbx_strand_id                 A 
_entity_poly.pdbx_target_identifier         NYSGRC-000544 
# 
_pdbx_entity_nonpoly.entity_id   2 
_pdbx_entity_nonpoly.name        water 
_pdbx_entity_nonpoly.comp_id     HOH 
# 
loop_
_entity_poly_seq.entity_id 
_entity_poly_seq.num 
_entity_poly_seq.mon_id 
_entity_poly_seq.hetero 
1 1   MSE n 
1 2   VAL n 
1 3   MSE n 
1 4   LEU n 
1 5   SER n 
1 6   ASP n 
1 7   PRO n 
1 8   ASN n 
1 9   LEU n 
1 10  VAL n 
1 11  LEU n 
1 12  PHE n 
1 13  TYR n 
1 14  VAL n 
1 15  LYS n 
1 16  ASN n 
1 17  PRO n 
1 18  ALA n 
1 19  LYS n 
1 20  SER n 
1 21  GLU n 
1 22  GLU n 
1 23  PHE n 
1 24  TYR n 
1 25  LYS n 
1 26  ASN n 
1 27  LEU n 
1 28  LEU n 
1 29  ASP n 
1 30  THR n 
1 31  GLN n 
1 32  PRO n 
1 33  ILE n 
1 34  GLU n 
1 35  SER n 
1 36  SER n 
1 37  PRO n 
1 38  THR n 
1 39  PHE n 
1 40  ALA n 
1 41  MSE n 
1 42  PHE n 
1 43  VAL n 
1 44  MSE n 
1 45  LYS n 
1 46  THR n 
1 47  GLY n 
1 48  LEU n 
1 49  ARG n 
1 50  LEU n 
1 51  GLY n 
1 52  LEU n 
1 53  TRP n 
1 54  ALA n 
1 55  GLN n 
1 56  GLU n 
1 57  GLU n 
1 58  ILE n 
1 59  GLU n 
1 60  PRO n 
1 61  LYS n 
1 62  ALA n 
1 63  HIS n 
1 64  GLN n 
1 65  THR n 
1 66  GLY n 
1 67  GLY n 
1 68  GLY n 
1 69  MSE n 
1 70  GLU n 
1 71  LEU n 
1 72  SER n 
1 73  PHE n 
1 74  GLN n 
1 75  VAL n 
1 76  ASN n 
1 77  SER n 
1 78  ASN n 
1 79  GLU n 
1 80  MSE n 
1 81  VAL n 
1 82  ASP n 
1 83  GLU n 
1 84  ILE n 
1 85  HIS n 
1 86  ARG n 
1 87  GLN n 
1 88  TRP n 
1 89  SER n 
1 90  ASP n 
1 91  LYS n 
1 92  GLU n 
1 93  ILE n 
1 94  SER n 
1 95  ILE n 
1 96  ILE n 
1 97  GLN n 
1 98  PRO n 
1 99  PRO n 
1 100 THR n 
1 101 GLN n 
1 102 MSE n 
1 103 ASP n 
1 104 PHE n 
1 105 GLY n 
1 106 TYR n 
1 107 THR n 
1 108 PHE n 
1 109 VAL n 
1 110 GLY n 
1 111 VAL n 
1 112 ASP n 
1 113 PRO n 
1 114 ASP n 
1 115 GLU n 
1 116 HIS n 
1 117 ARG n 
1 118 LEU n 
1 119 ARG n 
1 120 ILE n 
1 121 PHE n 
1 122 CYS n 
1 123 LEU n 
1 124 LYS n 
1 125 ARG n 
1 126 THR n 
1 127 ALA n 
1 128 GLU n 
1 129 ASN n 
1 130 LEU n 
1 131 TYR n 
1 132 PHE n 
1 133 GLN n 
1 134 SER n 
1 135 HIS n 
1 136 HIS n 
1 137 HIS n 
1 138 HIS n 
1 139 HIS n 
1 140 HIS n 
1 141 TRP n 
1 142 SER n 
1 143 HIS n 
1 144 PRO n 
1 145 GLN n 
1 146 PHE n 
1 147 GLU n 
1 148 LYS n 
# 
_entity_src_gen.entity_id                          1 
_entity_src_gen.pdbx_src_id                        1 
_entity_src_gen.pdbx_alt_source_flag               sample 
_entity_src_gen.pdbx_seq_type                      ? 
_entity_src_gen.pdbx_beg_seq_num                   ? 
_entity_src_gen.pdbx_end_seq_num                   ? 
_entity_src_gen.gene_src_common_name               ? 
_entity_src_gen.gene_src_genus                     ? 
_entity_src_gen.pdbx_gene_src_gene                 lpg2169 
_entity_src_gen.gene_src_species                   ? 
_entity_src_gen.gene_src_strain                    'pneumophila str. Philadelphia 1' 
_entity_src_gen.gene_src_tissue                    ? 
_entity_src_gen.gene_src_tissue_fraction           ? 
_entity_src_gen.gene_src_details                   ? 
_entity_src_gen.pdbx_gene_src_fragment             ? 
_entity_src_gen.pdbx_gene_src_scientific_name      'Legionella pneumophila' 
_entity_src_gen.pdbx_gene_src_ncbi_taxonomy_id     272624 
_entity_src_gen.pdbx_gene_src_variant              ? 
_entity_src_gen.pdbx_gene_src_cell_line            ? 
_entity_src_gen.pdbx_gene_src_atcc                 ? 
_entity_src_gen.pdbx_gene_src_organ                ? 
_entity_src_gen.pdbx_gene_src_organelle            ? 
_entity_src_gen.pdbx_gene_src_cell                 ? 
_entity_src_gen.pdbx_gene_src_cellular_location    ? 
_entity_src_gen.host_org_common_name               ? 
_entity_src_gen.pdbx_host_org_scientific_name      'Escherichia coli' 
_entity_src_gen.pdbx_host_org_ncbi_taxonomy_id     469008 
_entity_src_gen.host_org_genus                     ? 
_entity_src_gen.pdbx_host_org_gene                 ? 
_entity_src_gen.pdbx_host_org_organ                ? 
_entity_src_gen.host_org_species                   ? 
_entity_src_gen.pdbx_host_org_tissue               ? 
_entity_src_gen.pdbx_host_org_tissue_fraction      ? 
_entity_src_gen.pdbx_host_org_strain               'Bl21(DE3) RIP' 
_entity_src_gen.pdbx_host_org_variant              ? 
_entity_src_gen.pdbx_host_org_cell_line            ? 
_entity_src_gen.pdbx_host_org_atcc                 ? 
_entity_src_gen.pdbx_host_org_culture_collection   ? 
_entity_src_gen.pdbx_host_org_cell                 ? 
_entity_src_gen.pdbx_host_org_organelle            ? 
_entity_src_gen.pdbx_host_org_cellular_location    ? 
_entity_src_gen.pdbx_host_org_vector_type          plasmid 
_entity_src_gen.pdbx_host_org_vector               ? 
_entity_src_gen.host_org_details                   ? 
_entity_src_gen.expression_system_id               ? 
_entity_src_gen.plasmid_name                       pET 
_entity_src_gen.plasmid_details                    ? 
_entity_src_gen.pdbx_description                   ? 
# 
loop_
_chem_comp.id 
_chem_comp.type 
_chem_comp.mon_nstd_flag 
_chem_comp.name 
_chem_comp.pdbx_synonyms 
_chem_comp.formula 
_chem_comp.formula_weight 
ALA 'L-peptide linking' y ALANINE          ? 'C3 H7 N O2'     89.093  
ARG 'L-peptide linking' y ARGININE         ? 'C6 H15 N4 O2 1' 175.209 
ASN 'L-peptide linking' y ASPARAGINE       ? 'C4 H8 N2 O3'    132.118 
ASP 'L-peptide linking' y 'ASPARTIC ACID'  ? 'C4 H7 N O4'     133.103 
CYS 'L-peptide linking' y CYSTEINE         ? 'C3 H7 N O2 S'   121.158 
GLN 'L-peptide linking' y GLUTAMINE        ? 'C5 H10 N2 O3'   146.144 
GLU 'L-peptide linking' y 'GLUTAMIC ACID'  ? 'C5 H9 N O4'     147.129 
GLY 'peptide linking'   y GLYCINE          ? 'C2 H5 N O2'     75.067  
HIS 'L-peptide linking' y HISTIDINE        ? 'C6 H10 N3 O2 1' 156.162 
HOH non-polymer         . WATER            ? 'H2 O'           18.015  
ILE 'L-peptide linking' y ISOLEUCINE       ? 'C6 H13 N O2'    131.173 
LEU 'L-peptide linking' y LEUCINE          ? 'C6 H13 N O2'    131.173 
LYS 'L-peptide linking' y LYSINE           ? 'C6 H15 N2 O2 1' 147.195 
MSE 'L-peptide linking' n SELENOMETHIONINE ? 'C5 H11 N O2 Se' 196.106 
PHE 'L-peptide linking' y PHENYLALANINE    ? 'C9 H11 N O2'    165.189 
PRO 'L-peptide linking' y PROLINE          ? 'C5 H9 N O2'     115.130 
SER 'L-peptide linking' y SERINE           ? 'C3 H7 N O3'     105.093 
THR 'L-peptide linking' y THREONINE        ? 'C4 H9 N O3'     119.119 
TRP 'L-peptide linking' y TRYPTOPHAN       ? 'C11 H12 N2 O2'  204.225 
TYR 'L-peptide linking' y TYROSINE         ? 'C9 H11 N O3'    181.189 
VAL 'L-peptide linking' y VALINE           ? 'C5 H11 N O2'    117.146 
# 
loop_
_pdbx_poly_seq_scheme.asym_id 
_pdbx_poly_seq_scheme.entity_id 
_pdbx_poly_seq_scheme.seq_id 
_pdbx_poly_seq_scheme.mon_id 
_pdbx_poly_seq_scheme.ndb_seq_num 
_pdbx_poly_seq_scheme.pdb_seq_num 
_pdbx_poly_seq_scheme.auth_seq_num 
_pdbx_poly_seq_scheme.pdb_mon_id 
_pdbx_poly_seq_scheme.auth_mon_id 
_pdbx_poly_seq_scheme.pdb_strand_id 
_pdbx_poly_seq_scheme.pdb_ins_code 
_pdbx_poly_seq_scheme.hetero 
A 1 1   MSE 1   -1  ?   ?   ?   A . n 
A 1 2   VAL 2   0   ?   ?   ?   A . n 
A 1 3   MSE 3   1   ?   ?   ?   A . n 
A 1 4   LEU 4   2   ?   ?   ?   A . n 
A 1 5   SER 5   3   ?   ?   ?   A . n 
A 1 6   ASP 6   4   ?   ?   ?   A . n 
A 1 7   PRO 7   5   5   PRO PRO A . n 
A 1 8   ASN 8   6   6   ASN ASN A . n 
A 1 9   LEU 9   7   7   LEU LEU A . n 
A 1 10  VAL 10  8   8   VAL VAL A . n 
A 1 11  LEU 11  9   9   LEU LEU A . n 
A 1 12  PHE 12  10  10  PHE PHE A . n 
A 1 13  TYR 13  11  11  TYR TYR A . n 
A 1 14  VAL 14  12  12  VAL VAL A . n 
A 1 15  LYS 15  13  13  LYS LYS A . n 
A 1 16  ASN 16  14  14  ASN ASN A . n 
A 1 17  PRO 17  15  15  PRO PRO A . n 
A 1 18  ALA 18  16  16  ALA ALA A . n 
A 1 19  LYS 19  17  17  LYS LYS A . n 
A 1 20  SER 20  18  18  SER SER A . n 
A 1 21  GLU 21  19  19  GLU GLU A . n 
A 1 22  GLU 22  20  20  GLU GLU A . n 
A 1 23  PHE 23  21  21  PHE PHE A . n 
A 1 24  TYR 24  22  22  TYR TYR A . n 
A 1 25  LYS 25  23  23  LYS LYS A . n 
A 1 26  ASN 26  24  24  ASN ASN A . n 
A 1 27  LEU 27  25  25  LEU LEU A . n 
A 1 28  LEU 28  26  26  LEU LEU A . n 
A 1 29  ASP 29  27  27  ASP ASP A . n 
A 1 30  THR 30  28  28  THR THR A . n 
A 1 31  GLN 31  29  29  GLN GLN A . n 
A 1 32  PRO 32  30  30  PRO PRO A . n 
A 1 33  ILE 33  31  31  ILE ILE A . n 
A 1 34  GLU 34  32  32  GLU GLU A . n 
A 1 35  SER 35  33  33  SER SER A . n 
A 1 36  SER 36  34  34  SER SER A . n 
A 1 37  PRO 37  35  35  PRO PRO A . n 
A 1 38  THR 38  36  36  THR THR A . n 
A 1 39  PHE 39  37  37  PHE PHE A . n 
A 1 40  ALA 40  38  38  ALA ALA A . n 
A 1 41  MSE 41  39  39  MSE MSE A . n 
A 1 42  PHE 42  40  40  PHE PHE A . n 
A 1 43  VAL 43  41  41  VAL VAL A . n 
A 1 44  MSE 44  42  42  MSE MSE A . n 
A 1 45  LYS 45  43  43  LYS LYS A . n 
A 1 46  THR 46  44  44  THR THR A . n 
A 1 47  GLY 47  45  45  GLY GLY A . n 
A 1 48  LEU 48  46  46  LEU LEU A . n 
A 1 49  ARG 49  47  47  ARG ARG A . n 
A 1 50  LEU 50  48  48  LEU LEU A . n 
A 1 51  GLY 51  49  49  GLY GLY A . n 
A 1 52  LEU 52  50  50  LEU LEU A . n 
A 1 53  TRP 53  51  51  TRP TRP A . n 
A 1 54  ALA 54  52  52  ALA ALA A . n 
A 1 55  GLN 55  53  53  GLN GLN A . n 
A 1 56  GLU 56  54  54  GLU GLU A . n 
A 1 57  GLU 57  55  55  GLU GLU A . n 
A 1 58  ILE 58  56  56  ILE ILE A . n 
A 1 59  GLU 59  57  57  GLU GLU A . n 
A 1 60  PRO 60  58  58  PRO PRO A . n 
A 1 61  LYS 61  59  59  LYS LYS A . n 
A 1 62  ALA 62  60  60  ALA ALA A . n 
A 1 63  HIS 63  61  61  HIS HIS A . n 
A 1 64  GLN 64  62  ?   ?   ?   A . n 
A 1 65  THR 65  63  ?   ?   ?   A . n 
A 1 66  GLY 66  64  ?   ?   ?   A . n 
A 1 67  GLY 67  65  ?   ?   ?   A . n 
A 1 68  GLY 68  66  66  GLY GLY A . n 
A 1 69  MSE 69  67  67  MSE MSE A . n 
A 1 70  GLU 70  68  68  GLU GLU A . n 
A 1 71  LEU 71  69  69  LEU LEU A . n 
A 1 72  SER 72  70  70  SER SER A . n 
A 1 73  PHE 73  71  71  PHE PHE A . n 
A 1 74  GLN 74  72  72  GLN GLN A . n 
A 1 75  VAL 75  73  73  VAL VAL A . n 
A 1 76  ASN 76  74  74  ASN ASN A . n 
A 1 77  SER 77  75  75  SER SER A . n 
A 1 78  ASN 78  76  76  ASN ASN A . n 
A 1 79  GLU 79  77  77  GLU GLU A . n 
A 1 80  MSE 80  78  78  MSE MSE A . n 
A 1 81  VAL 81  79  79  VAL VAL A . n 
A 1 82  ASP 82  80  80  ASP ASP A . n 
A 1 83  GLU 83  81  81  GLU GLU A . n 
A 1 84  ILE 84  82  82  ILE ILE A . n 
A 1 85  HIS 85  83  83  HIS HIS A . n 
A 1 86  ARG 86  84  84  ARG ARG A . n 
A 1 87  GLN 87  85  85  GLN GLN A . n 
A 1 88  TRP 88  86  86  TRP TRP A . n 
A 1 89  SER 89  87  87  SER SER A . n 
A 1 90  ASP 90  88  88  ASP ASP A . n 
A 1 91  LYS 91  89  89  LYS LYS A . n 
A 1 92  GLU 92  90  90  GLU GLU A . n 
A 1 93  ILE 93  91  91  ILE ILE A . n 
A 1 94  SER 94  92  92  SER SER A . n 
A 1 95  ILE 95  93  93  ILE ILE A . n 
A 1 96  ILE 96  94  94  ILE ILE A . n 
A 1 97  GLN 97  95  95  GLN GLN A . n 
A 1 98  PRO 98  96  96  PRO PRO A . n 
A 1 99  PRO 99  97  97  PRO PRO A . n 
A 1 100 THR 100 98  98  THR THR A . n 
A 1 101 GLN 101 99  99  GLN GLN A . n 
A 1 102 MSE 102 100 100 MSE MSE A . n 
A 1 103 ASP 103 101 101 ASP ASP A . n 
A 1 104 PHE 104 102 102 PHE PHE A . n 
A 1 105 GLY 105 103 103 GLY GLY A . n 
A 1 106 TYR 106 104 104 TYR TYR A . n 
A 1 107 THR 107 105 105 THR THR A . n 
A 1 108 PHE 108 106 106 PHE PHE A . n 
A 1 109 VAL 109 107 107 VAL VAL A . n 
A 1 110 GLY 110 108 108 GLY GLY A . n 
A 1 111 VAL 111 109 109 VAL VAL A . n 
A 1 112 ASP 112 110 110 ASP ASP A . n 
A 1 113 PRO 113 111 111 PRO PRO A . n 
A 1 114 ASP 114 112 112 ASP ASP A . n 
A 1 115 GLU 115 113 113 GLU GLU A . n 
A 1 116 HIS 116 114 114 HIS HIS A . n 
A 1 117 ARG 117 115 115 ARG ARG A . n 
A 1 118 LEU 118 116 116 LEU LEU A . n 
A 1 119 ARG 119 117 117 ARG ARG A . n 
A 1 120 ILE 120 118 118 ILE ILE A . n 
A 1 121 PHE 121 119 119 PHE PHE A . n 
A 1 122 CYS 122 120 120 CYS CYS A . n 
A 1 123 LEU 123 121 121 LEU LEU A . n 
A 1 124 LYS 124 122 122 LYS LYS A . n 
A 1 125 ARG 125 123 ?   ?   ?   A . n 
A 1 126 THR 126 124 ?   ?   ?   A . n 
A 1 127 ALA 127 125 ?   ?   ?   A . n 
A 1 128 GLU 128 126 ?   ?   ?   A . n 
A 1 129 ASN 129 127 ?   ?   ?   A . n 
A 1 130 LEU 130 128 ?   ?   ?   A . n 
A 1 131 TYR 131 129 ?   ?   ?   A . n 
A 1 132 PHE 132 130 ?   ?   ?   A . n 
A 1 133 GLN 133 131 ?   ?   ?   A . n 
A 1 134 SER 134 132 ?   ?   ?   A . n 
A 1 135 HIS 135 133 ?   ?   ?   A . n 
A 1 136 HIS 136 134 ?   ?   ?   A . n 
A 1 137 HIS 137 135 ?   ?   ?   A . n 
A 1 138 HIS 138 136 ?   ?   ?   A . n 
A 1 139 HIS 139 137 ?   ?   ?   A . n 
A 1 140 HIS 140 138 ?   ?   ?   A . n 
A 1 141 TRP 141 139 ?   ?   ?   A . n 
A 1 142 SER 142 140 ?   ?   ?   A . n 
A 1 143 HIS 143 141 ?   ?   ?   A . n 
A 1 144 PRO 144 142 ?   ?   ?   A . n 
A 1 145 GLN 145 143 ?   ?   ?   A . n 
A 1 146 PHE 146 144 ?   ?   ?   A . n 
A 1 147 GLU 147 145 ?   ?   ?   A . n 
A 1 148 LYS 148 146 ?   ?   ?   A . n 
# 
loop_
_pdbx_nonpoly_scheme.asym_id 
_pdbx_nonpoly_scheme.entity_id 
_pdbx_nonpoly_scheme.mon_id 
_pdbx_nonpoly_scheme.ndb_seq_num 
_pdbx_nonpoly_scheme.pdb_seq_num 
_pdbx_nonpoly_scheme.auth_seq_num 
_pdbx_nonpoly_scheme.pdb_mon_id 
_pdbx_nonpoly_scheme.auth_mon_id 
_pdbx_nonpoly_scheme.pdb_strand_id 
_pdbx_nonpoly_scheme.pdb_ins_code 
B 2 HOH 1  147 1  HOH HOH A . 
B 2 HOH 2  148 2  HOH HOH A . 
B 2 HOH 3  149 3  HOH HOH A . 
B 2 HOH 4  150 4  HOH HOH A . 
B 2 HOH 5  151 5  HOH HOH A . 
B 2 HOH 6  152 6  HOH HOH A . 
B 2 HOH 7  153 8  HOH HOH A . 
B 2 HOH 8  154 9  HOH HOH A . 
B 2 HOH 9  155 10 HOH HOH A . 
B 2 HOH 10 156 11 HOH HOH A . 
B 2 HOH 11 157 12 HOH HOH A . 
B 2 HOH 12 158 13 HOH HOH A . 
B 2 HOH 13 159 14 HOH HOH A . 
B 2 HOH 14 160 15 HOH HOH A . 
B 2 HOH 15 161 16 HOH HOH A . 
B 2 HOH 16 162 17 HOH HOH A . 
B 2 HOH 17 163 18 HOH HOH A . 
B 2 HOH 18 164 19 HOH HOH A . 
B 2 HOH 19 165 20 HOH HOH A . 
B 2 HOH 20 166 21 HOH HOH A . 
B 2 HOH 21 167 22 HOH HOH A . 
B 2 HOH 22 168 23 HOH HOH A . 
B 2 HOH 23 169 24 HOH HOH A . 
B 2 HOH 24 170 25 HOH HOH A . 
B 2 HOH 25 171 26 HOH HOH A . 
B 2 HOH 26 172 27 HOH HOH A . 
B 2 HOH 27 173 28 HOH HOH A . 
B 2 HOH 28 174 29 HOH HOH A . 
B 2 HOH 29 175 30 HOH HOH A . 
B 2 HOH 30 176 31 HOH HOH A . 
B 2 HOH 31 177 32 HOH HOH A . 
B 2 HOH 32 178 33 HOH HOH A . 
B 2 HOH 33 179 34 HOH HOH A . 
B 2 HOH 34 180 35 HOH HOH A . 
B 2 HOH 35 181 36 HOH HOH A . 
B 2 HOH 36 182 37 HOH HOH A . 
B 2 HOH 37 183 38 HOH HOH A . 
B 2 HOH 38 184 39 HOH HOH A . 
B 2 HOH 39 185 40 HOH HOH A . 
B 2 HOH 40 186 41 HOH HOH A . 
# 
loop_
_software.name 
_software.classification 
_software.version 
_software.citation_id 
_software.pdbx_ordinal 
CBASS    'data collection' .                 ? 1 
SOLVE    phasing           .                 ? 2 
PHENIX   refinement        '(phenix.refine)' ? 3 
HKL-2000 'data reduction'  .                 ? 4 
HKL-2000 'data scaling'    .                 ? 5 
# 
_cell.entry_id           3RHE 
_cell.length_a           43.536 
_cell.length_b           77.707 
_cell.length_c           83.024 
_cell.angle_alpha        90.00 
_cell.angle_beta         90.00 
_cell.angle_gamma        90.00 
_cell.Z_PDB              8 
_cell.pdbx_unique_axis   ? 
_cell.length_a_esd       ? 
_cell.length_b_esd       ? 
_cell.length_c_esd       ? 
_cell.angle_alpha_esd    ? 
_cell.angle_beta_esd     ? 
_cell.angle_gamma_esd    ? 
# 
_symmetry.entry_id                         3RHE 
_symmetry.space_group_name_H-M             'C 2 2 21' 
_symmetry.pdbx_full_space_group_name_H-M   ? 
_symmetry.cell_setting                     ? 
_symmetry.Int_Tables_number                20 
_symmetry.space_group_name_Hall            ? 
# 
_exptl.entry_id          3RHE 
_exptl.method            'X-RAY DIFFRACTION' 
_exptl.crystals_number   1 
# 
_exptl_crystal.id                    1 
_exptl_crystal.density_meas          ? 
_exptl_crystal.density_Matthews      1.98 
_exptl_crystal.density_percent_sol   37.91 
_exptl_crystal.description           ? 
_exptl_crystal.F_000                 ? 
_exptl_crystal.preparation           ? 
# 
_exptl_crystal_grow.crystal_id      1 
_exptl_crystal_grow.method          'VAPOR DIFFUSION, SITTING DROP' 
_exptl_crystal_grow.temp            291 
_exptl_crystal_grow.temp_details    ? 
_exptl_crystal_grow.pH              3.5 
_exptl_crystal_grow.pdbx_details    '0.1 Citric acid pH 3.5, 25% PEG 3350, VAPOR DIFFUSION, SITTING DROP, temperature 291K' 
_exptl_crystal_grow.pdbx_pH_range   ? 
# 
_diffrn.id                     1 
_diffrn.ambient_temp           100 
_diffrn.ambient_temp_details   ? 
_diffrn.crystal_id             1 
# 
_diffrn_detector.diffrn_id              1 
_diffrn_detector.detector               CCD 
_diffrn_detector.type                   'ADSC QUANTUM 315' 
_diffrn_detector.pdbx_collection_date   2011-03-04 
_diffrn_detector.details                mirrors 
# 
_diffrn_radiation.diffrn_id                        1 
_diffrn_radiation.wavelength_id                    1 
_diffrn_radiation.pdbx_monochromatic_or_laue_m_l   M 
_diffrn_radiation.monochromator                    'Si 111 CHANNEL' 
_diffrn_radiation.pdbx_diffrn_protocol             'SINGLE WAVELENGTH' 
_diffrn_radiation.pdbx_scattering_type             x-ray 
# 
_diffrn_radiation_wavelength.id           1 
_diffrn_radiation_wavelength.wavelength   0.9791 
_diffrn_radiation_wavelength.wt           1.0 
# 
_diffrn_source.diffrn_id                   1 
_diffrn_source.source                      SYNCHROTRON 
_diffrn_source.type                        'NSLS BEAMLINE X25' 
_diffrn_source.pdbx_synchrotron_site       NSLS 
_diffrn_source.pdbx_synchrotron_beamline   X25 
_diffrn_source.pdbx_wavelength             ? 
_diffrn_source.pdbx_wavelength_list        0.9791 
# 
_reflns.entry_id                     3RHE 
_reflns.observed_criterion_sigma_I   0 
_reflns.observed_criterion_sigma_F   0 
_reflns.d_resolution_low             50 
_reflns.d_resolution_high            2.05 
_reflns.number_obs                   9137 
_reflns.number_all                   ? 
_reflns.percent_possible_obs         99.9 
_reflns.pdbx_Rmerge_I_obs            0.09 
_reflns.pdbx_Rsym_value              ? 
_reflns.pdbx_netI_over_sigmaI        10.3 
_reflns.B_iso_Wilson_estimate        23.73 
_reflns.pdbx_redundancy              13.6 
_reflns.R_free_details               ? 
_reflns.limit_h_max                  ? 
_reflns.limit_h_min                  ? 
_reflns.limit_k_max                  ? 
_reflns.limit_k_min                  ? 
_reflns.limit_l_max                  ? 
_reflns.limit_l_min                  ? 
_reflns.observed_criterion_F_max     ? 
_reflns.observed_criterion_F_min     ? 
_reflns.pdbx_chi_squared             ? 
_reflns.pdbx_scaling_rejects         ? 
_reflns.pdbx_diffrn_id               1 
_reflns.pdbx_ordinal                 1 
# 
_reflns_shell.d_res_high             2.05 
_reflns_shell.d_res_low              2.12 
_reflns_shell.percent_possible_all   99.9 
_reflns_shell.Rmerge_I_obs           0.09 
_reflns_shell.pdbx_Rsym_value        ? 
_reflns_shell.meanI_over_sigI_obs    9.1 
_reflns_shell.pdbx_redundancy        11.9 
_reflns_shell.percent_possible_obs   ? 
_reflns_shell.number_unique_all      891 
_reflns_shell.number_measured_all    ? 
_reflns_shell.number_measured_obs    ? 
_reflns_shell.number_unique_obs      ? 
_reflns_shell.pdbx_chi_squared       ? 
_reflns_shell.pdbx_diffrn_id         ? 
_reflns_shell.pdbx_ordinal           1 
# 
_refine.entry_id                                 3RHE 
_refine.ls_number_reflns_obs                     8968 
_refine.ls_number_reflns_all                     ? 
_refine.pdbx_ls_sigma_I                          ? 
_refine.pdbx_ls_sigma_F                          0.05 
_refine.pdbx_data_cutoff_high_absF               ? 
_refine.pdbx_data_cutoff_low_absF                ? 
_refine.pdbx_data_cutoff_high_rms_absF           ? 
_refine.ls_d_res_low                             41.512 
_refine.ls_d_res_high                            2.053 
_refine.ls_percent_reflns_obs                    98.25 
_refine.ls_R_factor_obs                          0.2191 
_refine.ls_R_factor_all                          ? 
_refine.ls_R_factor_R_work                       0.2179 
_refine.ls_R_factor_R_free                       0.2412 
_refine.ls_R_factor_R_free_error                 ? 
_refine.ls_R_factor_R_free_error_details         ? 
_refine.ls_percent_reflns_R_free                 4.75 
_refine.ls_number_reflns_R_free                  426 
_refine.ls_number_parameters                     ? 
_refine.ls_number_restraints                     ? 
_refine.occupancy_min                            ? 
_refine.occupancy_max                            ? 
_refine.correlation_coeff_Fo_to_Fc               ? 
_refine.correlation_coeff_Fo_to_Fc_free          ? 
_refine.B_iso_mean                               ? 
_refine.aniso_B[1][1]                            3.6984 
_refine.aniso_B[2][2]                            -4.3699 
_refine.aniso_B[3][3]                            0.6715 
_refine.aniso_B[1][2]                            -0.0000 
_refine.aniso_B[1][3]                            0.0000 
_refine.aniso_B[2][3]                            -0.0000 
_refine.solvent_model_details                    'FLAT BULK SOLVENT MODEL' 
_refine.solvent_model_param_ksol                 0.386 
_refine.solvent_model_param_bsol                 57.731 
_refine.pdbx_solvent_vdw_probe_radii             1.11 
_refine.pdbx_solvent_ion_probe_radii             ? 
_refine.pdbx_solvent_shrinkage_radii             0.90 
_refine.pdbx_ls_cross_valid_method               THROUGHOUT 
_refine.details                                  ? 
_refine.pdbx_starting_model                      ? 
_refine.pdbx_method_to_determine_struct          SAD 
_refine.pdbx_isotropic_thermal_model             Isotropic 
_refine.pdbx_stereochemistry_target_values       'Engh & Huber' 
_refine.pdbx_stereochem_target_val_spec_case     ? 
_refine.pdbx_R_Free_selection_details            RANDOM 
_refine.pdbx_overall_ESU_R_Free                  ? 
_refine.overall_SU_ML                            0.32 
_refine.overall_SU_B                             ? 
_refine.overall_SU_R_Cruickshank_DPI             ? 
_refine.ls_redundancy_reflns_obs                 ? 
_refine.B_iso_min                                ? 
_refine.B_iso_max                                ? 
_refine.overall_SU_R_free                        ? 
_refine.ls_wR_factor_R_free                      ? 
_refine.ls_wR_factor_R_work                      ? 
_refine.overall_FOM_free_R_set                   ? 
_refine.overall_FOM_work_R_set                   ? 
_refine.pdbx_overall_phase_error                 21.61 
_refine.pdbx_refine_id                           'X-RAY DIFFRACTION' 
_refine.pdbx_overall_ESU_R                       ? 
_refine.pdbx_diffrn_id                           1 
_refine.pdbx_TLS_residual_ADP_flag               ? 
_refine.pdbx_overall_SU_R_free_Cruickshank_DPI   ? 
_refine.pdbx_overall_SU_R_Blow_DPI               ? 
_refine.pdbx_overall_SU_R_free_Blow_DPI          ? 
# 
_refine_hist.pdbx_refine_id                   'X-RAY DIFFRACTION' 
_refine_hist.cycle_id                         LAST 
_refine_hist.pdbx_number_atoms_protein        934 
_refine_hist.pdbx_number_atoms_nucleic_acid   0 
_refine_hist.pdbx_number_atoms_ligand         0 
_refine_hist.number_atoms_solvent             40 
_refine_hist.number_atoms_total               974 
_refine_hist.d_res_high                       2.053 
_refine_hist.d_res_low                        41.512 
# 
loop_
_refine_ls_restr.type 
_refine_ls_restr.dev_ideal 
_refine_ls_restr.dev_ideal_target 
_refine_ls_restr.weight 
_refine_ls_restr.number 
_refine_ls_restr.pdbx_restraint_function 
_refine_ls_restr.pdbx_refine_id 
f_bond_d           0.007  ? ? 967  ? 'X-RAY DIFFRACTION' 
f_angle_d          1.132  ? ? 1309 ? 'X-RAY DIFFRACTION' 
f_dihedral_angle_d 19.290 ? ? 362  ? 'X-RAY DIFFRACTION' 
f_chiral_restr     0.082  ? ? 140  ? 'X-RAY DIFFRACTION' 
f_plane_restr      0.005  ? ? 170  ? 'X-RAY DIFFRACTION' 
# 
loop_
_refine_ls_shell.pdbx_total_number_of_bins_used 
_refine_ls_shell.d_res_high 
_refine_ls_shell.d_res_low 
_refine_ls_shell.number_reflns_R_work 
_refine_ls_shell.R_factor_R_work 
_refine_ls_shell.percent_reflns_obs 
_refine_ls_shell.R_factor_R_free 
_refine_ls_shell.R_factor_R_free_error 
_refine_ls_shell.percent_reflns_R_free 
_refine_ls_shell.number_reflns_R_free 
_refine_ls_shell.number_reflns_all 
_refine_ls_shell.R_factor_all 
_refine_ls_shell.number_reflns_obs 
_refine_ls_shell.redundancy_reflns_obs 
_refine_ls_shell.pdbx_refine_id 
. 2.0530 2.3501  2738 0.1925 96.00  0.2259 . . 143 . . . . 'X-RAY DIFFRACTION' 
. 2.3501 2.9607  2837 0.2075 99.00  0.2634 . . 136 . . . . 'X-RAY DIFFRACTION' 
. 2.9607 41.5205 2967 0.2298 100.00 0.2356 . . 147 . . . . 'X-RAY DIFFRACTION' 
# 
_struct.entry_id                  3RHE 
_struct.title                     'The crystal structure of NAD-dependent benzaldehyde dehydrogenase from Legionella pneumophila' 
_struct.pdbx_model_details        ? 
_struct.pdbx_CASP_flag            ? 
_struct.pdbx_model_type_details   ? 
# 
_struct_keywords.entry_id        3RHE 
_struct_keywords.pdbx_keywords   OXIDOREDUCTASE 
_struct_keywords.text            
'Structural Genomics, PSI-Biology, New York Structural Genomics Research Consortium, NYSGRC, SGX, PSI biology, OXIDOREDUCTASE' 
# 
loop_
_struct_asym.id 
_struct_asym.pdbx_blank_PDB_chainid_flag 
_struct_asym.pdbx_modified 
_struct_asym.entity_id 
_struct_asym.details 
A N N 1 ? 
B N N 2 ? 
# 
_struct_ref.id                         1 
_struct_ref.db_name                    UNP 
_struct_ref.db_code                    Q5ZTJ2_LEGPH 
_struct_ref.pdbx_db_accession          Q5ZTJ2 
_struct_ref.entity_id                  1 
_struct_ref.pdbx_seq_one_letter_code   
;MLSDPNLVLFYVKNPAKSEEFYKNLLDTQPIESSPTFAMFVMKTGLRLGLWAQEEIEPKAHQTGGGMELSFQVNSNEMVD
EIHRQWSDKEISIIQPPTQMDFGYTFVGVDPDEHRLRIFCLKRT
;
_struct_ref.pdbx_align_begin           1 
_struct_ref.pdbx_db_isoform            ? 
# 
_struct_ref_seq.align_id                      1 
_struct_ref_seq.ref_id                        1 
_struct_ref_seq.pdbx_PDB_id_code              3RHE 
_struct_ref_seq.pdbx_strand_id                A 
_struct_ref_seq.seq_align_beg                 3 
_struct_ref_seq.pdbx_seq_align_beg_ins_code   ? 
_struct_ref_seq.seq_align_end                 126 
_struct_ref_seq.pdbx_seq_align_end_ins_code   ? 
_struct_ref_seq.pdbx_db_accession             Q5ZTJ2 
_struct_ref_seq.db_align_beg                  1 
_struct_ref_seq.pdbx_db_align_beg_ins_code    ? 
_struct_ref_seq.db_align_end                  124 
_struct_ref_seq.pdbx_db_align_end_ins_code    ? 
_struct_ref_seq.pdbx_auth_seq_align_beg       1 
_struct_ref_seq.pdbx_auth_seq_align_end       124 
# 
loop_
_struct_ref_seq_dif.align_id 
_struct_ref_seq_dif.pdbx_pdb_id_code 
_struct_ref_seq_dif.mon_id 
_struct_ref_seq_dif.pdbx_pdb_strand_id 
_struct_ref_seq_dif.seq_num 
_struct_ref_seq_dif.pdbx_pdb_ins_code 
_struct_ref_seq_dif.pdbx_seq_db_name 
_struct_ref_seq_dif.pdbx_seq_db_accession_code 
_struct_ref_seq_dif.db_mon_id 
_struct_ref_seq_dif.pdbx_seq_db_seq_num 
_struct_ref_seq_dif.details 
_struct_ref_seq_dif.pdbx_auth_seq_num 
_struct_ref_seq_dif.pdbx_ordinal 
1 3RHE MSE A 1   ? UNP Q5ZTJ2 ? ? 'expression tag' -1  1  
1 3RHE VAL A 2   ? UNP Q5ZTJ2 ? ? 'expression tag' 0   2  
1 3RHE ALA A 127 ? UNP Q5ZTJ2 ? ? 'expression tag' 125 3  
1 3RHE GLU A 128 ? UNP Q5ZTJ2 ? ? 'expression tag' 126 4  
1 3RHE ASN A 129 ? UNP Q5ZTJ2 ? ? 'expression tag' 127 5  
1 3RHE LEU A 130 ? UNP Q5ZTJ2 ? ? 'expression tag' 128 6  
1 3RHE TYR A 131 ? UNP Q5ZTJ2 ? ? 'expression tag' 129 7  
1 3RHE PHE A 132 ? UNP Q5ZTJ2 ? ? 'expression tag' 130 8  
1 3RHE GLN A 133 ? UNP Q5ZTJ2 ? ? 'expression tag' 131 9  
1 3RHE SER A 134 ? UNP Q5ZTJ2 ? ? 'expression tag' 132 10 
1 3RHE HIS A 135 ? UNP Q5ZTJ2 ? ? 'expression tag' 133 11 
1 3RHE HIS A 136 ? UNP Q5ZTJ2 ? ? 'expression tag' 134 12 
1 3RHE HIS A 137 ? UNP Q5ZTJ2 ? ? 'expression tag' 135 13 
1 3RHE HIS A 138 ? UNP Q5ZTJ2 ? ? 'expression tag' 136 14 
1 3RHE HIS A 139 ? UNP Q5ZTJ2 ? ? 'expression tag' 137 15 
1 3RHE HIS A 140 ? UNP Q5ZTJ2 ? ? 'expression tag' 138 16 
1 3RHE TRP A 141 ? UNP Q5ZTJ2 ? ? 'expression tag' 139 17 
1 3RHE SER A 142 ? UNP Q5ZTJ2 ? ? 'expression tag' 140 18 
1 3RHE HIS A 143 ? UNP Q5ZTJ2 ? ? 'expression tag' 141 19 
1 3RHE PRO A 144 ? UNP Q5ZTJ2 ? ? 'expression tag' 142 20 
1 3RHE GLN A 145 ? UNP Q5ZTJ2 ? ? 'expression tag' 143 21 
1 3RHE PHE A 146 ? UNP Q5ZTJ2 ? ? 'expression tag' 144 22 
1 3RHE GLU A 147 ? UNP Q5ZTJ2 ? ? 'expression tag' 145 23 
1 3RHE LYS A 148 ? UNP Q5ZTJ2 ? ? 'expression tag' 146 24 
# 
loop_
_pdbx_struct_assembly.id 
_pdbx_struct_assembly.details 
_pdbx_struct_assembly.method_details 
_pdbx_struct_assembly.oligomeric_details 
_pdbx_struct_assembly.oligomeric_count 
1 author_defined_assembly   ?    monomeric 1 
2 software_defined_assembly PISA dimeric   2 
# 
loop_
_pdbx_struct_assembly_prop.biol_id 
_pdbx_struct_assembly_prop.type 
_pdbx_struct_assembly_prop.value 
_pdbx_struct_assembly_prop.details 
2 'ABSA (A^2)' 2670  ? 
2 MORE         -21   ? 
2 'SSA (A^2)'  11310 ? 
# 
loop_
_pdbx_struct_assembly_gen.assembly_id 
_pdbx_struct_assembly_gen.oper_expression 
_pdbx_struct_assembly_gen.asym_id_list 
1 1   A,B 
2 1,2 A,B 
# 
loop_
_pdbx_struct_oper_list.id 
_pdbx_struct_oper_list.type 
_pdbx_struct_oper_list.name 
_pdbx_struct_oper_list.symmetry_operation 
_pdbx_struct_oper_list.matrix[1][1] 
_pdbx_struct_oper_list.matrix[1][2] 
_pdbx_struct_oper_list.matrix[1][3] 
_pdbx_struct_oper_list.vector[1] 
_pdbx_struct_oper_list.matrix[2][1] 
_pdbx_struct_oper_list.matrix[2][2] 
_pdbx_struct_oper_list.matrix[2][3] 
_pdbx_struct_oper_list.vector[2] 
_pdbx_struct_oper_list.matrix[3][1] 
_pdbx_struct_oper_list.matrix[3][2] 
_pdbx_struct_oper_list.matrix[3][3] 
_pdbx_struct_oper_list.vector[3] 
1 'identity operation'         1_555 x,y,z       1.0000000000  0.0000000000  0.0000000000 0.0000000000 0.0000000000  1.0000000000 0.0000000000  0.0000000000  0.0000000000 0.0000000000  1.0000000000  0.0000000000   
2 'crystal symmetry operation' 4_566 x,-y+1,-z+1 -0.7907651335 -0.5198119706 0.3232429718 8.7025611197 -0.5198119706 0.2913932047 -0.8030476421 -6.5646739936 0.3232429718 -0.8030476421 -0.5006280712 -16.1899122164 
# 
_struct_biol.id        1 
_struct_biol.details   ? 
# 
loop_
_struct_conf.conf_type_id 
_struct_conf.id 
_struct_conf.pdbx_PDB_helix_id 
_struct_conf.beg_label_comp_id 
_struct_conf.beg_label_asym_id 
_struct_conf.beg_label_seq_id 
_struct_conf.pdbx_beg_PDB_ins_code 
_struct_conf.end_label_comp_id 
_struct_conf.end_label_asym_id 
_struct_conf.end_label_seq_id 
_struct_conf.pdbx_end_PDB_ins_code 
_struct_conf.beg_auth_comp_id 
_struct_conf.beg_auth_asym_id 
_struct_conf.beg_auth_seq_id 
_struct_conf.end_auth_comp_id 
_struct_conf.end_auth_asym_id 
_struct_conf.end_auth_seq_id 
_struct_conf.pdbx_PDB_helix_class 
_struct_conf.details 
_struct_conf.pdbx_PDB_helix_length 
HELX_P HELX_P1 1 ASN A 16 ? ASP A 29 ? ASN A 14 ASP A 27 1 ? 14 
HELX_P HELX_P2 2 GLU A 56 ? ILE A 58 ? GLU A 54 ILE A 56 5 ? 3  
HELX_P HELX_P3 3 SER A 77 ? LYS A 91 ? SER A 75 LYS A 89 1 ? 15 
# 
_struct_conf_type.id          HELX_P 
_struct_conf_type.criteria    ? 
_struct_conf_type.reference   ? 
# 
loop_
_struct_conn.id 
_struct_conn.conn_type_id 
_struct_conn.pdbx_leaving_atom_flag 
_struct_conn.pdbx_PDB_id 
_struct_conn.ptnr1_label_asym_id 
_struct_conn.ptnr1_label_comp_id 
_struct_conn.ptnr1_label_seq_id 
_struct_conn.ptnr1_label_atom_id 
_struct_conn.pdbx_ptnr1_label_alt_id 
_struct_conn.pdbx_ptnr1_PDB_ins_code 
_struct_conn.pdbx_ptnr1_standard_comp_id 
_struct_conn.ptnr1_symmetry 
_struct_conn.ptnr2_label_asym_id 
_struct_conn.ptnr2_label_comp_id 
_struct_conn.ptnr2_label_seq_id 
_struct_conn.ptnr2_label_atom_id 
_struct_conn.pdbx_ptnr2_label_alt_id 
_struct_conn.pdbx_ptnr2_PDB_ins_code 
_struct_conn.ptnr1_auth_asym_id 
_struct_conn.ptnr1_auth_comp_id 
_struct_conn.ptnr1_auth_seq_id 
_struct_conn.ptnr2_auth_asym_id 
_struct_conn.ptnr2_auth_comp_id 
_struct_conn.ptnr2_auth_seq_id 
_struct_conn.ptnr2_symmetry 
_struct_conn.pdbx_ptnr3_label_atom_id 
_struct_conn.pdbx_ptnr3_label_seq_id 
_struct_conn.pdbx_ptnr3_label_comp_id 
_struct_conn.pdbx_ptnr3_label_asym_id 
_struct_conn.pdbx_ptnr3_label_alt_id 
_struct_conn.pdbx_ptnr3_PDB_ins_code 
_struct_conn.details 
_struct_conn.pdbx_dist_value 
_struct_conn.pdbx_value_order 
_struct_conn.pdbx_role 
covale1  covale both ? A ALA 40  C ? ? ? 1_555 A MSE 41  N ? ? A ALA 38  A MSE 39  1_555 ? ? ? ? ? ? ? 1.324 ? ? 
covale2  covale both ? A MSE 41  C ? ? ? 1_555 A PHE 42  N ? ? A MSE 39  A PHE 40  1_555 ? ? ? ? ? ? ? 1.330 ? ? 
covale3  covale both ? A VAL 43  C ? ? ? 1_555 A MSE 44  N ? ? A VAL 41  A MSE 42  1_555 ? ? ? ? ? ? ? 1.332 ? ? 
covale4  covale both ? A MSE 44  C ? ? ? 1_555 A LYS 45  N ? ? A MSE 42  A LYS 43  1_555 ? ? ? ? ? ? ? 1.324 ? ? 
covale5  covale both ? A GLY 68  C ? ? ? 1_555 A MSE 69  N ? ? A GLY 66  A MSE 67  1_555 ? ? ? ? ? ? ? 1.326 ? ? 
covale6  covale both ? A MSE 69  C ? ? ? 1_555 A GLU 70  N ? ? A MSE 67  A GLU 68  1_555 ? ? ? ? ? ? ? 1.327 ? ? 
covale7  covale both ? A GLU 79  C ? ? ? 1_555 A MSE 80  N ? ? A GLU 77  A MSE 78  1_555 ? ? ? ? ? ? ? 1.329 ? ? 
covale8  covale both ? A MSE 80  C ? ? ? 1_555 A VAL 81  N ? ? A MSE 78  A VAL 79  1_555 ? ? ? ? ? ? ? 1.332 ? ? 
covale9  covale both ? A GLN 101 C ? ? ? 1_555 A MSE 102 N ? ? A GLN 99  A MSE 100 1_555 ? ? ? ? ? ? ? 1.326 ? ? 
covale10 covale both ? A MSE 102 C ? ? ? 1_555 A ASP 103 N ? ? A MSE 100 A ASP 101 1_555 ? ? ? ? ? ? ? 1.327 ? ? 
# 
_struct_conn_type.id          covale 
_struct_conn_type.criteria    ? 
_struct_conn_type.reference   ? 
# 
loop_
_pdbx_modification_feature.ordinal 
_pdbx_modification_feature.label_comp_id 
_pdbx_modification_feature.label_asym_id 
_pdbx_modification_feature.label_seq_id 
_pdbx_modification_feature.label_alt_id 
_pdbx_modification_feature.modified_residue_label_comp_id 
_pdbx_modification_feature.modified_residue_label_asym_id 
_pdbx_modification_feature.modified_residue_label_seq_id 
_pdbx_modification_feature.modified_residue_label_alt_id 
_pdbx_modification_feature.auth_comp_id 
_pdbx_modification_feature.auth_asym_id 
_pdbx_modification_feature.auth_seq_id 
_pdbx_modification_feature.PDB_ins_code 
_pdbx_modification_feature.symmetry 
_pdbx_modification_feature.modified_residue_auth_comp_id 
_pdbx_modification_feature.modified_residue_auth_asym_id 
_pdbx_modification_feature.modified_residue_auth_seq_id 
_pdbx_modification_feature.modified_residue_PDB_ins_code 
_pdbx_modification_feature.modified_residue_symmetry 
_pdbx_modification_feature.comp_id_linking_atom 
_pdbx_modification_feature.modified_residue_id_linking_atom 
_pdbx_modification_feature.modified_residue_id 
_pdbx_modification_feature.ref_pcm_id 
_pdbx_modification_feature.ref_comp_id 
_pdbx_modification_feature.type 
_pdbx_modification_feature.category 
1 MSE A 41  ? . . . . MSE A 39  ? 1_555 . . . . . . . MET 1 MSE Selenomethionine 'Named protein modification' 
2 MSE A 44  ? . . . . MSE A 42  ? 1_555 . . . . . . . MET 1 MSE Selenomethionine 'Named protein modification' 
3 MSE A 69  ? . . . . MSE A 67  ? 1_555 . . . . . . . MET 1 MSE Selenomethionine 'Named protein modification' 
4 MSE A 80  ? . . . . MSE A 78  ? 1_555 . . . . . . . MET 1 MSE Selenomethionine 'Named protein modification' 
5 MSE A 102 ? . . . . MSE A 100 ? 1_555 . . . . . . . MET 1 MSE Selenomethionine 'Named protein modification' 
# 
_struct_mon_prot_cis.pdbx_id                1 
_struct_mon_prot_cis.label_comp_id          GLU 
_struct_mon_prot_cis.label_seq_id           59 
_struct_mon_prot_cis.label_asym_id          A 
_struct_mon_prot_cis.label_alt_id           . 
_struct_mon_prot_cis.pdbx_PDB_ins_code      ? 
_struct_mon_prot_cis.auth_comp_id           GLU 
_struct_mon_prot_cis.auth_seq_id            57 
_struct_mon_prot_cis.auth_asym_id           A 
_struct_mon_prot_cis.pdbx_label_comp_id_2   PRO 
_struct_mon_prot_cis.pdbx_label_seq_id_2    60 
_struct_mon_prot_cis.pdbx_label_asym_id_2   A 
_struct_mon_prot_cis.pdbx_PDB_ins_code_2    ? 
_struct_mon_prot_cis.pdbx_auth_comp_id_2    PRO 
_struct_mon_prot_cis.pdbx_auth_seq_id_2     58 
_struct_mon_prot_cis.pdbx_auth_asym_id_2    A 
_struct_mon_prot_cis.pdbx_PDB_model_num     1 
_struct_mon_prot_cis.pdbx_omega_angle       0.62 
# 
_struct_sheet.id               A 
_struct_sheet.type             ? 
_struct_sheet.number_strands   8 
_struct_sheet.details          ? 
# 
loop_
_struct_sheet_order.sheet_id 
_struct_sheet_order.range_id_1 
_struct_sheet_order.range_id_2 
_struct_sheet_order.offset 
_struct_sheet_order.sense 
A 1 2 ? anti-parallel 
A 2 3 ? anti-parallel 
A 3 4 ? parallel      
A 4 5 ? anti-parallel 
A 5 6 ? parallel      
A 6 7 ? anti-parallel 
A 7 8 ? anti-parallel 
# 
loop_
_struct_sheet_range.sheet_id 
_struct_sheet_range.id 
_struct_sheet_range.beg_label_comp_id 
_struct_sheet_range.beg_label_asym_id 
_struct_sheet_range.beg_label_seq_id 
_struct_sheet_range.pdbx_beg_PDB_ins_code 
_struct_sheet_range.end_label_comp_id 
_struct_sheet_range.end_label_asym_id 
_struct_sheet_range.end_label_seq_id 
_struct_sheet_range.pdbx_end_PDB_ins_code 
_struct_sheet_range.beg_auth_comp_id 
_struct_sheet_range.beg_auth_asym_id 
_struct_sheet_range.beg_auth_seq_id 
_struct_sheet_range.end_auth_comp_id 
_struct_sheet_range.end_auth_asym_id 
_struct_sheet_range.end_auth_seq_id 
A 1 GLU A 34  ? SER A 35  ? GLU A 32  SER A 33  
A 2 PHE A 39  ? VAL A 43  ? PHE A 37  VAL A 41  
A 3 ARG A 49  ? ALA A 54  ? ARG A 47  ALA A 52  
A 4 ASN A 8   ? VAL A 14  ? ASN A 6   VAL A 12  
A 5 MSE A 69  ? GLN A 74  ? MSE A 67  GLN A 72  
A 6 ARG A 117 ? LEU A 123 ? ARG A 115 LEU A 121 
A 7 GLY A 105 ? VAL A 111 ? GLY A 103 VAL A 109 
A 8 ILE A 95  ? MSE A 102 ? ILE A 93  MSE A 100 
# 
loop_
_pdbx_struct_sheet_hbond.sheet_id 
_pdbx_struct_sheet_hbond.range_id_1 
_pdbx_struct_sheet_hbond.range_id_2 
_pdbx_struct_sheet_hbond.range_1_label_atom_id 
_pdbx_struct_sheet_hbond.range_1_label_comp_id 
_pdbx_struct_sheet_hbond.range_1_label_asym_id 
_pdbx_struct_sheet_hbond.range_1_label_seq_id 
_pdbx_struct_sheet_hbond.range_1_PDB_ins_code 
_pdbx_struct_sheet_hbond.range_1_auth_atom_id 
_pdbx_struct_sheet_hbond.range_1_auth_comp_id 
_pdbx_struct_sheet_hbond.range_1_auth_asym_id 
_pdbx_struct_sheet_hbond.range_1_auth_seq_id 
_pdbx_struct_sheet_hbond.range_2_label_atom_id 
_pdbx_struct_sheet_hbond.range_2_label_comp_id 
_pdbx_struct_sheet_hbond.range_2_label_asym_id 
_pdbx_struct_sheet_hbond.range_2_label_seq_id 
_pdbx_struct_sheet_hbond.range_2_PDB_ins_code 
_pdbx_struct_sheet_hbond.range_2_auth_atom_id 
_pdbx_struct_sheet_hbond.range_2_auth_comp_id 
_pdbx_struct_sheet_hbond.range_2_auth_asym_id 
_pdbx_struct_sheet_hbond.range_2_auth_seq_id 
A 1 2 N GLU A 34  ? N GLU A 32  O MSE A 41  ? O MSE A 39  
A 2 3 N PHE A 42  ? N PHE A 40  O LEU A 50  ? O LEU A 48  
A 3 4 O GLY A 51  ? O GLY A 49  N VAL A 10  ? N VAL A 8   
A 4 5 N LEU A 11  ? N LEU A 9   O GLU A 70  ? O GLU A 68  
A 5 6 N PHE A 73  ? N PHE A 71  O ARG A 119 ? O ARG A 117 
A 6 7 O LEU A 118 ? O LEU A 116 N GLY A 110 ? N GLY A 108 
A 7 8 O GLY A 105 ? O GLY A 103 N MSE A 102 ? N MSE A 100 
# 
_pdbx_entry_details.entry_id                   3RHE 
_pdbx_entry_details.compound_details           ? 
_pdbx_entry_details.source_details             ? 
_pdbx_entry_details.nonpolymer_details         ? 
_pdbx_entry_details.sequence_details           ? 
_pdbx_entry_details.has_ligand_of_interest     ? 
_pdbx_entry_details.has_protein_modification   Y 
# 
_pdbx_SG_project.id                    1 
_pdbx_SG_project.project_name          PSI:Biology 
_pdbx_SG_project.full_name_of_center   'New York Structural Genomics Research Consortium' 
_pdbx_SG_project.initial_of_center     NYSGRC 
# 
loop_
_pdbx_struct_mod_residue.id 
_pdbx_struct_mod_residue.label_asym_id 
_pdbx_struct_mod_residue.label_comp_id 
_pdbx_struct_mod_residue.label_seq_id 
_pdbx_struct_mod_residue.auth_asym_id 
_pdbx_struct_mod_residue.auth_comp_id 
_pdbx_struct_mod_residue.auth_seq_id 
_pdbx_struct_mod_residue.PDB_ins_code 
_pdbx_struct_mod_residue.parent_comp_id 
_pdbx_struct_mod_residue.details 
1 A MSE 41  A MSE 39  ? MET SELENOMETHIONINE 
2 A MSE 44  A MSE 42  ? MET SELENOMETHIONINE 
3 A MSE 69  A MSE 67  ? MET SELENOMETHIONINE 
4 A MSE 80  A MSE 78  ? MET SELENOMETHIONINE 
5 A MSE 102 A MSE 100 ? MET SELENOMETHIONINE 
# 
_pdbx_struct_special_symmetry.id              1 
_pdbx_struct_special_symmetry.PDB_model_num   1 
_pdbx_struct_special_symmetry.auth_asym_id    A 
_pdbx_struct_special_symmetry.auth_comp_id    HOH 
_pdbx_struct_special_symmetry.auth_seq_id     183 
_pdbx_struct_special_symmetry.PDB_ins_code    ? 
_pdbx_struct_special_symmetry.label_asym_id   B 
_pdbx_struct_special_symmetry.label_comp_id   HOH 
_pdbx_struct_special_symmetry.label_seq_id    . 
# 
loop_
_pdbx_unobs_or_zero_occ_residues.id 
_pdbx_unobs_or_zero_occ_residues.PDB_model_num 
_pdbx_unobs_or_zero_occ_residues.polymer_flag 
_pdbx_unobs_or_zero_occ_residues.occupancy_flag 
_pdbx_unobs_or_zero_occ_residues.auth_asym_id 
_pdbx_unobs_or_zero_occ_residues.auth_comp_id 
_pdbx_unobs_or_zero_occ_residues.auth_seq_id 
_pdbx_unobs_or_zero_occ_residues.PDB_ins_code 
_pdbx_unobs_or_zero_occ_residues.label_asym_id 
_pdbx_unobs_or_zero_occ_residues.label_comp_id 
_pdbx_unobs_or_zero_occ_residues.label_seq_id 
1  1 Y 1 A MSE -1  ? A MSE 1   
2  1 Y 1 A VAL 0   ? A VAL 2   
3  1 Y 1 A MSE 1   ? A MSE 3   
4  1 Y 1 A LEU 2   ? A LEU 4   
5  1 Y 1 A SER 3   ? A SER 5   
6  1 Y 1 A ASP 4   ? A ASP 6   
7  1 Y 1 A GLN 62  ? A GLN 64  
8  1 Y 1 A THR 63  ? A THR 65  
9  1 Y 1 A GLY 64  ? A GLY 66  
10 1 Y 1 A GLY 65  ? A GLY 67  
11 1 Y 1 A ARG 123 ? A ARG 125 
12 1 Y 1 A THR 124 ? A THR 126 
13 1 Y 1 A ALA 125 ? A ALA 127 
14 1 Y 1 A GLU 126 ? A GLU 128 
15 1 Y 1 A ASN 127 ? A ASN 129 
16 1 Y 1 A LEU 128 ? A LEU 130 
17 1 Y 1 A TYR 129 ? A TYR 131 
18 1 Y 1 A PHE 130 ? A PHE 132 
19 1 Y 1 A GLN 131 ? A GLN 133 
20 1 Y 1 A SER 132 ? A SER 134 
21 1 Y 1 A HIS 133 ? A HIS 135 
22 1 Y 1 A HIS 134 ? A HIS 136 
23 1 Y 1 A HIS 135 ? A HIS 137 
24 1 Y 1 A HIS 136 ? A HIS 138 
25 1 Y 1 A HIS 137 ? A HIS 139 
26 1 Y 1 A HIS 138 ? A HIS 140 
27 1 Y 1 A TRP 139 ? A TRP 141 
28 1 Y 1 A SER 140 ? A SER 142 
29 1 Y 1 A HIS 141 ? A HIS 143 
30 1 Y 1 A PRO 142 ? A PRO 144 
31 1 Y 1 A GLN 143 ? A GLN 145 
32 1 Y 1 A PHE 144 ? A PHE 146 
33 1 Y 1 A GLU 145 ? A GLU 147 
34 1 Y 1 A LYS 146 ? A LYS 148 
# 
loop_
_chem_comp_atom.comp_id 
_chem_comp_atom.atom_id 
_chem_comp_atom.type_symbol 
_chem_comp_atom.pdbx_aromatic_flag 
_chem_comp_atom.pdbx_stereo_config 
_chem_comp_atom.pdbx_ordinal 
ALA N    N  N N 1   
ALA CA   C  N S 2   
ALA C    C  N N 3   
ALA O    O  N N 4   
ALA CB   C  N N 5   
ALA OXT  O  N N 6   
ALA H    H  N N 7   
ALA H2   H  N N 8   
ALA HA   H  N N 9   
ALA HB1  H  N N 10  
ALA HB2  H  N N 11  
ALA HB3  H  N N 12  
ALA HXT  H  N N 13  
ARG N    N  N N 14  
ARG CA   C  N S 15  
ARG C    C  N N 16  
ARG O    O  N N 17  
ARG CB   C  N N 18  
ARG CG   C  N N 19  
ARG CD   C  N N 20  
ARG NE   N  N N 21  
ARG CZ   C  N N 22  
ARG NH1  N  N N 23  
ARG NH2  N  N N 24  
ARG OXT  O  N N 25  
ARG H    H  N N 26  
ARG H2   H  N N 27  
ARG HA   H  N N 28  
ARG HB2  H  N N 29  
ARG HB3  H  N N 30  
ARG HG2  H  N N 31  
ARG HG3  H  N N 32  
ARG HD2  H  N N 33  
ARG HD3  H  N N 34  
ARG HE   H  N N 35  
ARG HH11 H  N N 36  
ARG HH12 H  N N 37  
ARG HH21 H  N N 38  
ARG HH22 H  N N 39  
ARG HXT  H  N N 40  
ASN N    N  N N 41  
ASN CA   C  N S 42  
ASN C    C  N N 43  
ASN O    O  N N 44  
ASN CB   C  N N 45  
ASN CG   C  N N 46  
ASN OD1  O  N N 47  
ASN ND2  N  N N 48  
ASN OXT  O  N N 49  
ASN H    H  N N 50  
ASN H2   H  N N 51  
ASN HA   H  N N 52  
ASN HB2  H  N N 53  
ASN HB3  H  N N 54  
ASN HD21 H  N N 55  
ASN HD22 H  N N 56  
ASN HXT  H  N N 57  
ASP N    N  N N 58  
ASP CA   C  N S 59  
ASP C    C  N N 60  
ASP O    O  N N 61  
ASP CB   C  N N 62  
ASP CG   C  N N 63  
ASP OD1  O  N N 64  
ASP OD2  O  N N 65  
ASP OXT  O  N N 66  
ASP H    H  N N 67  
ASP H2   H  N N 68  
ASP HA   H  N N 69  
ASP HB2  H  N N 70  
ASP HB3  H  N N 71  
ASP HD2  H  N N 72  
ASP HXT  H  N N 73  
CYS N    N  N N 74  
CYS CA   C  N R 75  
CYS C    C  N N 76  
CYS O    O  N N 77  
CYS CB   C  N N 78  
CYS SG   S  N N 79  
CYS OXT  O  N N 80  
CYS H    H  N N 81  
CYS H2   H  N N 82  
CYS HA   H  N N 83  
CYS HB2  H  N N 84  
CYS HB3  H  N N 85  
CYS HG   H  N N 86  
CYS HXT  H  N N 87  
GLN N    N  N N 88  
GLN CA   C  N S 89  
GLN C    C  N N 90  
GLN O    O  N N 91  
GLN CB   C  N N 92  
GLN CG   C  N N 93  
GLN CD   C  N N 94  
GLN OE1  O  N N 95  
GLN NE2  N  N N 96  
GLN OXT  O  N N 97  
GLN H    H  N N 98  
GLN H2   H  N N 99  
GLN HA   H  N N 100 
GLN HB2  H  N N 101 
GLN HB3  H  N N 102 
GLN HG2  H  N N 103 
GLN HG3  H  N N 104 
GLN HE21 H  N N 105 
GLN HE22 H  N N 106 
GLN HXT  H  N N 107 
GLU N    N  N N 108 
GLU CA   C  N S 109 
GLU C    C  N N 110 
GLU O    O  N N 111 
GLU CB   C  N N 112 
GLU CG   C  N N 113 
GLU CD   C  N N 114 
GLU OE1  O  N N 115 
GLU OE2  O  N N 116 
GLU OXT  O  N N 117 
GLU H    H  N N 118 
GLU H2   H  N N 119 
GLU HA   H  N N 120 
GLU HB2  H  N N 121 
GLU HB3  H  N N 122 
GLU HG2  H  N N 123 
GLU HG3  H  N N 124 
GLU HE2  H  N N 125 
GLU HXT  H  N N 126 
GLY N    N  N N 127 
GLY CA   C  N N 128 
GLY C    C  N N 129 
GLY O    O  N N 130 
GLY OXT  O  N N 131 
GLY H    H  N N 132 
GLY H2   H  N N 133 
GLY HA2  H  N N 134 
GLY HA3  H  N N 135 
GLY HXT  H  N N 136 
HIS N    N  N N 137 
HIS CA   C  N S 138 
HIS C    C  N N 139 
HIS O    O  N N 140 
HIS CB   C  N N 141 
HIS CG   C  Y N 142 
HIS ND1  N  Y N 143 
HIS CD2  C  Y N 144 
HIS CE1  C  Y N 145 
HIS NE2  N  Y N 146 
HIS OXT  O  N N 147 
HIS H    H  N N 148 
HIS H2   H  N N 149 
HIS HA   H  N N 150 
HIS HB2  H  N N 151 
HIS HB3  H  N N 152 
HIS HD1  H  N N 153 
HIS HD2  H  N N 154 
HIS HE1  H  N N 155 
HIS HE2  H  N N 156 
HIS HXT  H  N N 157 
HOH O    O  N N 158 
HOH H1   H  N N 159 
HOH H2   H  N N 160 
ILE N    N  N N 161 
ILE CA   C  N S 162 
ILE C    C  N N 163 
ILE O    O  N N 164 
ILE CB   C  N S 165 
ILE CG1  C  N N 166 
ILE CG2  C  N N 167 
ILE CD1  C  N N 168 
ILE OXT  O  N N 169 
ILE H    H  N N 170 
ILE H2   H  N N 171 
ILE HA   H  N N 172 
ILE HB   H  N N 173 
ILE HG12 H  N N 174 
ILE HG13 H  N N 175 
ILE HG21 H  N N 176 
ILE HG22 H  N N 177 
ILE HG23 H  N N 178 
ILE HD11 H  N N 179 
ILE HD12 H  N N 180 
ILE HD13 H  N N 181 
ILE HXT  H  N N 182 
LEU N    N  N N 183 
LEU CA   C  N S 184 
LEU C    C  N N 185 
LEU O    O  N N 186 
LEU CB   C  N N 187 
LEU CG   C  N N 188 
LEU CD1  C  N N 189 
LEU CD2  C  N N 190 
LEU OXT  O  N N 191 
LEU H    H  N N 192 
LEU H2   H  N N 193 
LEU HA   H  N N 194 
LEU HB2  H  N N 195 
LEU HB3  H  N N 196 
LEU HG   H  N N 197 
LEU HD11 H  N N 198 
LEU HD12 H  N N 199 
LEU HD13 H  N N 200 
LEU HD21 H  N N 201 
LEU HD22 H  N N 202 
LEU HD23 H  N N 203 
LEU HXT  H  N N 204 
LYS N    N  N N 205 
LYS CA   C  N S 206 
LYS C    C  N N 207 
LYS O    O  N N 208 
LYS CB   C  N N 209 
LYS CG   C  N N 210 
LYS CD   C  N N 211 
LYS CE   C  N N 212 
LYS NZ   N  N N 213 
LYS OXT  O  N N 214 
LYS H    H  N N 215 
LYS H2   H  N N 216 
LYS HA   H  N N 217 
LYS HB2  H  N N 218 
LYS HB3  H  N N 219 
LYS HG2  H  N N 220 
LYS HG3  H  N N 221 
LYS HD2  H  N N 222 
LYS HD3  H  N N 223 
LYS HE2  H  N N 224 
LYS HE3  H  N N 225 
LYS HZ1  H  N N 226 
LYS HZ2  H  N N 227 
LYS HZ3  H  N N 228 
LYS HXT  H  N N 229 
MSE N    N  N N 230 
MSE CA   C  N S 231 
MSE C    C  N N 232 
MSE O    O  N N 233 
MSE OXT  O  N N 234 
MSE CB   C  N N 235 
MSE CG   C  N N 236 
MSE SE   SE N N 237 
MSE CE   C  N N 238 
MSE H    H  N N 239 
MSE H2   H  N N 240 
MSE HA   H  N N 241 
MSE HXT  H  N N 242 
MSE HB2  H  N N 243 
MSE HB3  H  N N 244 
MSE HG2  H  N N 245 
MSE HG3  H  N N 246 
MSE HE1  H  N N 247 
MSE HE2  H  N N 248 
MSE HE3  H  N N 249 
PHE N    N  N N 250 
PHE CA   C  N S 251 
PHE C    C  N N 252 
PHE O    O  N N 253 
PHE CB   C  N N 254 
PHE CG   C  Y N 255 
PHE CD1  C  Y N 256 
PHE CD2  C  Y N 257 
PHE CE1  C  Y N 258 
PHE CE2  C  Y N 259 
PHE CZ   C  Y N 260 
PHE OXT  O  N N 261 
PHE H    H  N N 262 
PHE H2   H  N N 263 
PHE HA   H  N N 264 
PHE HB2  H  N N 265 
PHE HB3  H  N N 266 
PHE HD1  H  N N 267 
PHE HD2  H  N N 268 
PHE HE1  H  N N 269 
PHE HE2  H  N N 270 
PHE HZ   H  N N 271 
PHE HXT  H  N N 272 
PRO N    N  N N 273 
PRO CA   C  N S 274 
PRO C    C  N N 275 
PRO O    O  N N 276 
PRO CB   C  N N 277 
PRO CG   C  N N 278 
PRO CD   C  N N 279 
PRO OXT  O  N N 280 
PRO H    H  N N 281 
PRO HA   H  N N 282 
PRO HB2  H  N N 283 
PRO HB3  H  N N 284 
PRO HG2  H  N N 285 
PRO HG3  H  N N 286 
PRO HD2  H  N N 287 
PRO HD3  H  N N 288 
PRO HXT  H  N N 289 
SER N    N  N N 290 
SER CA   C  N S 291 
SER C    C  N N 292 
SER O    O  N N 293 
SER CB   C  N N 294 
SER OG   O  N N 295 
SER OXT  O  N N 296 
SER H    H  N N 297 
SER H2   H  N N 298 
SER HA   H  N N 299 
SER HB2  H  N N 300 
SER HB3  H  N N 301 
SER HG   H  N N 302 
SER HXT  H  N N 303 
THR N    N  N N 304 
THR CA   C  N S 305 
THR C    C  N N 306 
THR O    O  N N 307 
THR CB   C  N R 308 
THR OG1  O  N N 309 
THR CG2  C  N N 310 
THR OXT  O  N N 311 
THR H    H  N N 312 
THR H2   H  N N 313 
THR HA   H  N N 314 
THR HB   H  N N 315 
THR HG1  H  N N 316 
THR HG21 H  N N 317 
THR HG22 H  N N 318 
THR HG23 H  N N 319 
THR HXT  H  N N 320 
TRP N    N  N N 321 
TRP CA   C  N S 322 
TRP C    C  N N 323 
TRP O    O  N N 324 
TRP CB   C  N N 325 
TRP CG   C  Y N 326 
TRP CD1  C  Y N 327 
TRP CD2  C  Y N 328 
TRP NE1  N  Y N 329 
TRP CE2  C  Y N 330 
TRP CE3  C  Y N 331 
TRP CZ2  C  Y N 332 
TRP CZ3  C  Y N 333 
TRP CH2  C  Y N 334 
TRP OXT  O  N N 335 
TRP H    H  N N 336 
TRP H2   H  N N 337 
TRP HA   H  N N 338 
TRP HB2  H  N N 339 
TRP HB3  H  N N 340 
TRP HD1  H  N N 341 
TRP HE1  H  N N 342 
TRP HE3  H  N N 343 
TRP HZ2  H  N N 344 
TRP HZ3  H  N N 345 
TRP HH2  H  N N 346 
TRP HXT  H  N N 347 
TYR N    N  N N 348 
TYR CA   C  N S 349 
TYR C    C  N N 350 
TYR O    O  N N 351 
TYR CB   C  N N 352 
TYR CG   C  Y N 353 
TYR CD1  C  Y N 354 
TYR CD2  C  Y N 355 
TYR CE1  C  Y N 356 
TYR CE2  C  Y N 357 
TYR CZ   C  Y N 358 
TYR OH   O  N N 359 
TYR OXT  O  N N 360 
TYR H    H  N N 361 
TYR H2   H  N N 362 
TYR HA   H  N N 363 
TYR HB2  H  N N 364 
TYR HB3  H  N N 365 
TYR HD1  H  N N 366 
TYR HD2  H  N N 367 
TYR HE1  H  N N 368 
TYR HE2  H  N N 369 
TYR HH   H  N N 370 
TYR HXT  H  N N 371 
VAL N    N  N N 372 
VAL CA   C  N S 373 
VAL C    C  N N 374 
VAL O    O  N N 375 
VAL CB   C  N N 376 
VAL CG1  C  N N 377 
VAL CG2  C  N N 378 
VAL OXT  O  N N 379 
VAL H    H  N N 380 
VAL H2   H  N N 381 
VAL HA   H  N N 382 
VAL HB   H  N N 383 
VAL HG11 H  N N 384 
VAL HG12 H  N N 385 
VAL HG13 H  N N 386 
VAL HG21 H  N N 387 
VAL HG22 H  N N 388 
VAL HG23 H  N N 389 
VAL HXT  H  N N 390 
# 
loop_
_chem_comp_bond.comp_id 
_chem_comp_bond.atom_id_1 
_chem_comp_bond.atom_id_2 
_chem_comp_bond.value_order 
_chem_comp_bond.pdbx_aromatic_flag 
_chem_comp_bond.pdbx_stereo_config 
_chem_comp_bond.pdbx_ordinal 
ALA N   CA   sing N N 1   
ALA N   H    sing N N 2   
ALA N   H2   sing N N 3   
ALA CA  C    sing N N 4   
ALA CA  CB   sing N N 5   
ALA CA  HA   sing N N 6   
ALA C   O    doub N N 7   
ALA C   OXT  sing N N 8   
ALA CB  HB1  sing N N 9   
ALA CB  HB2  sing N N 10  
ALA CB  HB3  sing N N 11  
ALA OXT HXT  sing N N 12  
ARG N   CA   sing N N 13  
ARG N   H    sing N N 14  
ARG N   H2   sing N N 15  
ARG CA  C    sing N N 16  
ARG CA  CB   sing N N 17  
ARG CA  HA   sing N N 18  
ARG C   O    doub N N 19  
ARG C   OXT  sing N N 20  
ARG CB  CG   sing N N 21  
ARG CB  HB2  sing N N 22  
ARG CB  HB3  sing N N 23  
ARG CG  CD   sing N N 24  
ARG CG  HG2  sing N N 25  
ARG CG  HG3  sing N N 26  
ARG CD  NE   sing N N 27  
ARG CD  HD2  sing N N 28  
ARG CD  HD3  sing N N 29  
ARG NE  CZ   sing N N 30  
ARG NE  HE   sing N N 31  
ARG CZ  NH1  sing N N 32  
ARG CZ  NH2  doub N N 33  
ARG NH1 HH11 sing N N 34  
ARG NH1 HH12 sing N N 35  
ARG NH2 HH21 sing N N 36  
ARG NH2 HH22 sing N N 37  
ARG OXT HXT  sing N N 38  
ASN N   CA   sing N N 39  
ASN N   H    sing N N 40  
ASN N   H2   sing N N 41  
ASN CA  C    sing N N 42  
ASN CA  CB   sing N N 43  
ASN CA  HA   sing N N 44  
ASN C   O    doub N N 45  
ASN C   OXT  sing N N 46  
ASN CB  CG   sing N N 47  
ASN CB  HB2  sing N N 48  
ASN CB  HB3  sing N N 49  
ASN CG  OD1  doub N N 50  
ASN CG  ND2  sing N N 51  
ASN ND2 HD21 sing N N 52  
ASN ND2 HD22 sing N N 53  
ASN OXT HXT  sing N N 54  
ASP N   CA   sing N N 55  
ASP N   H    sing N N 56  
ASP N   H2   sing N N 57  
ASP CA  C    sing N N 58  
ASP CA  CB   sing N N 59  
ASP CA  HA   sing N N 60  
ASP C   O    doub N N 61  
ASP C   OXT  sing N N 62  
ASP CB  CG   sing N N 63  
ASP CB  HB2  sing N N 64  
ASP CB  HB3  sing N N 65  
ASP CG  OD1  doub N N 66  
ASP CG  OD2  sing N N 67  
ASP OD2 HD2  sing N N 68  
ASP OXT HXT  sing N N 69  
CYS N   CA   sing N N 70  
CYS N   H    sing N N 71  
CYS N   H2   sing N N 72  
CYS CA  C    sing N N 73  
CYS CA  CB   sing N N 74  
CYS CA  HA   sing N N 75  
CYS C   O    doub N N 76  
CYS C   OXT  sing N N 77  
CYS CB  SG   sing N N 78  
CYS CB  HB2  sing N N 79  
CYS CB  HB3  sing N N 80  
CYS SG  HG   sing N N 81  
CYS OXT HXT  sing N N 82  
GLN N   CA   sing N N 83  
GLN N   H    sing N N 84  
GLN N   H2   sing N N 85  
GLN CA  C    sing N N 86  
GLN CA  CB   sing N N 87  
GLN CA  HA   sing N N 88  
GLN C   O    doub N N 89  
GLN C   OXT  sing N N 90  
GLN CB  CG   sing N N 91  
GLN CB  HB2  sing N N 92  
GLN CB  HB3  sing N N 93  
GLN CG  CD   sing N N 94  
GLN CG  HG2  sing N N 95  
GLN CG  HG3  sing N N 96  
GLN CD  OE1  doub N N 97  
GLN CD  NE2  sing N N 98  
GLN NE2 HE21 sing N N 99  
GLN NE2 HE22 sing N N 100 
GLN OXT HXT  sing N N 101 
GLU N   CA   sing N N 102 
GLU N   H    sing N N 103 
GLU N   H2   sing N N 104 
GLU CA  C    sing N N 105 
GLU CA  CB   sing N N 106 
GLU CA  HA   sing N N 107 
GLU C   O    doub N N 108 
GLU C   OXT  sing N N 109 
GLU CB  CG   sing N N 110 
GLU CB  HB2  sing N N 111 
GLU CB  HB3  sing N N 112 
GLU CG  CD   sing N N 113 
GLU CG  HG2  sing N N 114 
GLU CG  HG3  sing N N 115 
GLU CD  OE1  doub N N 116 
GLU CD  OE2  sing N N 117 
GLU OE2 HE2  sing N N 118 
GLU OXT HXT  sing N N 119 
GLY N   CA   sing N N 120 
GLY N   H    sing N N 121 
GLY N   H2   sing N N 122 
GLY CA  C    sing N N 123 
GLY CA  HA2  sing N N 124 
GLY CA  HA3  sing N N 125 
GLY C   O    doub N N 126 
GLY C   OXT  sing N N 127 
GLY OXT HXT  sing N N 128 
HIS N   CA   sing N N 129 
HIS N   H    sing N N 130 
HIS N   H2   sing N N 131 
HIS CA  C    sing N N 132 
HIS CA  CB   sing N N 133 
HIS CA  HA   sing N N 134 
HIS C   O    doub N N 135 
HIS C   OXT  sing N N 136 
HIS CB  CG   sing N N 137 
HIS CB  HB2  sing N N 138 
HIS CB  HB3  sing N N 139 
HIS CG  ND1  sing Y N 140 
HIS CG  CD2  doub Y N 141 
HIS ND1 CE1  doub Y N 142 
HIS ND1 HD1  sing N N 143 
HIS CD2 NE2  sing Y N 144 
HIS CD2 HD2  sing N N 145 
HIS CE1 NE2  sing Y N 146 
HIS CE1 HE1  sing N N 147 
HIS NE2 HE2  sing N N 148 
HIS OXT HXT  sing N N 149 
HOH O   H1   sing N N 150 
HOH O   H2   sing N N 151 
ILE N   CA   sing N N 152 
ILE N   H    sing N N 153 
ILE N   H2   sing N N 154 
ILE CA  C    sing N N 155 
ILE CA  CB   sing N N 156 
ILE CA  HA   sing N N 157 
ILE C   O    doub N N 158 
ILE C   OXT  sing N N 159 
ILE CB  CG1  sing N N 160 
ILE CB  CG2  sing N N 161 
ILE CB  HB   sing N N 162 
ILE CG1 CD1  sing N N 163 
ILE CG1 HG12 sing N N 164 
ILE CG1 HG13 sing N N 165 
ILE CG2 HG21 sing N N 166 
ILE CG2 HG22 sing N N 167 
ILE CG2 HG23 sing N N 168 
ILE CD1 HD11 sing N N 169 
ILE CD1 HD12 sing N N 170 
ILE CD1 HD13 sing N N 171 
ILE OXT HXT  sing N N 172 
LEU N   CA   sing N N 173 
LEU N   H    sing N N 174 
LEU N   H2   sing N N 175 
LEU CA  C    sing N N 176 
LEU CA  CB   sing N N 177 
LEU CA  HA   sing N N 178 
LEU C   O    doub N N 179 
LEU C   OXT  sing N N 180 
LEU CB  CG   sing N N 181 
LEU CB  HB2  sing N N 182 
LEU CB  HB3  sing N N 183 
LEU CG  CD1  sing N N 184 
LEU CG  CD2  sing N N 185 
LEU CG  HG   sing N N 186 
LEU CD1 HD11 sing N N 187 
LEU CD1 HD12 sing N N 188 
LEU CD1 HD13 sing N N 189 
LEU CD2 HD21 sing N N 190 
LEU CD2 HD22 sing N N 191 
LEU CD2 HD23 sing N N 192 
LEU OXT HXT  sing N N 193 
LYS N   CA   sing N N 194 
LYS N   H    sing N N 195 
LYS N   H2   sing N N 196 
LYS CA  C    sing N N 197 
LYS CA  CB   sing N N 198 
LYS CA  HA   sing N N 199 
LYS C   O    doub N N 200 
LYS C   OXT  sing N N 201 
LYS CB  CG   sing N N 202 
LYS CB  HB2  sing N N 203 
LYS CB  HB3  sing N N 204 
LYS CG  CD   sing N N 205 
LYS CG  HG2  sing N N 206 
LYS CG  HG3  sing N N 207 
LYS CD  CE   sing N N 208 
LYS CD  HD2  sing N N 209 
LYS CD  HD3  sing N N 210 
LYS CE  NZ   sing N N 211 
LYS CE  HE2  sing N N 212 
LYS CE  HE3  sing N N 213 
LYS NZ  HZ1  sing N N 214 
LYS NZ  HZ2  sing N N 215 
LYS NZ  HZ3  sing N N 216 
LYS OXT HXT  sing N N 217 
MSE N   CA   sing N N 218 
MSE N   H    sing N N 219 
MSE N   H2   sing N N 220 
MSE CA  C    sing N N 221 
MSE CA  CB   sing N N 222 
MSE CA  HA   sing N N 223 
MSE C   O    doub N N 224 
MSE C   OXT  sing N N 225 
MSE OXT HXT  sing N N 226 
MSE CB  CG   sing N N 227 
MSE CB  HB2  sing N N 228 
MSE CB  HB3  sing N N 229 
MSE CG  SE   sing N N 230 
MSE CG  HG2  sing N N 231 
MSE CG  HG3  sing N N 232 
MSE SE  CE   sing N N 233 
MSE CE  HE1  sing N N 234 
MSE CE  HE2  sing N N 235 
MSE CE  HE3  sing N N 236 
PHE N   CA   sing N N 237 
PHE N   H    sing N N 238 
PHE N   H2   sing N N 239 
PHE CA  C    sing N N 240 
PHE CA  CB   sing N N 241 
PHE CA  HA   sing N N 242 
PHE C   O    doub N N 243 
PHE C   OXT  sing N N 244 
PHE CB  CG   sing N N 245 
PHE CB  HB2  sing N N 246 
PHE CB  HB3  sing N N 247 
PHE CG  CD1  doub Y N 248 
PHE CG  CD2  sing Y N 249 
PHE CD1 CE1  sing Y N 250 
PHE CD1 HD1  sing N N 251 
PHE CD2 CE2  doub Y N 252 
PHE CD2 HD2  sing N N 253 
PHE CE1 CZ   doub Y N 254 
PHE CE1 HE1  sing N N 255 
PHE CE2 CZ   sing Y N 256 
PHE CE2 HE2  sing N N 257 
PHE CZ  HZ   sing N N 258 
PHE OXT HXT  sing N N 259 
PRO N   CA   sing N N 260 
PRO N   CD   sing N N 261 
PRO N   H    sing N N 262 
PRO CA  C    sing N N 263 
PRO CA  CB   sing N N 264 
PRO CA  HA   sing N N 265 
PRO C   O    doub N N 266 
PRO C   OXT  sing N N 267 
PRO CB  CG   sing N N 268 
PRO CB  HB2  sing N N 269 
PRO CB  HB3  sing N N 270 
PRO CG  CD   sing N N 271 
PRO CG  HG2  sing N N 272 
PRO CG  HG3  sing N N 273 
PRO CD  HD2  sing N N 274 
PRO CD  HD3  sing N N 275 
PRO OXT HXT  sing N N 276 
SER N   CA   sing N N 277 
SER N   H    sing N N 278 
SER N   H2   sing N N 279 
SER CA  C    sing N N 280 
SER CA  CB   sing N N 281 
SER CA  HA   sing N N 282 
SER C   O    doub N N 283 
SER C   OXT  sing N N 284 
SER CB  OG   sing N N 285 
SER CB  HB2  sing N N 286 
SER CB  HB3  sing N N 287 
SER OG  HG   sing N N 288 
SER OXT HXT  sing N N 289 
THR N   CA   sing N N 290 
THR N   H    sing N N 291 
THR N   H2   sing N N 292 
THR CA  C    sing N N 293 
THR CA  CB   sing N N 294 
THR CA  HA   sing N N 295 
THR C   O    doub N N 296 
THR C   OXT  sing N N 297 
THR CB  OG1  sing N N 298 
THR CB  CG2  sing N N 299 
THR CB  HB   sing N N 300 
THR OG1 HG1  sing N N 301 
THR CG2 HG21 sing N N 302 
THR CG2 HG22 sing N N 303 
THR CG2 HG23 sing N N 304 
THR OXT HXT  sing N N 305 
TRP N   CA   sing N N 306 
TRP N   H    sing N N 307 
TRP N   H2   sing N N 308 
TRP CA  C    sing N N 309 
TRP CA  CB   sing N N 310 
TRP CA  HA   sing N N 311 
TRP C   O    doub N N 312 
TRP C   OXT  sing N N 313 
TRP CB  CG   sing N N 314 
TRP CB  HB2  sing N N 315 
TRP CB  HB3  sing N N 316 
TRP CG  CD1  doub Y N 317 
TRP CG  CD2  sing Y N 318 
TRP CD1 NE1  sing Y N 319 
TRP CD1 HD1  sing N N 320 
TRP CD2 CE2  doub Y N 321 
TRP CD2 CE3  sing Y N 322 
TRP NE1 CE2  sing Y N 323 
TRP NE1 HE1  sing N N 324 
TRP CE2 CZ2  sing Y N 325 
TRP CE3 CZ3  doub Y N 326 
TRP CE3 HE3  sing N N 327 
TRP CZ2 CH2  doub Y N 328 
TRP CZ2 HZ2  sing N N 329 
TRP CZ3 CH2  sing Y N 330 
TRP CZ3 HZ3  sing N N 331 
TRP CH2 HH2  sing N N 332 
TRP OXT HXT  sing N N 333 
TYR N   CA   sing N N 334 
TYR N   H    sing N N 335 
TYR N   H2   sing N N 336 
TYR CA  C    sing N N 337 
TYR CA  CB   sing N N 338 
TYR CA  HA   sing N N 339 
TYR C   O    doub N N 340 
TYR C   OXT  sing N N 341 
TYR CB  CG   sing N N 342 
TYR CB  HB2  sing N N 343 
TYR CB  HB3  sing N N 344 
TYR CG  CD1  doub Y N 345 
TYR CG  CD2  sing Y N 346 
TYR CD1 CE1  sing Y N 347 
TYR CD1 HD1  sing N N 348 
TYR CD2 CE2  doub Y N 349 
TYR CD2 HD2  sing N N 350 
TYR CE1 CZ   doub Y N 351 
TYR CE1 HE1  sing N N 352 
TYR CE2 CZ   sing Y N 353 
TYR CE2 HE2  sing N N 354 
TYR CZ  OH   sing N N 355 
TYR OH  HH   sing N N 356 
TYR OXT HXT  sing N N 357 
VAL N   CA   sing N N 358 
VAL N   H    sing N N 359 
VAL N   H2   sing N N 360 
VAL CA  C    sing N N 361 
VAL CA  CB   sing N N 362 
VAL CA  HA   sing N N 363 
VAL C   O    doub N N 364 
VAL C   OXT  sing N N 365 
VAL CB  CG1  sing N N 366 
VAL CB  CG2  sing N N 367 
VAL CB  HB   sing N N 368 
VAL CG1 HG11 sing N N 369 
VAL CG1 HG12 sing N N 370 
VAL CG1 HG13 sing N N 371 
VAL CG2 HG21 sing N N 372 
VAL CG2 HG22 sing N N 373 
VAL CG2 HG23 sing N N 374 
VAL OXT HXT  sing N N 375 
# 
_atom_sites.entry_id                    3RHE 
_atom_sites.fract_transf_matrix[1][1]   0.00742924 
_atom_sites.fract_transf_matrix[1][2]   -0.01845680 
_atom_sites.fract_transf_matrix[1][3]   0.01147728 
_atom_sites.fract_transf_matrix[2][1]   0.01144284 
_atom_sites.fract_transf_matrix[2][2]   0.00099722 
_atom_sites.fract_transf_matrix[2][3]   -0.00580329 
_atom_sites.fract_transf_matrix[3][1]   0.00389827 
_atom_sites.fract_transf_matrix[3][2]   0.00710858 
_atom_sites.fract_transf_matrix[3][3]   0.00890807 
_atom_sites.fract_transf_vector[1]      0.118449 
_atom_sites.fract_transf_vector[2]      0.406511 
_atom_sites.fract_transf_vector[3]      0.578493 
# 
loop_
_atom_type.symbol 
C  
N  
O  
S  
SE 
# 
loop_
_atom_site.group_PDB 
_atom_site.id 
_atom_site.type_symbol 
_atom_site.label_atom_id 
_atom_site.label_alt_id 
_atom_site.label_comp_id 
_atom_site.label_asym_id 
_atom_site.label_entity_id 
_atom_site.label_seq_id 
_atom_site.pdbx_PDB_ins_code 
_atom_site.Cartn_x 
_atom_site.Cartn_y 
_atom_site.Cartn_z 
_atom_site.occupancy 
_atom_site.B_iso_or_equiv 
_atom_site.pdbx_formal_charge 
_atom_site.auth_seq_id 
_atom_site.auth_comp_id 
_atom_site.auth_asym_id 
_atom_site.auth_atom_id 
_atom_site.pdbx_PDB_model_num 
ATOM   1   N  N   . PRO A 1 7   ? -4.586  6.996   -8.311  1.00 34.51 ? 5   PRO A N   1 
ATOM   2   C  CA  . PRO A 1 7   ? -5.058  6.192   -7.170  1.00 31.93 ? 5   PRO A CA  1 
ATOM   3   C  C   . PRO A 1 7   ? -4.135  5.003   -6.951  1.00 27.30 ? 5   PRO A C   1 
ATOM   4   O  O   . PRO A 1 7   ? -4.057  4.442   -5.859  1.00 24.94 ? 5   PRO A O   1 
ATOM   5   C  CB  . PRO A 1 7   ? -6.410  5.653   -7.640  1.00 28.90 ? 5   PRO A CB  1 
ATOM   6   C  CG  . PRO A 1 7   ? -6.697  6.305   -8.962  1.00 32.04 ? 5   PRO A CG  1 
ATOM   7   C  CD  . PRO A 1 7   ? -5.426  6.821   -9.506  1.00 33.81 ? 5   PRO A CD  1 
ATOM   8   N  N   . ASN A 1 8   ? -3.448  4.608   -8.011  1.00 26.27 ? 6   ASN A N   1 
ATOM   9   C  CA  . ASN A 1 8   ? -2.617  3.427   -7.930  1.00 25.45 ? 6   ASN A CA  1 
ATOM   10  C  C   . ASN A 1 8   ? -1.330  3.688   -7.162  1.00 23.42 ? 6   ASN A C   1 
ATOM   11  O  O   . ASN A 1 8   ? -0.717  4.762   -7.252  1.00 22.14 ? 6   ASN A O   1 
ATOM   12  C  CB  . ASN A 1 8   ? -2.391  2.824   -9.316  1.00 28.84 ? 6   ASN A CB  1 
ATOM   13  C  CG  . ASN A 1 8   ? -3.586  1.991   -9.773  1.00 27.21 ? 6   ASN A CG  1 
ATOM   14  O  OD1 . ASN A 1 8   ? -4.142  1.222   -8.996  1.00 32.50 ? 6   ASN A OD1 1 
ATOM   15  N  ND2 . ASN A 1 8   ? -3.992  2.161   -11.016 1.00 32.93 ? 6   ASN A ND2 1 
ATOM   16  N  N   . LEU A 1 9   ? -0.949  2.706   -6.363  1.00 19.64 ? 7   LEU A N   1 
ATOM   17  C  CA  . LEU A 1 9   ? 0.223   2.850   -5.530  1.00 18.34 ? 7   LEU A CA  1 
ATOM   18  C  C   . LEU A 1 9   ? 0.895   1.498   -5.349  1.00 17.71 ? 7   LEU A C   1 
ATOM   19  O  O   . LEU A 1 9   ? 0.279   0.540   -4.890  1.00 18.38 ? 7   LEU A O   1 
ATOM   20  C  CB  . LEU A 1 9   ? -0.172  3.456   -4.183  1.00 19.08 ? 7   LEU A CB  1 
ATOM   21  C  CG  . LEU A 1 9   ? 0.835   3.466   -3.028  1.00 19.40 ? 7   LEU A CG  1 
ATOM   22  C  CD1 . LEU A 1 9   ? 2.082   4.303   -3.355  1.00 18.05 ? 7   LEU A CD1 1 
ATOM   23  C  CD2 . LEU A 1 9   ? 0.136   3.990   -1.768  1.00 18.18 ? 7   LEU A CD2 1 
ATOM   24  N  N   . VAL A 1 10  ? 2.162   1.428   -5.725  1.00 16.80 ? 8   VAL A N   1 
ATOM   25  C  CA  . VAL A 1 10  ? 2.959   0.227   -5.516  1.00 15.97 ? 8   VAL A CA  1 
ATOM   26  C  C   . VAL A 1 10  ? 3.588   0.336   -4.133  1.00 15.60 ? 8   VAL A C   1 
ATOM   27  O  O   . VAL A 1 10  ? 4.223   1.333   -3.818  1.00 16.55 ? 8   VAL A O   1 
ATOM   28  C  CB  . VAL A 1 10  ? 4.038   0.097   -6.606  1.00 15.74 ? 8   VAL A CB  1 
ATOM   29  C  CG1 . VAL A 1 10  ? 4.926   -1.134  -6.365  1.00 15.42 ? 8   VAL A CG1 1 
ATOM   30  C  CG2 . VAL A 1 10  ? 3.373   0.029   -7.975  1.00 15.85 ? 8   VAL A CG2 1 
ATOM   31  N  N   . LEU A 1 11  ? 3.383   -0.677  -3.302  1.00 13.39 ? 9   LEU A N   1 
ATOM   32  C  CA  . LEU A 1 11  ? 3.873   -0.668  -1.936  1.00 15.52 ? 9   LEU A CA  1 
ATOM   33  C  C   . LEU A 1 11  ? 4.961   -1.718  -1.770  1.00 14.41 ? 9   LEU A C   1 
ATOM   34  O  O   . LEU A 1 11  ? 4.719   -2.897  -1.962  1.00 13.77 ? 9   LEU A O   1 
ATOM   35  C  CB  . LEU A 1 11  ? 2.729   -0.967  -0.956  1.00 16.56 ? 9   LEU A CB  1 
ATOM   36  C  CG  . LEU A 1 11  ? 2.032   0.077   -0.084  1.00 20.47 ? 9   LEU A CG  1 
ATOM   37  C  CD1 . LEU A 1 11  ? 2.358   1.514   -0.436  1.00 19.36 ? 9   LEU A CD1 1 
ATOM   38  C  CD2 . LEU A 1 11  ? 0.512   -0.191  -0.040  1.00 21.65 ? 9   LEU A CD2 1 
ATOM   39  N  N   . PHE A 1 12  ? 6.160   -1.281  -1.411  1.00 12.85 ? 10  PHE A N   1 
ATOM   40  C  CA  . PHE A 1 12  ? 7.252   -2.193  -1.110  1.00 14.29 ? 10  PHE A CA  1 
ATOM   41  C  C   . PHE A 1 12  ? 7.403   -2.312  0.407   1.00 15.72 ? 10  PHE A C   1 
ATOM   42  O  O   . PHE A 1 12  ? 7.544   -1.303  1.105   1.00 13.80 ? 10  PHE A O   1 
ATOM   43  C  CB  . PHE A 1 12  ? 8.563   -1.663  -1.718  1.00 13.19 ? 10  PHE A CB  1 
ATOM   44  C  CG  . PHE A 1 12  ? 8.762   -2.028  -3.173  1.00 13.61 ? 10  PHE A CG  1 
ATOM   45  C  CD1 . PHE A 1 12  ? 7.764   -2.677  -3.892  1.00 15.69 ? 10  PHE A CD1 1 
ATOM   46  C  CD2 . PHE A 1 12  ? 9.936   -1.701  -3.823  1.00 15.37 ? 10  PHE A CD2 1 
ATOM   47  C  CE1 . PHE A 1 12  ? 7.949   -3.006  -5.246  1.00 16.43 ? 10  PHE A CE1 1 
ATOM   48  C  CE2 . PHE A 1 12  ? 10.129  -2.027  -5.166  1.00 16.17 ? 10  PHE A CE2 1 
ATOM   49  C  CZ  . PHE A 1 12  ? 9.133   -2.680  -5.874  1.00 16.48 ? 10  PHE A CZ  1 
ATOM   50  N  N   . TYR A 1 13  ? 7.375   -3.539  0.916   1.00 15.60 ? 11  TYR A N   1 
ATOM   51  C  CA  . TYR A 1 13  ? 7.747   -3.778  2.302   1.00 16.26 ? 11  TYR A CA  1 
ATOM   52  C  C   . TYR A 1 13  ? 9.268   -3.612  2.419   1.00 16.92 ? 11  TYR A C   1 
ATOM   53  O  O   . TYR A 1 13  ? 10.009  -4.230  1.662   1.00 14.06 ? 11  TYR A O   1 
ATOM   54  C  CB  . TYR A 1 13  ? 7.344   -5.187  2.743   1.00 15.89 ? 11  TYR A CB  1 
ATOM   55  C  CG  . TYR A 1 13  ? 5.855   -5.500  2.628   1.00 16.62 ? 11  TYR A CG  1 
ATOM   56  C  CD1 . TYR A 1 13  ? 4.910   -4.491  2.464   1.00 17.18 ? 11  TYR A CD1 1 
ATOM   57  C  CD2 . TYR A 1 13  ? 5.396   -6.818  2.718   1.00 18.52 ? 11  TYR A CD2 1 
ATOM   58  C  CE1 . TYR A 1 13  ? 3.538   -4.788  2.364   1.00 16.41 ? 11  TYR A CE1 1 
ATOM   59  C  CE2 . TYR A 1 13  ? 4.032   -7.126  2.626   1.00 17.23 ? 11  TYR A CE2 1 
ATOM   60  C  CZ  . TYR A 1 13  ? 3.110   -6.109  2.458   1.00 18.82 ? 11  TYR A CZ  1 
ATOM   61  O  OH  . TYR A 1 13  ? 1.760   -6.423  2.377   1.00 17.82 ? 11  TYR A OH  1 
ATOM   62  N  N   . VAL A 1 14  ? 9.723   -2.773  3.351   1.00 16.42 ? 12  VAL A N   1 
ATOM   63  C  CA  . VAL A 1 14  ? 11.155  -2.561  3.563   1.00 15.95 ? 12  VAL A CA  1 
ATOM   64  C  C   . VAL A 1 14  ? 11.586  -2.731  5.033   1.00 20.25 ? 12  VAL A C   1 
ATOM   65  O  O   . VAL A 1 14  ? 10.838  -2.396  5.968   1.00 16.43 ? 12  VAL A O   1 
ATOM   66  C  CB  . VAL A 1 14  ? 11.618  -1.167  3.067   1.00 17.29 ? 12  VAL A CB  1 
ATOM   67  C  CG1 . VAL A 1 14  ? 11.329  -0.992  1.580   1.00 15.01 ? 12  VAL A CG1 1 
ATOM   68  C  CG2 . VAL A 1 14  ? 10.983  -0.035  3.893   1.00 16.53 ? 12  VAL A CG2 1 
ATOM   69  N  N   . LYS A 1 15  ? 12.795  -3.246  5.237   1.00 17.42 ? 13  LYS A N   1 
ATOM   70  C  CA  . LYS A 1 15  ? 13.324  -3.386  6.603   1.00 22.10 ? 13  LYS A CA  1 
ATOM   71  C  C   . LYS A 1 15  ? 13.547  -2.026  7.274   1.00 22.29 ? 13  LYS A C   1 
ATOM   72  O  O   . LYS A 1 15  ? 13.251  -1.839  8.460   1.00 23.83 ? 13  LYS A O   1 
ATOM   73  C  CB  . LYS A 1 15  ? 14.639  -4.170  6.605   1.00 24.93 ? 13  LYS A CB  1 
ATOM   74  C  CG  . LYS A 1 15  ? 14.490  -5.678  6.479   1.00 31.43 ? 13  LYS A CG  1 
ATOM   75  C  CD  . LYS A 1 15  ? 15.819  -6.372  6.764   1.00 36.14 ? 13  LYS A CD  1 
ATOM   76  C  CE  . LYS A 1 15  ? 15.618  -7.687  7.514   1.00 42.01 ? 13  LYS A CE  1 
ATOM   77  N  NZ  . LYS A 1 15  ? 16.916  -8.394  7.780   1.00 47.50 ? 13  LYS A NZ  1 
ATOM   78  N  N   . ASN A 1 16  ? 14.070  -1.075  6.507   1.00 20.52 ? 14  ASN A N   1 
ATOM   79  C  CA  . ASN A 1 16  ? 14.398  0.254   7.041   1.00 23.30 ? 14  ASN A CA  1 
ATOM   80  C  C   . ASN A 1 16  ? 14.032  1.357   6.062   1.00 21.54 ? 14  ASN A C   1 
ATOM   81  O  O   . ASN A 1 16  ? 14.788  1.631   5.134   1.00 23.90 ? 14  ASN A O   1 
ATOM   82  C  CB  . ASN A 1 16  ? 15.887  0.331   7.382   1.00 27.28 ? 14  ASN A CB  1 
ATOM   83  C  CG  . ASN A 1 16  ? 16.275  1.649   8.063   1.00 29.64 ? 14  ASN A CG  1 
ATOM   84  O  OD1 . ASN A 1 16  ? 15.814  2.725   7.682   1.00 29.85 ? 14  ASN A OD1 1 
ATOM   85  N  ND2 . ASN A 1 16  ? 17.139  1.559   9.064   1.00 32.62 ? 14  ASN A ND2 1 
ATOM   86  N  N   . PRO A 1 17  ? 12.866  1.992   6.267   1.00 21.33 ? 15  PRO A N   1 
ATOM   87  C  CA  . PRO A 1 17  ? 12.364  3.047   5.381   1.00 22.03 ? 15  PRO A CA  1 
ATOM   88  C  C   . PRO A 1 17  ? 13.356  4.205   5.207   1.00 27.70 ? 15  PRO A C   1 
ATOM   89  O  O   . PRO A 1 17  ? 13.412  4.796   4.124   1.00 25.76 ? 15  PRO A O   1 
ATOM   90  C  CB  . PRO A 1 17  ? 11.090  3.507   6.081   1.00 25.48 ? 15  PRO A CB  1 
ATOM   91  C  CG  . PRO A 1 17  ? 10.630  2.293   6.836   1.00 23.94 ? 15  PRO A CG  1 
ATOM   92  C  CD  . PRO A 1 17  ? 11.893  1.645   7.319   1.00 23.76 ? 15  PRO A CD  1 
ATOM   93  N  N   . ALA A 1 18  ? 14.132  4.514   6.242   1.00 27.80 ? 16  ALA A N   1 
ATOM   94  C  CA  . ALA A 1 18  ? 15.135  5.570   6.137   1.00 29.84 ? 16  ALA A CA  1 
ATOM   95  C  C   . ALA A 1 18  ? 16.187  5.219   5.096   1.00 26.80 ? 16  ALA A C   1 
ATOM   96  O  O   . ALA A 1 18  ? 16.481  6.018   4.209   1.00 28.36 ? 16  ALA A O   1 
ATOM   97  C  CB  . ALA A 1 18  ? 15.800  5.843   7.504   1.00 31.68 ? 16  ALA A CB  1 
ATOM   98  N  N   . LYS A 1 19  ? 16.757  4.022   5.211   1.00 27.22 ? 17  LYS A N   1 
ATOM   99  C  CA  . LYS A 1 19  ? 17.776  3.572   4.273   1.00 26.17 ? 17  LYS A CA  1 
ATOM   100 C  C   . LYS A 1 19  ? 17.222  3.292   2.870   1.00 25.84 ? 17  LYS A C   1 
ATOM   101 O  O   . LYS A 1 19  ? 17.908  3.512   1.869   1.00 22.49 ? 17  LYS A O   1 
ATOM   102 C  CB  . LYS A 1 19  ? 18.498  2.335   4.804   1.00 28.53 ? 17  LYS A CB  1 
ATOM   103 C  CG  . LYS A 1 19  ? 19.207  2.566   6.128   1.00 37.29 ? 17  LYS A CG  1 
ATOM   104 C  CD  . LYS A 1 19  ? 20.313  1.544   6.337   1.00 42.94 ? 17  LYS A CD  1 
ATOM   105 C  CE  . LYS A 1 19  ? 20.980  1.709   7.696   1.00 46.79 ? 17  LYS A CE  1 
ATOM   106 N  NZ  . LYS A 1 19  ? 22.230  0.896   7.786   1.00 51.22 ? 17  LYS A NZ  1 
ATOM   107 N  N   . SER A 1 20  ? 15.996  2.792   2.798   1.00 20.62 ? 18  SER A N   1 
ATOM   108 C  CA  A SER A 1 20  ? 15.376  2.527   1.509   0.38 20.65 ? 18  SER A CA  1 
ATOM   109 C  CA  B SER A 1 20  ? 15.359  2.530   1.516   0.62 20.65 ? 18  SER A CA  1 
ATOM   110 C  C   . SER A 1 20  ? 15.102  3.829   0.769   1.00 20.17 ? 18  SER A C   1 
ATOM   111 O  O   . SER A 1 20  ? 15.273  3.906   -0.450  1.00 18.42 ? 18  SER A O   1 
ATOM   112 C  CB  A SER A 1 20  ? 14.081  1.725   1.672   0.38 18.27 ? 18  SER A CB  1 
ATOM   113 C  CB  B SER A 1 20  ? 14.047  1.760   1.711   0.62 18.39 ? 18  SER A CB  1 
ATOM   114 O  OG  A SER A 1 20  ? 13.573  1.342   0.405   0.38 17.13 ? 18  SER A OG  1 
ATOM   115 O  OG  B SER A 1 20  ? 14.304  0.419   2.074   0.62 17.84 ? 18  SER A OG  1 
ATOM   116 N  N   . GLU A 1 21  ? 14.683  4.844   1.512   1.00 20.27 ? 19  GLU A N   1 
ATOM   117 C  CA  . GLU A 1 21  ? 14.386  6.153   0.948   1.00 22.25 ? 19  GLU A CA  1 
ATOM   118 C  C   . GLU A 1 21  ? 15.629  6.772   0.315   1.00 23.82 ? 19  GLU A C   1 
ATOM   119 O  O   . GLU A 1 21  ? 15.544  7.432   -0.718  1.00 23.88 ? 19  GLU A O   1 
ATOM   120 C  CB  . GLU A 1 21  ? 13.836  7.072   2.045   1.00 25.11 ? 19  GLU A CB  1 
ATOM   121 C  CG  . GLU A 1 21  ? 13.403  8.444   1.577   1.00 26.80 ? 19  GLU A CG  1 
ATOM   122 C  CD  . GLU A 1 21  ? 14.544  9.458   1.537   1.00 31.58 ? 19  GLU A CD  1 
ATOM   123 O  OE1 . GLU A 1 21  ? 14.480  10.394  0.711   1.00 30.49 ? 19  GLU A OE1 1 
ATOM   124 O  OE2 . GLU A 1 21  ? 15.503  9.327   2.328   1.00 33.84 ? 19  GLU A OE2 1 
ATOM   125 N  N   . GLU A 1 22  ? 16.783  6.562   0.938   1.00 24.47 ? 20  GLU A N   1 
ATOM   126 C  CA  . GLU A 1 22  ? 18.035  7.072   0.383   1.00 24.81 ? 20  GLU A CA  1 
ATOM   127 C  C   . GLU A 1 22  ? 18.395  6.317   -0.890  1.00 24.07 ? 20  GLU A C   1 
ATOM   128 O  O   . GLU A 1 22  ? 18.842  6.918   -1.882  1.00 23.33 ? 20  GLU A O   1 
ATOM   129 C  CB  . GLU A 1 22  ? 19.170  6.963   1.402   1.00 27.47 ? 20  GLU A CB  1 
ATOM   130 C  CG  . GLU A 1 22  ? 19.074  7.965   2.548   1.00 30.74 ? 20  GLU A CG  1 
ATOM   131 C  CD  . GLU A 1 22  ? 19.049  9.409   2.066   1.00 37.11 ? 20  GLU A CD  1 
ATOM   132 O  OE1 . GLU A 1 22  ? 19.996  9.824   1.354   1.00 37.01 ? 20  GLU A OE1 1 
ATOM   133 O  OE2 . GLU A 1 22  ? 18.078  10.127  2.403   1.00 38.49 ? 20  GLU A OE2 1 
ATOM   134 N  N   . PHE A 1 23  ? 18.213  4.998   -0.856  1.00 18.99 ? 21  PHE A N   1 
ATOM   135 C  CA  . PHE A 1 23  ? 18.441  4.182   -2.038  1.00 19.69 ? 21  PHE A CA  1 
ATOM   136 C  C   . PHE A 1 23  ? 17.630  4.722   -3.213  1.00 19.59 ? 21  PHE A C   1 
ATOM   137 O  O   . PHE A 1 23  ? 18.162  4.981   -4.277  1.00 18.68 ? 21  PHE A O   1 
ATOM   138 C  CB  . PHE A 1 23  ? 18.083  2.714   -1.779  1.00 19.35 ? 21  PHE A CB  1 
ATOM   139 C  CG  . PHE A 1 23  ? 18.219  1.836   -3.000  1.00 20.13 ? 21  PHE A CG  1 
ATOM   140 C  CD1 . PHE A 1 23  ? 19.458  1.324   -3.371  1.00 19.05 ? 21  PHE A CD1 1 
ATOM   141 C  CD2 . PHE A 1 23  ? 17.119  1.543   -3.782  1.00 17.45 ? 21  PHE A CD2 1 
ATOM   142 C  CE1 . PHE A 1 23  ? 19.586  0.521   -4.492  1.00 17.87 ? 21  PHE A CE1 1 
ATOM   143 C  CE2 . PHE A 1 23  ? 17.234  0.751   -4.897  1.00 19.36 ? 21  PHE A CE2 1 
ATOM   144 C  CZ  . PHE A 1 23  ? 18.477  0.230   -5.258  1.00 18.00 ? 21  PHE A CZ  1 
ATOM   145 N  N   . TYR A 1 24  ? 16.335  4.916   -3.001  1.00 19.23 ? 22  TYR A N   1 
ATOM   146 C  CA  . TYR A 1 24  ? 15.451  5.359   -4.073  1.00 20.50 ? 22  TYR A CA  1 
ATOM   147 C  C   . TYR A 1 24  ? 15.650  6.834   -4.487  1.00 23.68 ? 22  TYR A C   1 
ATOM   148 O  O   . TYR A 1 24  ? 15.590  7.165   -5.673  1.00 21.79 ? 22  TYR A O   1 
ATOM   149 C  CB  . TYR A 1 24  ? 13.990  5.027   -3.727  1.00 18.13 ? 22  TYR A CB  1 
ATOM   150 C  CG  . TYR A 1 24  ? 13.699  3.564   -3.972  1.00 15.71 ? 22  TYR A CG  1 
ATOM   151 C  CD1 . TYR A 1 24  ? 13.508  3.095   -5.260  1.00 15.59 ? 22  TYR A CD1 1 
ATOM   152 C  CD2 . TYR A 1 24  ? 13.671  2.643   -2.926  1.00 15.23 ? 22  TYR A CD2 1 
ATOM   153 C  CE1 . TYR A 1 24  ? 13.269  1.758   -5.510  1.00 14.66 ? 22  TYR A CE1 1 
ATOM   154 C  CE2 . TYR A 1 24  ? 13.424  1.290   -3.164  1.00 12.91 ? 22  TYR A CE2 1 
ATOM   155 C  CZ  . TYR A 1 24  ? 13.226  0.864   -4.460  1.00 14.18 ? 22  TYR A CZ  1 
ATOM   156 O  OH  . TYR A 1 24  ? 12.990  -0.460  -4.730  1.00 15.25 ? 22  TYR A OH  1 
ATOM   157 N  N   . LYS A 1 25  ? 15.904  7.710   -3.520  1.00 21.96 ? 23  LYS A N   1 
ATOM   158 C  CA  . LYS A 1 25  ? 16.228  9.091   -3.848  1.00 24.91 ? 23  LYS A CA  1 
ATOM   159 C  C   . LYS A 1 25  ? 17.415  9.101   -4.818  1.00 26.00 ? 23  LYS A C   1 
ATOM   160 O  O   . LYS A 1 25  ? 17.402  9.805   -5.820  1.00 25.81 ? 23  LYS A O   1 
ATOM   161 C  CB  . LYS A 1 25  ? 16.546  9.896   -2.587  1.00 26.08 ? 23  LYS A CB  1 
ATOM   162 C  CG  . LYS A 1 25  ? 17.428  11.131  -2.831  1.00 34.87 ? 23  LYS A CG  1 
ATOM   163 C  CD  . LYS A 1 25  ? 16.728  12.162  -3.704  1.00 35.05 ? 23  LYS A CD  1 
ATOM   164 C  CE  . LYS A 1 25  ? 17.665  13.304  -4.127  1.00 39.19 ? 23  LYS A CE  1 
ATOM   165 N  NZ  . LYS A 1 25  ? 18.637  12.894  -5.197  1.00 40.29 ? 23  LYS A NZ  1 
ATOM   166 N  N   . ASN A 1 26  ? 18.418  8.282   -4.523  1.00 25.44 ? 24  ASN A N   1 
ATOM   167 C  CA  . ASN A 1 26  ? 19.612  8.182   -5.354  1.00 25.88 ? 24  ASN A CA  1 
ATOM   168 C  C   . ASN A 1 26  ? 19.299  7.555   -6.703  1.00 27.26 ? 24  ASN A C   1 
ATOM   169 O  O   . ASN A 1 26  ? 19.713  8.067   -7.751  1.00 24.72 ? 24  ASN A O   1 
ATOM   170 C  CB  . ASN A 1 26  ? 20.681  7.356   -4.637  1.00 25.90 ? 24  ASN A CB  1 
ATOM   171 C  CG  . ASN A 1 26  ? 22.016  7.368   -5.359  1.00 30.39 ? 24  ASN A CG  1 
ATOM   172 O  OD1 . ASN A 1 26  ? 22.638  6.321   -5.557  1.00 31.05 ? 24  ASN A OD1 1 
ATOM   173 N  ND2 . ASN A 1 26  ? 22.469  8.556   -5.750  1.00 33.79 ? 24  ASN A ND2 1 
ATOM   174 N  N   . LEU A 1 27  ? 18.575  6.438   -6.672  1.00 23.56 ? 25  LEU A N   1 
ATOM   175 C  CA  . LEU A 1 27  ? 18.244  5.727   -7.894  1.00 24.37 ? 25  LEU A CA  1 
ATOM   176 C  C   . LEU A 1 27  ? 17.430  6.602   -8.831  1.00 25.66 ? 25  LEU A C   1 
ATOM   177 O  O   . LEU A 1 27  ? 17.700  6.678   -10.025 1.00 26.48 ? 25  LEU A O   1 
ATOM   178 C  CB  . LEU A 1 27  ? 17.478  4.435   -7.596  1.00 20.05 ? 25  LEU A CB  1 
ATOM   179 C  CG  . LEU A 1 27  ? 17.076  3.645   -8.850  1.00 21.76 ? 25  LEU A CG  1 
ATOM   180 C  CD1 . LEU A 1 27  ? 17.095  2.151   -8.605  1.00 25.88 ? 25  LEU A CD1 1 
ATOM   181 C  CD2 . LEU A 1 27  ? 15.717  4.066   -9.377  1.00 26.93 ? 25  LEU A CD2 1 
ATOM   182 N  N   . LEU A 1 28  ? 16.432  7.267   -8.269  1.00 26.19 ? 26  LEU A N   1 
ATOM   183 C  CA  . LEU A 1 28  ? 15.445  7.977   -9.063  1.00 26.71 ? 26  LEU A CA  1 
ATOM   184 C  C   . LEU A 1 28  ? 15.865  9.416   -9.307  1.00 26.24 ? 26  LEU A C   1 
ATOM   185 O  O   . LEU A 1 28  ? 15.265  10.107  -10.122 1.00 25.34 ? 26  LEU A O   1 
ATOM   186 C  CB  . LEU A 1 28  ? 14.094  7.958   -8.349  1.00 25.60 ? 26  LEU A CB  1 
ATOM   187 C  CG  . LEU A 1 28  ? 13.429  6.608   -8.104  1.00 28.87 ? 26  LEU A CG  1 
ATOM   188 C  CD1 . LEU A 1 28  ? 12.195  6.793   -7.221  1.00 23.54 ? 26  LEU A CD1 1 
ATOM   189 C  CD2 . LEU A 1 28  ? 13.057  5.956   -9.437  1.00 29.68 ? 26  LEU A CD2 1 
ATOM   190 N  N   . ASP A 1 29  ? 16.892  9.858   -8.592  1.00 25.63 ? 27  ASP A N   1 
ATOM   191 C  CA  . ASP A 1 29  ? 17.315  11.253  -8.634  1.00 27.86 ? 27  ASP A CA  1 
ATOM   192 C  C   . ASP A 1 29  ? 16.111  12.151  -8.398  1.00 28.81 ? 27  ASP A C   1 
ATOM   193 O  O   . ASP A 1 29  ? 15.930  13.166  -9.064  1.00 28.02 ? 27  ASP A O   1 
ATOM   194 C  CB  . ASP A 1 29  ? 18.001  11.585  -9.957  1.00 28.65 ? 27  ASP A CB  1 
ATOM   195 C  CG  . ASP A 1 29  ? 19.392  10.982  -10.055 1.00 33.22 ? 27  ASP A CG  1 
ATOM   196 O  OD1 . ASP A 1 29  ? 20.175  11.100  -9.081  1.00 35.43 ? 27  ASP A OD1 1 
ATOM   197 O  OD2 . ASP A 1 29  ? 19.711  10.394  -11.111 1.00 34.87 ? 27  ASP A OD2 1 
ATOM   198 N  N   . THR A 1 30  ? 15.282  11.757  -7.438  1.00 30.02 ? 28  THR A N   1 
ATOM   199 C  CA  . THR A 1 30  ? 14.090  12.512  -7.092  1.00 29.38 ? 28  THR A CA  1 
ATOM   200 C  C   . THR A 1 30  ? 13.911  12.505  -5.587  1.00 30.31 ? 28  THR A C   1 
ATOM   201 O  O   . THR A 1 30  ? 14.289  11.550  -4.903  1.00 27.85 ? 28  THR A O   1 
ATOM   202 C  CB  . THR A 1 30  ? 12.830  11.915  -7.742  1.00 32.01 ? 28  THR A CB  1 
ATOM   203 O  OG1 . THR A 1 30  ? 11.709  12.773  -7.497  1.00 38.06 ? 28  THR A OG1 1 
ATOM   204 C  CG2 . THR A 1 30  ? 12.524  10.557  -7.147  1.00 31.82 ? 28  THR A CG2 1 
ATOM   205 N  N   . GLN A 1 31  ? 13.341  13.582  -5.069  1.00 29.04 ? 29  GLN A N   1 
ATOM   206 C  CA  . GLN A 1 31  ? 13.031  13.659  -3.656  1.00 29.88 ? 29  GLN A CA  1 
ATOM   207 C  C   . GLN A 1 31  ? 11.694  12.966  -3.419  1.00 24.12 ? 29  GLN A C   1 
ATOM   208 O  O   . GLN A 1 31  ? 10.786  13.084  -4.233  1.00 24.83 ? 29  GLN A O   1 
ATOM   209 C  CB  . GLN A 1 31  ? 12.934  15.126  -3.231  1.00 33.64 ? 29  GLN A CB  1 
ATOM   210 C  CG  . GLN A 1 31  ? 13.459  15.399  -1.838  1.00 35.03 ? 29  GLN A CG  1 
ATOM   211 C  CD  . GLN A 1 31  ? 14.941  15.108  -1.712  1.00 33.92 ? 29  GLN A CD  1 
ATOM   212 O  OE1 . GLN A 1 31  ? 15.413  14.684  -0.658  1.00 36.56 ? 29  GLN A OE1 1 
ATOM   213 N  NE2 . GLN A 1 31  ? 15.686  15.334  -2.792  1.00 40.15 ? 29  GLN A NE2 1 
ATOM   214 N  N   . PRO A 1 32  ? 11.559  12.239  -2.305  1.00 24.10 ? 30  PRO A N   1 
ATOM   215 C  CA  . PRO A 1 32  ? 10.218  11.717  -2.027  1.00 24.25 ? 30  PRO A CA  1 
ATOM   216 C  C   . PRO A 1 32  ? 9.279   12.879  -1.704  1.00 23.55 ? 30  PRO A C   1 
ATOM   217 O  O   . PRO A 1 32  ? 9.736   13.862  -1.126  1.00 24.96 ? 30  PRO A O   1 
ATOM   218 C  CB  . PRO A 1 32  ? 10.435  10.843  -0.790  1.00 21.37 ? 30  PRO A CB  1 
ATOM   219 C  CG  . PRO A 1 32  ? 11.613  11.407  -0.127  1.00 23.51 ? 30  PRO A CG  1 
ATOM   220 C  CD  . PRO A 1 32  ? 12.507  11.952  -1.216  1.00 28.09 ? 30  PRO A CD  1 
ATOM   221 N  N   . ILE A 1 33  ? 8.009   12.787  -2.081  1.00 22.84 ? 31  ILE A N   1 
ATOM   222 C  CA  . ILE A 1 33  ? 7.043   13.812  -1.688  1.00 24.53 ? 31  ILE A CA  1 
ATOM   223 C  C   . ILE A 1 33  ? 6.715   13.724  -0.190  1.00 25.12 ? 31  ILE A C   1 
ATOM   224 O  O   . ILE A 1 33  ? 6.242   14.685  0.412   1.00 24.56 ? 31  ILE A O   1 
ATOM   225 C  CB  . ILE A 1 33  ? 5.740   13.736  -2.490  1.00 26.01 ? 31  ILE A CB  1 
ATOM   226 C  CG1 . ILE A 1 33  ? 4.991   12.446  -2.174  1.00 25.73 ? 31  ILE A CG1 1 
ATOM   227 C  CG2 . ILE A 1 33  ? 6.012   13.896  -3.996  1.00 30.71 ? 31  ILE A CG2 1 
ATOM   228 C  CD1 . ILE A 1 33  ? 3.608   12.395  -2.764  1.00 31.49 ? 31  ILE A CD1 1 
ATOM   229 N  N   . GLU A 1 34  ? 6.972   12.567  0.410   1.00 22.20 ? 32  GLU A N   1 
ATOM   230 C  CA  . GLU A 1 34  ? 6.747   12.399  1.837   1.00 24.28 ? 32  GLU A CA  1 
ATOM   231 C  C   . GLU A 1 34  ? 7.700   11.362  2.401   1.00 25.69 ? 32  GLU A C   1 
ATOM   232 O  O   . GLU A 1 34  ? 8.020   10.374  1.729   1.00 22.97 ? 32  GLU A O   1 
ATOM   233 C  CB  . GLU A 1 34  ? 5.285   11.996  2.099   1.00 25.92 ? 32  GLU A CB  1 
ATOM   234 C  CG  . GLU A 1 34  ? 4.949   11.781  3.558   1.00 32.21 ? 32  GLU A CG  1 
ATOM   235 C  CD  . GLU A 1 34  ? 5.354   10.407  4.058   1.00 31.77 ? 32  GLU A CD  1 
ATOM   236 O  OE1 . GLU A 1 34  ? 5.444   10.212  5.293   1.00 33.12 ? 32  GLU A OE1 1 
ATOM   237 O  OE2 . GLU A 1 34  ? 5.569   9.516   3.210   1.00 30.21 ? 32  GLU A OE2 1 
ATOM   238 N  N   . SER A 1 35  ? 8.168   11.596  3.626   1.00 23.15 ? 33  SER A N   1 
ATOM   239 C  CA  . SER A 1 35  ? 9.013   10.626  4.310   1.00 24.67 ? 33  SER A CA  1 
ATOM   240 C  C   . SER A 1 35  ? 8.787   10.652  5.827   1.00 26.84 ? 33  SER A C   1 
ATOM   241 O  O   . SER A 1 35  ? 8.371   11.668  6.392   1.00 25.22 ? 33  SER A O   1 
ATOM   242 C  CB  . SER A 1 35  ? 10.490  10.834  3.969   1.00 28.19 ? 33  SER A CB  1 
ATOM   243 O  OG  . SER A 1 35  ? 10.965  12.063  4.483   1.00 32.64 ? 33  SER A OG  1 
ATOM   244 N  N   . SER A 1 36  ? 9.050   9.519   6.467   1.00 23.07 ? 34  SER A N   1 
ATOM   245 C  CA  . SER A 1 36  ? 8.874   9.364   7.902   1.00 23.73 ? 34  SER A CA  1 
ATOM   246 C  C   . SER A 1 36  ? 9.610   8.100   8.325   1.00 23.03 ? 34  SER A C   1 
ATOM   247 O  O   . SER A 1 36  ? 10.038  7.328   7.476   1.00 25.15 ? 34  SER A O   1 
ATOM   248 C  CB  . SER A 1 36  ? 7.382   9.271   8.260   1.00 23.38 ? 34  SER A CB  1 
ATOM   249 O  OG  . SER A 1 36  ? 6.880   7.966   8.016   1.00 24.02 ? 34  SER A OG  1 
ATOM   250 N  N   . PRO A 1 37  ? 9.764   7.884   9.636   1.00 22.73 ? 35  PRO A N   1 
ATOM   251 C  CA  . PRO A 1 37  ? 10.480  6.686   10.088  1.00 25.67 ? 35  PRO A CA  1 
ATOM   252 C  C   . PRO A 1 37  ? 9.806   5.385   9.620   1.00 24.25 ? 35  PRO A C   1 
ATOM   253 O  O   . PRO A 1 37  ? 10.465  4.351   9.547   1.00 23.61 ? 35  PRO A O   1 
ATOM   254 C  CB  . PRO A 1 37  ? 10.422  6.796   11.618  1.00 27.12 ? 35  PRO A CB  1 
ATOM   255 C  CG  . PRO A 1 37  ? 10.212  8.253   11.895  1.00 25.42 ? 35  PRO A CG  1 
ATOM   256 C  CD  . PRO A 1 37  ? 9.372   8.759   10.755  1.00 24.43 ? 35  PRO A CD  1 
ATOM   257 N  N   . THR A 1 38  ? 8.522   5.449   9.291   1.00 21.38 ? 36  THR A N   1 
ATOM   258 C  CA  . THR A 1 38  ? 7.764   4.249   8.940   1.00 22.87 ? 36  THR A CA  1 
ATOM   259 C  C   . THR A 1 38  ? 7.342   4.159   7.466   1.00 22.17 ? 36  THR A C   1 
ATOM   260 O  O   . THR A 1 38  ? 6.950   3.093   7.002   1.00 20.42 ? 36  THR A O   1 
ATOM   261 C  CB  . THR A 1 38  ? 6.510   4.096   9.838   1.00 24.05 ? 36  THR A CB  1 
ATOM   262 O  OG1 . THR A 1 38  ? 5.909   2.821   9.602   1.00 36.96 ? 36  THR A OG1 1 
ATOM   263 C  CG2 . THR A 1 38  ? 5.498   5.174   9.537   1.00 18.70 ? 36  THR A CG2 1 
ATOM   264 N  N   . PHE A 1 39  ? 7.427   5.263   6.730   1.00 21.55 ? 37  PHE A N   1 
ATOM   265 C  CA  . PHE A 1 39  ? 6.898   5.287   5.366   1.00 20.88 ? 37  PHE A CA  1 
ATOM   266 C  C   . PHE A 1 39  ? 7.533   6.394   4.531   1.00 23.77 ? 37  PHE A C   1 
ATOM   267 O  O   . PHE A 1 39  ? 7.766   7.496   5.029   1.00 23.95 ? 37  PHE A O   1 
ATOM   268 C  CB  . PHE A 1 39  ? 5.373   5.468   5.402   1.00 22.05 ? 37  PHE A CB  1 
ATOM   269 C  CG  . PHE A 1 39  ? 4.709   5.343   4.056   1.00 23.68 ? 37  PHE A CG  1 
ATOM   270 C  CD1 . PHE A 1 39  ? 4.308   6.473   3.360   1.00 22.07 ? 37  PHE A CD1 1 
ATOM   271 C  CD2 . PHE A 1 39  ? 4.480   4.096   3.489   1.00 21.66 ? 37  PHE A CD2 1 
ATOM   272 C  CE1 . PHE A 1 39  ? 3.695   6.364   2.127   1.00 23.74 ? 37  PHE A CE1 1 
ATOM   273 C  CE2 . PHE A 1 39  ? 3.871   3.976   2.246   1.00 20.39 ? 37  PHE A CE2 1 
ATOM   274 C  CZ  . PHE A 1 39  ? 3.476   5.110   1.565   1.00 23.21 ? 37  PHE A CZ  1 
ATOM   275 N  N   . ALA A 1 40  ? 7.825   6.097   3.266   1.00 19.60 ? 38  ALA A N   1 
ATOM   276 C  CA  . ALA A 1 40  ? 8.212   7.139   2.320   1.00 20.47 ? 38  ALA A CA  1 
ATOM   277 C  C   . ALA A 1 40  ? 7.457   6.934   1.015   1.00 21.85 ? 38  ALA A C   1 
ATOM   278 O  O   . ALA A 1 40  ? 7.127   5.799   0.648   1.00 20.54 ? 38  ALA A O   1 
ATOM   279 C  CB  . ALA A 1 40  ? 9.716   7.149   2.091   1.00 20.44 ? 38  ALA A CB  1 
HETATM 280 N  N   . MSE A 1 41  ? 7.149   8.026   0.331   1.00 18.54 ? 39  MSE A N   1 
HETATM 281 C  CA  . MSE A 1 41  ? 6.472   7.922   -0.945  1.00 20.14 ? 39  MSE A CA  1 
HETATM 282 C  C   . MSE A 1 41  ? 7.161   8.713   -2.047  1.00 21.63 ? 39  MSE A C   1 
HETATM 283 O  O   . MSE A 1 41  ? 7.486   9.892   -1.864  1.00 21.53 ? 39  MSE A O   1 
HETATM 284 C  CB  . MSE A 1 41  ? 5.025   8.384   -0.841  1.00 23.93 ? 39  MSE A CB  1 
HETATM 285 C  CG  . MSE A 1 41  ? 4.385   8.450   -2.218  1.00 25.91 ? 39  MSE A CG  1 
HETATM 286 SE SE  . MSE A 1 41  ? 2.489   8.157   -2.216  1.00 49.05 ? 39  MSE A SE  1 
HETATM 287 C  CE  . MSE A 1 41  ? 1.950   9.843   -1.401  1.00 41.71 ? 39  MSE A CE  1 
ATOM   288 N  N   . PHE A 1 42  ? 7.352   8.060   -3.190  1.00 18.01 ? 40  PHE A N   1 
ATOM   289 C  CA  . PHE A 1 42  ? 7.908   8.701   -4.383  1.00 20.81 ? 40  PHE A CA  1 
ATOM   290 C  C   . PHE A 1 42  ? 6.851   8.737   -5.474  1.00 21.08 ? 40  PHE A C   1 
ATOM   291 O  O   . PHE A 1 42  ? 6.085   7.785   -5.662  1.00 20.26 ? 40  PHE A O   1 
ATOM   292 C  CB  . PHE A 1 42  ? 9.155   7.963   -4.904  1.00 18.55 ? 40  PHE A CB  1 
ATOM   293 C  CG  . PHE A 1 42  ? 10.351  8.058   -4.000  1.00 18.40 ? 40  PHE A CG  1 
ATOM   294 C  CD1 . PHE A 1 42  ? 10.505  7.184   -2.936  1.00 17.99 ? 40  PHE A CD1 1 
ATOM   295 C  CD2 . PHE A 1 42  ? 11.326  9.015   -4.221  1.00 20.55 ? 40  PHE A CD2 1 
ATOM   296 C  CE1 . PHE A 1 42  ? 11.606  7.263   -2.107  1.00 20.08 ? 40  PHE A CE1 1 
ATOM   297 C  CE2 . PHE A 1 42  ? 12.433  9.103   -3.397  1.00 21.07 ? 40  PHE A CE2 1 
ATOM   298 C  CZ  . PHE A 1 42  ? 12.572  8.223   -2.332  1.00 21.61 ? 40  PHE A CZ  1 
ATOM   299 N  N   . VAL A 1 43  ? 6.806   9.847   -6.194  1.00 20.19 ? 41  VAL A N   1 
ATOM   300 C  CA  . VAL A 1 43  ? 5.895   9.978   -7.304  1.00 25.32 ? 41  VAL A CA  1 
ATOM   301 C  C   . VAL A 1 43  ? 6.677   10.273  -8.569  1.00 31.79 ? 41  VAL A C   1 
ATOM   302 O  O   . VAL A 1 43  ? 7.422   11.251  -8.631  1.00 30.11 ? 41  VAL A O   1 
ATOM   303 C  CB  . VAL A 1 43  ? 4.864   11.082  -7.043  1.00 28.87 ? 41  VAL A CB  1 
ATOM   304 C  CG1 . VAL A 1 43  ? 4.029   11.316  -8.281  1.00 28.55 ? 41  VAL A CG1 1 
ATOM   305 C  CG2 . VAL A 1 43  ? 3.997   10.706  -5.856  1.00 23.86 ? 41  VAL A CG2 1 
HETATM 306 N  N   . MSE A 1 44  ? 6.517   9.408   -9.569  1.00 32.21 ? 42  MSE A N   1 
HETATM 307 C  CA  . MSE A 1 44  ? 7.207   9.572   -10.841 1.00 34.42 ? 42  MSE A CA  1 
HETATM 308 C  C   . MSE A 1 44  ? 6.621   10.715  -11.650 1.00 34.42 ? 42  MSE A C   1 
HETATM 309 O  O   . MSE A 1 44  ? 5.414   10.917  -11.674 1.00 35.39 ? 42  MSE A O   1 
HETATM 310 C  CB  . MSE A 1 44  ? 7.105   8.302   -11.679 1.00 35.48 ? 42  MSE A CB  1 
HETATM 311 C  CG  . MSE A 1 44  ? 7.466   7.044   -10.943 1.00 35.79 ? 42  MSE A CG  1 
HETATM 312 SE SE  . MSE A 1 44  ? 9.239   7.173   -10.143 1.00 64.01 ? 42  MSE A SE  1 
HETATM 313 C  CE  . MSE A 1 44  ? 9.319   5.345   -9.465  1.00 38.66 ? 42  MSE A CE  1 
ATOM   314 N  N   . LYS A 1 45  ? 7.492   11.453  -12.322 1.00 41.14 ? 43  LYS A N   1 
ATOM   315 C  CA  . LYS A 1 45  ? 7.064   12.423  -13.312 1.00 43.19 ? 43  LYS A CA  1 
ATOM   316 C  C   . LYS A 1 45  ? 6.044   11.734  -14.215 1.00 41.18 ? 43  LYS A C   1 
ATOM   317 O  O   . LYS A 1 45  ? 5.042   12.328  -14.614 1.00 40.47 ? 43  LYS A O   1 
ATOM   318 C  CB  . LYS A 1 45  ? 8.274   12.897  -14.120 1.00 46.32 ? 43  LYS A CB  1 
ATOM   319 C  CG  . LYS A 1 45  ? 8.016   14.116  -14.983 1.00 53.15 ? 43  LYS A CG  1 
ATOM   320 C  CD  . LYS A 1 45  ? 9.283   14.560  -15.697 1.00 57.96 ? 43  LYS A CD  1 
ATOM   321 C  CE  . LYS A 1 45  ? 9.010   15.752  -16.602 1.00 59.56 ? 43  LYS A CE  1 
ATOM   322 N  NZ  . LYS A 1 45  ? 7.896   15.469  -17.552 1.00 59.85 ? 43  LYS A NZ  1 
ATOM   323 N  N   . THR A 1 46  ? 6.300   10.461  -14.497 1.00 39.72 ? 44  THR A N   1 
ATOM   324 C  CA  . THR A 1 46  ? 5.404   9.631   -15.293 1.00 40.74 ? 44  THR A CA  1 
ATOM   325 C  C   . THR A 1 46  ? 4.074   9.313   -14.606 1.00 38.83 ? 44  THR A C   1 
ATOM   326 O  O   . THR A 1 46  ? 3.132   8.859   -15.253 1.00 41.45 ? 44  THR A O   1 
ATOM   327 C  CB  . THR A 1 46  ? 6.058   8.281   -15.639 1.00 38.97 ? 44  THR A CB  1 
ATOM   328 O  OG1 . THR A 1 46  ? 7.347   8.496   -16.218 1.00 39.81 ? 44  THR A OG1 1 
ATOM   329 C  CG2 . THR A 1 46  ? 5.183   7.533   -16.609 1.00 39.54 ? 44  THR A CG2 1 
ATOM   330 N  N   . GLY A 1 47  ? 4.004   9.515   -13.296 1.00 36.42 ? 45  GLY A N   1 
ATOM   331 C  CA  . GLY A 1 47  ? 2.757   9.314   -12.577 1.00 36.55 ? 45  GLY A CA  1 
ATOM   332 C  C   . GLY A 1 47  ? 2.704   8.111   -11.645 1.00 34.71 ? 45  GLY A C   1 
ATOM   333 O  O   . GLY A 1 47  ? 1.864   8.061   -10.747 1.00 31.85 ? 45  GLY A O   1 
ATOM   334 N  N   . LEU A 1 48  ? 3.583   7.133   -11.850 1.00 32.48 ? 46  LEU A N   1 
ATOM   335 C  CA  . LEU A 1 48  ? 3.604   5.977   -10.954 1.00 29.88 ? 46  LEU A CA  1 
ATOM   336 C  C   . LEU A 1 48  ? 3.960   6.389   -9.524  1.00 24.76 ? 46  LEU A C   1 
ATOM   337 O  O   . LEU A 1 48  ? 4.863   7.204   -9.300  1.00 25.65 ? 46  LEU A O   1 
ATOM   338 C  CB  . LEU A 1 48  ? 4.554   4.883   -11.461 1.00 28.86 ? 46  LEU A CB  1 
ATOM   339 C  CG  . LEU A 1 48  ? 4.523   3.587   -10.634 1.00 32.03 ? 46  LEU A CG  1 
ATOM   340 C  CD1 . LEU A 1 48  ? 4.527   2.342   -11.522 1.00 27.75 ? 46  LEU A CD1 1 
ATOM   341 C  CD2 . LEU A 1 48  ? 5.662   3.548   -9.601  1.00 26.65 ? 46  LEU A CD2 1 
ATOM   342 N  N   . ARG A 1 49  ? 3.239   5.833   -8.561  1.00 20.85 ? 47  ARG A N   1 
ATOM   343 C  CA  . ARG A 1 49  ? 3.489   6.128   -7.156  1.00 20.85 ? 47  ARG A CA  1 
ATOM   344 C  C   . ARG A 1 49  ? 4.093   4.917   -6.448  1.00 18.15 ? 47  ARG A C   1 
ATOM   345 O  O   . ARG A 1 49  ? 3.556   3.811   -6.526  1.00 18.06 ? 47  ARG A O   1 
ATOM   346 C  CB  . ARG A 1 49  ? 2.194   6.555   -6.458  1.00 20.39 ? 47  ARG A CB  1 
ATOM   347 C  CG  . ARG A 1 49  ? 1.582   7.839   -7.003  1.00 26.20 ? 47  ARG A CG  1 
ATOM   348 C  CD  . ARG A 1 49  ? 0.511   8.393   -6.048  1.00 25.98 ? 47  ARG A CD  1 
ATOM   349 N  NE  . ARG A 1 49  ? -0.567  7.435   -5.813  1.00 27.26 ? 47  ARG A NE  1 
ATOM   350 C  CZ  . ARG A 1 49  ? -1.428  7.501   -4.799  1.00 27.55 ? 47  ARG A CZ  1 
ATOM   351 N  NH1 . ARG A 1 49  ? -1.334  8.477   -3.909  1.00 28.34 ? 47  ARG A NH1 1 
ATOM   352 N  NH2 . ARG A 1 49  ? -2.381  6.583   -4.667  1.00 23.15 ? 47  ARG A NH2 1 
ATOM   353 N  N   . LEU A 1 50  ? 5.201   5.135   -5.756  1.00 17.09 ? 48  LEU A N   1 
ATOM   354 C  CA  . LEU A 1 50  ? 5.901   4.062   -5.056  1.00 16.76 ? 48  LEU A CA  1 
ATOM   355 C  C   . LEU A 1 50  ? 6.044   4.374   -3.570  1.00 18.57 ? 48  LEU A C   1 
ATOM   356 O  O   . LEU A 1 50  ? 6.651   5.393   -3.183  1.00 17.17 ? 48  LEU A O   1 
ATOM   357 C  CB  . LEU A 1 50  ? 7.282   3.819   -5.675  1.00 18.19 ? 48  LEU A CB  1 
ATOM   358 C  CG  . LEU A 1 50  ? 8.207   2.859   -4.922  1.00 17.43 ? 48  LEU A CG  1 
ATOM   359 C  CD1 . LEU A 1 50  ? 7.717   1.422   -5.038  1.00 16.37 ? 48  LEU A CD1 1 
ATOM   360 C  CD2 . LEU A 1 50  ? 9.642   2.977   -5.452  1.00 18.43 ? 48  LEU A CD2 1 
ATOM   361 N  N   . GLY A 1 51  ? 5.461   3.505   -2.744  1.00 15.88 ? 49  GLY A N   1 
ATOM   362 C  CA  . GLY A 1 51  ? 5.578   3.609   -1.303  1.00 16.25 ? 49  GLY A CA  1 
ATOM   363 C  C   . GLY A 1 51  ? 6.528   2.589   -0.687  1.00 16.86 ? 49  GLY A C   1 
ATOM   364 O  O   . GLY A 1 51  ? 6.553   1.404   -1.057  1.00 15.30 ? 49  GLY A O   1 
ATOM   365 N  N   . LEU A 1 52  ? 7.317   3.060   0.271   1.00 15.53 ? 50  LEU A N   1 
ATOM   366 C  CA  . LEU A 1 52  ? 8.223   2.212   1.028   1.00 16.42 ? 50  LEU A CA  1 
ATOM   367 C  C   . LEU A 1 52  ? 7.719   2.157   2.476   1.00 17.62 ? 50  LEU A C   1 
ATOM   368 O  O   . LEU A 1 52  ? 7.732   3.167   3.178   1.00 17.45 ? 50  LEU A O   1 
ATOM   369 C  CB  . LEU A 1 52  ? 9.640   2.778   0.976   1.00 15.19 ? 50  LEU A CB  1 
ATOM   370 C  CG  . LEU A 1 52  ? 10.162  3.130   -0.426  1.00 16.93 ? 50  LEU A CG  1 
ATOM   371 C  CD1 . LEU A 1 52  ? 11.478  3.924   -0.332  1.00 16.66 ? 50  LEU A CD1 1 
ATOM   372 C  CD2 . LEU A 1 52  ? 10.333  1.870   -1.300  1.00 14.46 ? 50  LEU A CD2 1 
ATOM   373 N  N   . TRP A 1 53  ? 7.304   0.973   2.910   1.00 14.65 ? 51  TRP A N   1 
ATOM   374 C  CA  . TRP A 1 53  ? 6.574   0.800   4.158   1.00 16.89 ? 51  TRP A CA  1 
ATOM   375 C  C   . TRP A 1 53  ? 7.283   -0.187  5.098   1.00 18.46 ? 51  TRP A C   1 
ATOM   376 O  O   . TRP A 1 53  ? 7.580   -1.330  4.719   1.00 16.57 ? 51  TRP A O   1 
ATOM   377 C  CB  . TRP A 1 53  ? 5.154   0.328   3.806   1.00 17.83 ? 51  TRP A CB  1 
ATOM   378 C  CG  . TRP A 1 53  ? 4.102   0.486   4.862   1.00 19.16 ? 51  TRP A CG  1 
ATOM   379 C  CD1 . TRP A 1 53  ? 4.170   1.233   6.013   1.00 20.45 ? 51  TRP A CD1 1 
ATOM   380 C  CD2 . TRP A 1 53  ? 2.792   -0.099  4.838   1.00 22.05 ? 51  TRP A CD2 1 
ATOM   381 N  NE1 . TRP A 1 53  ? 2.979   1.123   6.720   1.00 21.84 ? 51  TRP A NE1 1 
ATOM   382 C  CE2 . TRP A 1 53  ? 2.121   0.315   6.016   1.00 22.55 ? 51  TRP A CE2 1 
ATOM   383 C  CE3 . TRP A 1 53  ? 2.126   -0.947  3.941   1.00 21.91 ? 51  TRP A CE3 1 
ATOM   384 C  CZ2 . TRP A 1 53  ? 0.818   -0.089  6.313   1.00 25.05 ? 51  TRP A CZ2 1 
ATOM   385 C  CZ3 . TRP A 1 53  ? 0.826   -1.352  4.246   1.00 23.54 ? 51  TRP A CZ3 1 
ATOM   386 C  CH2 . TRP A 1 53  ? 0.191   -0.921  5.424   1.00 24.99 ? 51  TRP A CH2 1 
ATOM   387 N  N   . ALA A 1 54  ? 7.576   0.269   6.317   1.00 18.77 ? 52  ALA A N   1 
ATOM   388 C  CA  . ALA A 1 54  ? 8.277   -0.557  7.297   1.00 19.68 ? 52  ALA A CA  1 
ATOM   389 C  C   . ALA A 1 54  ? 7.597   -1.912  7.490   1.00 19.64 ? 52  ALA A C   1 
ATOM   390 O  O   . ALA A 1 54  ? 6.421   -1.988  7.842   1.00 18.42 ? 52  ALA A O   1 
ATOM   391 C  CB  . ALA A 1 54  ? 8.427   0.172   8.641   1.00 22.04 ? 52  ALA A CB  1 
ATOM   392 N  N   . GLN A 1 55  ? 8.369   -2.969  7.267   1.00 17.62 ? 53  GLN A N   1 
ATOM   393 C  CA  . GLN A 1 55  ? 7.869   -4.339  7.287   1.00 23.44 ? 53  GLN A CA  1 
ATOM   394 C  C   . GLN A 1 55  ? 7.147   -4.662  8.595   1.00 24.47 ? 53  GLN A C   1 
ATOM   395 O  O   . GLN A 1 55  ? 6.158   -5.399  8.611   1.00 25.01 ? 53  GLN A O   1 
ATOM   396 C  CB  . GLN A 1 55  ? 9.034   -5.305  7.075   1.00 26.09 ? 53  GLN A CB  1 
ATOM   397 C  CG  . GLN A 1 55  ? 8.645   -6.696  6.618   1.00 33.76 ? 53  GLN A CG  1 
ATOM   398 C  CD  . GLN A 1 55  ? 9.858   -7.531  6.215   1.00 42.35 ? 53  GLN A CD  1 
ATOM   399 O  OE1 . GLN A 1 55  ? 9.723   -8.690  5.812   1.00 46.92 ? 53  GLN A OE1 1 
ATOM   400 N  NE2 . GLN A 1 55  ? 11.053  -6.941  6.325   1.00 38.20 ? 53  GLN A NE2 1 
ATOM   401 N  N   . GLU A 1 56  ? 7.635   -4.087  9.686   1.00 25.05 ? 54  GLU A N   1 
ATOM   402 C  CA  . GLU A 1 56  ? 7.091   -4.358  11.007  1.00 27.02 ? 54  GLU A CA  1 
ATOM   403 C  C   . GLU A 1 56  ? 5.706   -3.744  11.196  1.00 26.78 ? 54  GLU A C   1 
ATOM   404 O  O   . GLU A 1 56  ? 4.963   -4.134  12.093  1.00 28.48 ? 54  GLU A O   1 
ATOM   405 C  CB  . GLU A 1 56  ? 8.058   -3.852  12.085  1.00 31.44 ? 54  GLU A CB  1 
ATOM   406 C  CG  . GLU A 1 56  ? 8.698   -2.493  11.776  1.00 33.61 ? 54  GLU A CG  1 
ATOM   407 C  CD  . GLU A 1 56  ? 10.013  -2.597  10.998  1.00 32.76 ? 54  GLU A CD  1 
ATOM   408 O  OE1 . GLU A 1 56  ? 11.086  -2.535  11.638  1.00 46.78 ? 54  GLU A OE1 1 
ATOM   409 O  OE2 . GLU A 1 56  ? 9.989   -2.724  9.755   1.00 29.89 ? 54  GLU A OE2 1 
ATOM   410 N  N   . GLU A 1 57  ? 5.361   -2.787  10.344  1.00 24.37 ? 55  GLU A N   1 
ATOM   411 C  CA  . GLU A 1 57  ? 4.068   -2.109  10.428  1.00 28.82 ? 55  GLU A CA  1 
ATOM   412 C  C   . GLU A 1 57  ? 2.944   -2.782  9.640   1.00 26.51 ? 55  GLU A C   1 
ATOM   413 O  O   . GLU A 1 57  ? 1.779   -2.400  9.765   1.00 27.57 ? 55  GLU A O   1 
ATOM   414 C  CB  . GLU A 1 57  ? 4.210   -0.666  9.948   1.00 28.98 ? 55  GLU A CB  1 
ATOM   415 C  CG  . GLU A 1 57  ? 5.203   0.136   10.761  1.00 30.34 ? 55  GLU A CG  1 
ATOM   416 C  CD  . GLU A 1 57  ? 4.680   0.443   12.146  1.00 37.36 ? 55  GLU A CD  1 
ATOM   417 O  OE1 . GLU A 1 57  ? 3.555   0.975   12.232  1.00 40.72 ? 55  GLU A OE1 1 
ATOM   418 O  OE2 . GLU A 1 57  ? 5.382   0.144   13.140  1.00 39.71 ? 55  GLU A OE2 1 
ATOM   419 N  N   . ILE A 1 58  ? 3.272   -3.767  8.814   1.00 22.10 ? 56  ILE A N   1 
ATOM   420 C  CA  . ILE A 1 58  ? 2.252   -4.301  7.914   1.00 22.69 ? 56  ILE A CA  1 
ATOM   421 C  C   . ILE A 1 58  ? 1.223   -5.176  8.627   1.00 22.55 ? 56  ILE A C   1 
ATOM   422 O  O   . ILE A 1 58  ? 1.567   -5.984  9.483   1.00 22.23 ? 56  ILE A O   1 
ATOM   423 C  CB  . ILE A 1 58  ? 2.852   -5.154  6.788   1.00 20.85 ? 56  ILE A CB  1 
ATOM   424 C  CG1 . ILE A 1 58  ? 4.080   -4.471  6.183   1.00 22.38 ? 56  ILE A CG1 1 
ATOM   425 C  CG2 . ILE A 1 58  ? 1.795   -5.446  5.743   1.00 19.83 ? 56  ILE A CG2 1 
ATOM   426 C  CD1 . ILE A 1 58  ? 3.818   -3.089  5.675   1.00 20.77 ? 56  ILE A CD1 1 
ATOM   427 N  N   . GLU A 1 59  ? -0.040  -4.998  8.257   1.00 20.88 ? 57  GLU A N   1 
ATOM   428 C  CA  . GLU A 1 59  ? -1.087  -5.953  8.562   1.00 23.05 ? 57  GLU A CA  1 
ATOM   429 C  C   . GLU A 1 59  ? -1.790  -6.214  7.246   1.00 19.90 ? 57  GLU A C   1 
ATOM   430 O  O   . GLU A 1 59  ? -2.097  -5.268  6.534   1.00 17.82 ? 57  GLU A O   1 
ATOM   431 C  CB  . GLU A 1 59  ? -2.082  -5.368  9.572   1.00 25.06 ? 57  GLU A CB  1 
ATOM   432 C  CG  . GLU A 1 59  ? -1.476  -5.123  10.939  1.00 28.68 ? 57  GLU A CG  1 
ATOM   433 C  CD  . GLU A 1 59  ? -0.998  -6.408  11.577  1.00 34.48 ? 57  GLU A CD  1 
ATOM   434 O  OE1 . GLU A 1 59  ? -1.596  -7.472  11.290  1.00 36.57 ? 57  GLU A OE1 1 
ATOM   435 O  OE2 . GLU A 1 59  ? -0.031  -6.359  12.365  1.00 41.49 ? 57  GLU A OE2 1 
ATOM   436 N  N   . PRO A 1 60  ? -2.034  -7.491  6.915   1.00 20.06 ? 58  PRO A N   1 
ATOM   437 C  CA  . PRO A 1 60  ? -1.693  -8.669  7.718   1.00 23.16 ? 58  PRO A CA  1 
ATOM   438 C  C   . PRO A 1 60  ? -0.185  -8.878  7.739   1.00 25.71 ? 58  PRO A C   1 
ATOM   439 O  O   . PRO A 1 60  ? 0.498   -8.416  6.825   1.00 21.38 ? 58  PRO A O   1 
ATOM   440 C  CB  . PRO A 1 60  ? -2.360  -9.830  6.955   1.00 24.01 ? 58  PRO A CB  1 
ATOM   441 C  CG  . PRO A 1 60  ? -3.230  -9.191  5.914   1.00 23.59 ? 58  PRO A CG  1 
ATOM   442 C  CD  . PRO A 1 60  ? -2.601  -7.874  5.610   1.00 21.83 ? 58  PRO A CD  1 
ATOM   443 N  N   . LYS A 1 61  ? 0.321   -9.554  8.768   1.00 25.90 ? 59  LYS A N   1 
ATOM   444 C  CA  . LYS A 1 61  ? 1.758   -9.716  8.949   1.00 30.59 ? 59  LYS A CA  1 
ATOM   445 C  C   . LYS A 1 61  ? 2.450   -10.125 7.656   1.00 28.41 ? 59  LYS A C   1 
ATOM   446 O  O   . LYS A 1 61  ? 1.978   -11.004 6.938   1.00 28.00 ? 59  LYS A O   1 
ATOM   447 C  CB  . LYS A 1 61  ? 2.053   -10.736 10.049  1.00 32.28 ? 59  LYS A CB  1 
ATOM   448 C  CG  . LYS A 1 61  ? 1.501   -10.347 11.407  1.00 35.96 ? 59  LYS A CG  1 
ATOM   449 C  CD  . LYS A 1 61  ? 2.023   -8.995  11.840  1.00 38.46 ? 59  LYS A CD  1 
ATOM   450 C  CE  . LYS A 1 61  ? 1.758   -8.742  13.319  1.00 45.60 ? 59  LYS A CE  1 
ATOM   451 N  NZ  . LYS A 1 61  ? 2.237   -7.384  13.718  1.00 43.05 ? 59  LYS A NZ  1 
ATOM   452 N  N   . ALA A 1 62  ? 3.573   -9.475  7.371   1.00 27.93 ? 60  ALA A N   1 
ATOM   453 C  CA  . ALA A 1 62  ? 4.297   -9.685  6.121   1.00 33.25 ? 60  ALA A CA  1 
ATOM   454 C  C   . ALA A 1 62  ? 5.269   -10.856 6.205   1.00 39.53 ? 60  ALA A C   1 
ATOM   455 O  O   . ALA A 1 62  ? 6.108   -10.905 7.100   1.00 42.23 ? 60  ALA A O   1 
ATOM   456 C  CB  . ALA A 1 62  ? 5.036   -8.415  5.730   1.00 31.38 ? 60  ALA A CB  1 
ATOM   457 N  N   . HIS A 1 63  ? 5.164   -11.785 5.257   1.00 44.07 ? 61  HIS A N   1 
ATOM   458 C  CA  . HIS A 1 63  ? 6.027   -12.964 5.235   1.00 49.07 ? 61  HIS A CA  1 
ATOM   459 C  C   . HIS A 1 63  ? 7.326   -12.716 4.466   1.00 53.36 ? 61  HIS A C   1 
ATOM   460 O  O   . HIS A 1 63  ? 8.195   -11.953 4.904   1.00 52.42 ? 61  HIS A O   1 
ATOM   461 C  CB  . HIS A 1 63  ? 5.281   -14.166 4.638   1.00 51.93 ? 61  HIS A CB  1 
ATOM   462 C  CG  . HIS A 1 63  ? 5.717   -14.525 3.249   1.00 56.71 ? 61  HIS A CG  1 
ATOM   463 N  ND1 . HIS A 1 63  ? 6.830   -15.299 2.995   1.00 59.27 ? 61  HIS A ND1 1 
ATOM   464 C  CD2 . HIS A 1 63  ? 5.188   -14.221 2.039   1.00 57.47 ? 61  HIS A CD2 1 
ATOM   465 C  CE1 . HIS A 1 63  ? 6.969   -15.455 1.690   1.00 57.74 ? 61  HIS A CE1 1 
ATOM   466 N  NE2 . HIS A 1 63  ? 5.985   -14.811 1.088   1.00 56.24 ? 61  HIS A NE2 1 
ATOM   467 N  N   . GLY A 1 68  ? 6.531   -9.614  -0.635  1.00 24.63 ? 66  GLY A N   1 
ATOM   468 C  CA  . GLY A 1 68  ? 7.217   -8.476  -0.023  1.00 20.60 ? 66  GLY A CA  1 
ATOM   469 C  C   . GLY A 1 68  ? 6.724   -7.126  -0.534  1.00 16.87 ? 66  GLY A C   1 
ATOM   470 O  O   . GLY A 1 68  ? 7.423   -6.119  -0.461  1.00 14.98 ? 66  GLY A O   1 
HETATM 471 N  N   . MSE A 1 69  ? 5.498   -7.108  -1.037  1.00 16.85 ? 67  MSE A N   1 
HETATM 472 C  CA  . MSE A 1 69  ? 4.951   -5.934  -1.706  1.00 18.17 ? 67  MSE A CA  1 
HETATM 473 C  C   . MSE A 1 69  ? 3.427   -6.054  -1.844  1.00 18.37 ? 67  MSE A C   1 
HETATM 474 O  O   . MSE A 1 69  ? 2.846   -7.102  -1.545  1.00 17.93 ? 67  MSE A O   1 
HETATM 475 C  CB  . MSE A 1 69  ? 5.613   -5.739  -3.079  1.00 16.13 ? 67  MSE A CB  1 
HETATM 476 C  CG  . MSE A 1 69  ? 5.394   -6.873  -4.076  1.00 21.29 ? 67  MSE A CG  1 
HETATM 477 SE SE  . MSE A 1 69  ? 3.595   -6.891  -4.923  1.00 36.21 ? 67  MSE A SE  1 
HETATM 478 C  CE  . MSE A 1 69  ? 3.682   -5.228  -5.921  1.00 21.89 ? 67  MSE A CE  1 
ATOM   479 N  N   . GLU A 1 70  ? 2.790   -4.963  -2.250  1.00 15.69 ? 68  GLU A N   1 
ATOM   480 C  CA  . GLU A 1 70  ? 1.358   -4.956  -2.539  1.00 17.29 ? 68  GLU A CA  1 
ATOM   481 C  C   . GLU A 1 70  ? 1.109   -4.037  -3.717  1.00 16.02 ? 68  GLU A C   1 
ATOM   482 O  O   . GLU A 1 70  ? 1.825   -3.053  -3.908  1.00 17.99 ? 68  GLU A O   1 
ATOM   483 C  CB  . GLU A 1 70  ? 0.525   -4.421  -1.363  1.00 14.85 ? 68  GLU A CB  1 
ATOM   484 C  CG  . GLU A 1 70  ? 0.818   -4.994  0.011   1.00 17.17 ? 68  GLU A CG  1 
ATOM   485 C  CD  . GLU A 1 70  ? 0.038   -4.258  1.102   1.00 17.45 ? 68  GLU A CD  1 
ATOM   486 O  OE1 . GLU A 1 70  ? -0.629  -3.265  0.764   1.00 17.07 ? 68  GLU A OE1 1 
ATOM   487 O  OE2 . GLU A 1 70  ? 0.094   -4.650  2.288   1.00 17.62 ? 68  GLU A OE2 1 
ATOM   488 N  N   . LEU A 1 71  ? 0.081   -4.345  -4.494  1.00 16.23 ? 69  LEU A N   1 
ATOM   489 C  CA  . LEU A 1 71  ? -0.436  -3.400  -5.460  1.00 15.14 ? 69  LEU A CA  1 
ATOM   490 C  C   . LEU A 1 71  ? -1.655  -2.813  -4.771  1.00 16.28 ? 69  LEU A C   1 
ATOM   491 O  O   . LEU A 1 71  ? -2.561  -3.554  -4.382  1.00 16.14 ? 69  LEU A O   1 
ATOM   492 C  CB  . LEU A 1 71  ? -0.872  -4.114  -6.726  1.00 16.04 ? 69  LEU A CB  1 
ATOM   493 C  CG  . LEU A 1 71  ? -0.844  -3.430  -8.107  1.00 25.55 ? 69  LEU A CG  1 
ATOM   494 C  CD1 . LEU A 1 71  ? -2.144  -3.725  -8.841  1.00 24.32 ? 69  LEU A CD1 1 
ATOM   495 C  CD2 . LEU A 1 71  ? -0.564  -1.930  -8.101  1.00 21.13 ? 69  LEU A CD2 1 
ATOM   496 N  N   . SER A 1 72  ? -1.682  -1.500  -4.593  1.00 16.50 ? 70  SER A N   1 
ATOM   497 C  CA  . SER A 1 72  ? -2.767  -0.897  -3.820  1.00 17.30 ? 70  SER A CA  1 
ATOM   498 C  C   . SER A 1 72  ? -3.535  0.160   -4.613  1.00 20.14 ? 70  SER A C   1 
ATOM   499 O  O   . SER A 1 72  ? -3.000  0.760   -5.556  1.00 16.99 ? 70  SER A O   1 
ATOM   500 C  CB  . SER A 1 72  ? -2.260  -0.324  -2.486  1.00 16.62 ? 70  SER A CB  1 
ATOM   501 O  OG  . SER A 1 72  ? -1.660  0.949   -2.655  1.00 17.69 ? 70  SER A OG  1 
ATOM   502 N  N   . PHE A 1 73  ? -4.787  0.368   -4.203  1.00 18.07 ? 71  PHE A N   1 
ATOM   503 C  CA  . PHE A 1 73  ? -5.739  1.224   -4.891  1.00 20.68 ? 71  PHE A CA  1 
ATOM   504 C  C   . PHE A 1 73  ? -6.298  2.198   -3.858  1.00 18.07 ? 71  PHE A C   1 
ATOM   505 O  O   . PHE A 1 73  ? -7.013  1.782   -2.953  1.00 15.72 ? 71  PHE A O   1 
ATOM   506 C  CB  . PHE A 1 73  ? -6.927  0.411   -5.428  1.00 22.01 ? 71  PHE A CB  1 
ATOM   507 C  CG  . PHE A 1 73  ? -6.547  -0.816  -6.228  1.00 29.87 ? 71  PHE A CG  1 
ATOM   508 C  CD1 . PHE A 1 73  ? -6.752  -0.854  -7.603  1.00 34.37 ? 71  PHE A CD1 1 
ATOM   509 C  CD2 . PHE A 1 73  ? -6.019  -1.941  -5.608  1.00 25.52 ? 71  PHE A CD2 1 
ATOM   510 C  CE1 . PHE A 1 73  ? -6.417  -1.980  -8.344  1.00 36.48 ? 71  PHE A CE1 1 
ATOM   511 C  CE2 . PHE A 1 73  ? -5.685  -3.065  -6.338  1.00 27.95 ? 71  PHE A CE2 1 
ATOM   512 C  CZ  . PHE A 1 73  ? -5.884  -3.086  -7.710  1.00 34.16 ? 71  PHE A CZ  1 
ATOM   513 N  N   . GLN A 1 74  ? -5.976  3.480   -3.992  1.00 17.67 ? 72  GLN A N   1 
ATOM   514 C  CA  . GLN A 1 74  ? -6.471  4.496   -3.074  1.00 19.77 ? 72  GLN A CA  1 
ATOM   515 C  C   . GLN A 1 74  ? -7.835  4.994   -3.554  1.00 19.03 ? 72  GLN A C   1 
ATOM   516 O  O   . GLN A 1 74  ? -7.989  5.362   -4.722  1.00 17.52 ? 72  GLN A O   1 
ATOM   517 C  CB  . GLN A 1 74  ? -5.492  5.663   -2.958  1.00 19.81 ? 72  GLN A CB  1 
ATOM   518 C  CG  . GLN A 1 74  ? -5.865  6.644   -1.853  1.00 20.27 ? 72  GLN A CG  1 
ATOM   519 C  CD  . GLN A 1 74  ? -4.933  7.845   -1.776  1.00 27.27 ? 72  GLN A CD  1 
ATOM   520 O  OE1 . GLN A 1 74  ? -3.832  7.839   -2.333  1.00 22.81 ? 72  GLN A OE1 1 
ATOM   521 N  NE2 . GLN A 1 74  ? -5.379  8.892   -1.085  1.00 25.52 ? 72  GLN A NE2 1 
ATOM   522 N  N   . VAL A 1 75  ? -8.828  4.973   -2.667  1.00 17.61 ? 73  VAL A N   1 
ATOM   523 C  CA  . VAL A 1 75  ? -10.173 5.430   -3.043  1.00 17.03 ? 73  VAL A CA  1 
ATOM   524 C  C   . VAL A 1 75  ? -10.642 6.592   -2.175  1.00 19.53 ? 73  VAL A C   1 
ATOM   525 O  O   . VAL A 1 75  ? -10.008 6.936   -1.171  1.00 18.42 ? 73  VAL A O   1 
ATOM   526 C  CB  . VAL A 1 75  ? -11.231 4.276   -3.042  1.00 16.68 ? 73  VAL A CB  1 
ATOM   527 C  CG1 . VAL A 1 75  ? -10.817 3.200   -4.015  1.00 18.24 ? 73  VAL A CG1 1 
ATOM   528 C  CG2 . VAL A 1 75  ? -11.402 3.690   -1.643  1.00 16.52 ? 73  VAL A CG2 1 
ATOM   529 N  N   . ASN A 1 76  ? -11.770 7.174   -2.566  1.00 19.44 ? 74  ASN A N   1 
ATOM   530 C  CA  . ASN A 1 76  ? -12.219 8.456   -2.034  1.00 21.97 ? 74  ASN A CA  1 
ATOM   531 C  C   . ASN A 1 76  ? -12.797 8.455   -0.602  1.00 21.54 ? 74  ASN A C   1 
ATOM   532 O  O   . ASN A 1 76  ? -12.737 9.468   0.102   1.00 20.33 ? 74  ASN A O   1 
ATOM   533 C  CB  . ASN A 1 76  ? -13.221 9.092   -3.020  1.00 22.66 ? 74  ASN A CB  1 
ATOM   534 C  CG  . ASN A 1 76  ? -14.610 8.449   -2.951  1.00 22.86 ? 74  ASN A CG  1 
ATOM   535 O  OD1 . ASN A 1 76  ? -14.891 7.432   -3.604  1.00 21.04 ? 74  ASN A OD1 1 
ATOM   536 N  ND2 . ASN A 1 76  ? -15.485 9.052   -2.165  1.00 19.86 ? 74  ASN A ND2 1 
ATOM   537 N  N   . SER A 1 77  ? -13.362 7.338   -0.165  1.00 19.06 ? 75  SER A N   1 
ATOM   538 C  CA  . SER A 1 77  ? -14.044 7.327   1.127   1.00 19.45 ? 75  SER A CA  1 
ATOM   539 C  C   . SER A 1 77  ? -14.140 5.930   1.700   1.00 18.99 ? 75  SER A C   1 
ATOM   540 O  O   . SER A 1 77  ? -13.939 4.945   0.986   1.00 17.63 ? 75  SER A O   1 
ATOM   541 C  CB  . SER A 1 77  ? -15.464 7.893   0.977   1.00 19.01 ? 75  SER A CB  1 
ATOM   542 O  OG  . SER A 1 77  ? -16.213 7.100   0.068   1.00 17.59 ? 75  SER A OG  1 
ATOM   543 N  N   . ASN A 1 78  ? -14.491 5.851   2.984   1.00 17.26 ? 76  ASN A N   1 
ATOM   544 C  CA  . ASN A 1 78  ? -14.690 4.574   3.647   1.00 17.46 ? 76  ASN A CA  1 
ATOM   545 C  C   . ASN A 1 78  ? -15.825 3.797   2.997   1.00 17.71 ? 76  ASN A C   1 
ATOM   546 O  O   . ASN A 1 78  ? -15.765 2.574   2.875   1.00 16.16 ? 76  ASN A O   1 
ATOM   547 C  CB  . ASN A 1 78  ? -14.968 4.775   5.143   1.00 17.22 ? 76  ASN A CB  1 
ATOM   548 C  CG  . ASN A 1 78  ? -13.732 5.208   5.911   1.00 20.35 ? 76  ASN A CG  1 
ATOM   549 O  OD1 . ASN A 1 78  ? -12.694 5.510   5.324   1.00 19.51 ? 76  ASN A OD1 1 
ATOM   550 N  ND2 . ASN A 1 78  ? -13.843 5.245   7.234   1.00 23.78 ? 76  ASN A ND2 1 
ATOM   551 N  N   . GLU A 1 79  ? -16.868 4.518   2.596   1.00 19.30 ? 77  GLU A N   1 
ATOM   552 C  CA  . GLU A 1 79  ? -17.986 3.912   1.882   1.00 19.37 ? 77  GLU A CA  1 
ATOM   553 C  C   . GLU A 1 79  ? -17.538 3.276   0.565   1.00 17.00 ? 77  GLU A C   1 
ATOM   554 O  O   . GLU A 1 79  ? -17.981 2.197   0.218   1.00 17.55 ? 77  GLU A O   1 
ATOM   555 C  CB  . GLU A 1 79  ? -19.095 4.949   1.627   1.00 20.58 ? 77  GLU A CB  1 
ATOM   556 C  CG  . GLU A 1 79  ? -19.858 5.367   2.888   1.00 22.64 ? 77  GLU A CG  1 
ATOM   557 C  CD  . GLU A 1 79  ? -19.174 6.479   3.697   1.00 24.16 ? 77  GLU A CD  1 
ATOM   558 O  OE1 . GLU A 1 79  ? -18.131 7.028   3.268   1.00 21.39 ? 77  GLU A OE1 1 
ATOM   559 O  OE2 . GLU A 1 79  ? -19.689 6.795   4.788   1.00 29.58 ? 77  GLU A OE2 1 
HETATM 560 N  N   . MSE A 1 80  ? -16.657 3.941   -0.175  1.00 17.65 ? 78  MSE A N   1 
HETATM 561 C  CA  . MSE A 1 80  ? -16.147 3.331   -1.404  1.00 16.41 ? 78  MSE A CA  1 
HETATM 562 C  C   . MSE A 1 80  ? -15.328 2.066   -1.089  1.00 17.86 ? 78  MSE A C   1 
HETATM 563 O  O   . MSE A 1 80  ? -15.408 1.072   -1.810  1.00 16.29 ? 78  MSE A O   1 
HETATM 564 C  CB  . MSE A 1 80  ? -15.313 4.327   -2.230  1.00 17.90 ? 78  MSE A CB  1 
HETATM 565 C  CG  . MSE A 1 80  ? -14.793 3.732   -3.535  1.00 17.19 ? 78  MSE A CG  1 
HETATM 566 SE SE  . MSE A 1 80  ? -16.255 3.057   -4.647  1.00 32.45 ? 78  MSE A SE  1 
HETATM 567 C  CE  . MSE A 1 80  ? -16.485 4.563   -5.850  1.00 21.00 ? 78  MSE A CE  1 
ATOM   568 N  N   . VAL A 1 81  ? -14.537 2.109   -0.018  1.00 16.15 ? 79  VAL A N   1 
ATOM   569 C  CA  . VAL A 1 81  ? -13.835 0.905   0.439   1.00 17.67 ? 79  VAL A CA  1 
ATOM   570 C  C   . VAL A 1 81  ? -14.810 -0.244  0.696   1.00 17.44 ? 79  VAL A C   1 
ATOM   571 O  O   . VAL A 1 81  ? -14.575 -1.362  0.270   1.00 15.92 ? 79  VAL A O   1 
ATOM   572 C  CB  . VAL A 1 81  ? -13.046 1.158   1.741   1.00 16.91 ? 79  VAL A CB  1 
ATOM   573 C  CG1 . VAL A 1 81  ? -12.474 -0.155  2.276   1.00 16.27 ? 79  VAL A CG1 1 
ATOM   574 C  CG2 . VAL A 1 81  ? -11.962 2.187   1.518   1.00 14.53 ? 79  VAL A CG2 1 
ATOM   575 N  N   . ASP A 1 82  ? -15.908 0.033   1.405   1.00 18.05 ? 80  ASP A N   1 
ATOM   576 C  CA  . ASP A 1 82  ? -16.917 -1.002  1.660   1.00 19.78 ? 80  ASP A CA  1 
ATOM   577 C  C   . ASP A 1 82  ? -17.564 -1.489  0.369   1.00 18.08 ? 80  ASP A C   1 
ATOM   578 O  O   . ASP A 1 82  ? -17.811 -2.682  0.196   1.00 19.14 ? 80  ASP A O   1 
ATOM   579 C  CB  . ASP A 1 82  ? -18.010 -0.494  2.613   1.00 20.48 ? 80  ASP A CB  1 
ATOM   580 C  CG  . ASP A 1 82  ? -17.505 -0.317  4.027   1.00 24.17 ? 80  ASP A CG  1 
ATOM   581 O  OD1 . ASP A 1 82  ? -16.596 -1.076  4.436   1.00 22.40 ? 80  ASP A OD1 1 
ATOM   582 O  OD2 . ASP A 1 82  ? -18.009 0.584   4.721   1.00 22.25 ? 80  ASP A OD2 1 
ATOM   583 N  N   . GLU A 1 83  ? -17.847 -0.561  -0.533  1.00 18.05 ? 81  GLU A N   1 
ATOM   584 C  CA  . GLU A 1 83  ? -18.482 -0.924  -1.800  1.00 19.46 ? 81  GLU A CA  1 
ATOM   585 C  C   . GLU A 1 83  ? -17.575 -1.864  -2.601  1.00 20.99 ? 81  GLU A C   1 
ATOM   586 O  O   . GLU A 1 83  ? -18.039 -2.869  -3.131  1.00 18.63 ? 81  GLU A O   1 
ATOM   587 C  CB  . GLU A 1 83  ? -18.848 0.337   -2.585  1.00 19.72 ? 81  GLU A CB  1 
ATOM   588 C  CG  . GLU A 1 83  ? -19.229 0.142   -4.055  1.00 21.08 ? 81  GLU A CG  1 
ATOM   589 C  CD  . GLU A 1 83  ? -20.425 -0.786  -4.258  1.00 26.60 ? 81  GLU A CD  1 
ATOM   590 O  OE1 . GLU A 1 83  ? -21.233 -0.973  -3.322  1.00 27.17 ? 81  GLU A OE1 1 
ATOM   591 O  OE2 . GLU A 1 83  ? -20.553 -1.325  -5.375  1.00 30.32 ? 81  GLU A OE2 1 
ATOM   592 N  N   . ILE A 1 84  ? -16.275 -1.557  -2.681  1.00 18.05 ? 82  ILE A N   1 
ATOM   593 C  CA  . ILE A 1 84  ? -15.380 -2.444  -3.414  1.00 16.63 ? 82  ILE A CA  1 
ATOM   594 C  C   . ILE A 1 84  ? -15.251 -3.787  -2.701  1.00 17.61 ? 82  ILE A C   1 
ATOM   595 O  O   . ILE A 1 84  ? -15.134 -4.828  -3.335  1.00 17.15 ? 82  ILE A O   1 
ATOM   596 C  CB  . ILE A 1 84  ? -13.978 -1.827  -3.640  1.00 17.45 ? 82  ILE A CB  1 
ATOM   597 C  CG1 . ILE A 1 84  ? -14.095 -0.494  -4.383  1.00 16.19 ? 82  ILE A CG1 1 
ATOM   598 C  CG2 . ILE A 1 84  ? -13.106 -2.812  -4.417  1.00 17.23 ? 82  ILE A CG2 1 
ATOM   599 C  CD1 . ILE A 1 84  ? -12.807 0.290   -4.481  1.00 19.01 ? 82  ILE A CD1 1 
ATOM   600 N  N   . HIS A 1 85  ? -15.266 -3.765  -1.372  1.00 19.24 ? 83  HIS A N   1 
ATOM   601 C  CA  . HIS A 1 85  ? -15.208 -5.015  -0.633  1.00 20.28 ? 83  HIS A CA  1 
ATOM   602 C  C   . HIS A 1 85  ? -16.381 -5.928  -0.999  1.00 19.11 ? 83  HIS A C   1 
ATOM   603 O  O   . HIS A 1 85  ? -16.216 -7.132  -1.180  1.00 17.19 ? 83  HIS A O   1 
ATOM   604 C  CB  . HIS A 1 85  ? -15.209 -4.768  0.873   1.00 19.56 ? 83  HIS A CB  1 
ATOM   605 C  CG  . HIS A 1 85  ? -15.207 -6.031  1.673   1.00 19.84 ? 83  HIS A CG  1 
ATOM   606 N  ND1 . HIS A 1 85  ? -16.311 -6.478  2.367   1.00 21.60 ? 83  HIS A ND1 1 
ATOM   607 C  CD2 . HIS A 1 85  ? -14.242 -6.965  1.862   1.00 21.86 ? 83  HIS A CD2 1 
ATOM   608 C  CE1 . HIS A 1 85  ? -16.022 -7.621  2.961   1.00 20.94 ? 83  HIS A CE1 1 
ATOM   609 N  NE2 . HIS A 1 85  ? -14.774 -7.942  2.666   1.00 22.76 ? 83  HIS A NE2 1 
ATOM   610 N  N   . ARG A 1 86  ? -17.569 -5.343  -1.093  1.00 19.77 ? 84  ARG A N   1 
ATOM   611 C  CA  . ARG A 1 86  ? -18.746 -6.089  -1.515  1.00 19.15 ? 84  ARG A CA  1 
ATOM   612 C  C   . ARG A 1 86  ? -18.570 -6.672  -2.915  1.00 20.55 ? 84  ARG A C   1 
ATOM   613 O  O   . ARG A 1 86  ? -18.844 -7.848  -3.143  1.00 20.02 ? 84  ARG A O   1 
ATOM   614 C  CB  . ARG A 1 86  ? -19.981 -5.188  -1.466  1.00 23.89 ? 84  ARG A CB  1 
ATOM   615 C  CG  . ARG A 1 86  ? -21.259 -5.889  -1.872  1.00 27.64 ? 84  ARG A CG  1 
ATOM   616 C  CD  . ARG A 1 86  ? -22.474 -5.092  -1.443  1.00 32.94 ? 84  ARG A CD  1 
ATOM   617 N  NE  . ARG A 1 86  ? -22.649 -3.864  -2.216  1.00 35.86 ? 84  ARG A NE  1 
ATOM   618 C  CZ  . ARG A 1 86  ? -23.722 -3.080  -2.121  1.00 39.19 ? 84  ARG A CZ  1 
ATOM   619 N  NH1 . ARG A 1 86  ? -24.709 -3.410  -1.292  1.00 39.45 ? 84  ARG A NH1 1 
ATOM   620 N  NH2 . ARG A 1 86  ? -23.816 -1.973  -2.854  1.00 31.82 ? 84  ARG A NH2 1 
ATOM   621 N  N   . GLN A 1 87  ? -18.102 -5.854  -3.856  1.00 20.26 ? 85  GLN A N   1 
ATOM   622 C  CA  . GLN A 1 87  ? -17.880 -6.334  -5.219  1.00 21.74 ? 85  GLN A CA  1 
ATOM   623 C  C   . GLN A 1 87  ? -16.892 -7.506  -5.242  1.00 20.41 ? 85  GLN A C   1 
ATOM   624 O  O   . GLN A 1 87  ? -17.121 -8.508  -5.923  1.00 20.32 ? 85  GLN A O   1 
ATOM   625 C  CB  . GLN A 1 87  ? -17.359 -5.212  -6.131  1.00 21.07 ? 85  GLN A CB  1 
ATOM   626 C  CG  . GLN A 1 87  ? -18.368 -4.135  -6.476  1.00 22.56 ? 85  GLN A CG  1 
ATOM   627 C  CD  . GLN A 1 87  ? -17.725 -2.947  -7.172  1.00 26.29 ? 85  GLN A CD  1 
ATOM   628 O  OE1 . GLN A 1 87  ? -18.278 -1.844  -7.194  1.00 32.17 ? 85  GLN A OE1 1 
ATOM   629 N  NE2 . GLN A 1 87  ? -16.545 -3.163  -7.736  1.00 26.43 ? 85  GLN A NE2 1 
ATOM   630 N  N   . TRP A 1 88  ? -15.797 -7.381  -4.496  1.00 17.59 ? 86  TRP A N   1 
ATOM   631 C  CA  . TRP A 1 88  ? -14.766 -8.420  -4.494  1.00 18.61 ? 86  TRP A CA  1 
ATOM   632 C  C   . TRP A 1 88  ? -15.260 -9.724  -3.852  1.00 20.02 ? 86  TRP A C   1 
ATOM   633 O  O   . TRP A 1 88  ? -14.920 -10.821 -4.309  1.00 20.25 ? 86  TRP A O   1 
ATOM   634 C  CB  . TRP A 1 88  ? -13.474 -7.907  -3.823  1.00 19.30 ? 86  TRP A CB  1 
ATOM   635 C  CG  . TRP A 1 88  ? -12.641 -6.964  -4.698  1.00 19.04 ? 86  TRP A CG  1 
ATOM   636 C  CD1 . TRP A 1 88  ? -13.086 -6.215  -5.763  1.00 20.29 ? 86  TRP A CD1 1 
ATOM   637 C  CD2 . TRP A 1 88  ? -11.244 -6.654  -4.551  1.00 19.60 ? 86  TRP A CD2 1 
ATOM   638 N  NE1 . TRP A 1 88  ? -12.044 -5.481  -6.294  1.00 19.96 ? 86  TRP A NE1 1 
ATOM   639 C  CE2 . TRP A 1 88  ? -10.909 -5.723  -5.564  1.00 19.96 ? 86  TRP A CE2 1 
ATOM   640 C  CE3 . TRP A 1 88  ? -10.240 -7.080  -3.667  1.00 19.18 ? 86  TRP A CE3 1 
ATOM   641 C  CZ2 . TRP A 1 88  ? -9.613  -5.219  -5.722  1.00 22.07 ? 86  TRP A CZ2 1 
ATOM   642 C  CZ3 . TRP A 1 88  ? -8.951  -6.564  -3.819  1.00 16.79 ? 86  TRP A CZ3 1 
ATOM   643 C  CH2 . TRP A 1 88  ? -8.653  -5.646  -4.839  1.00 19.23 ? 86  TRP A CH2 1 
ATOM   644 N  N   . SER A 1 89  ? -16.066 -9.609  -2.801  1.00 18.38 ? 87  SER A N   1 
ATOM   645 C  CA  . SER A 1 89  ? -16.663 -10.792 -2.188  1.00 23.60 ? 87  SER A CA  1 
ATOM   646 C  C   . SER A 1 89  ? -17.580 -11.488 -3.192  1.00 24.86 ? 87  SER A C   1 
ATOM   647 O  O   . SER A 1 89  ? -17.534 -12.703 -3.350  1.00 24.85 ? 87  SER A O   1 
ATOM   648 C  CB  . SER A 1 89  ? -17.449 -10.424 -0.932  1.00 24.62 ? 87  SER A CB  1 
ATOM   649 O  OG  . SER A 1 89  ? -16.585 -9.868  0.048   1.00 28.71 ? 87  SER A OG  1 
ATOM   650 N  N   . ASP A 1 90  ? -18.400 -10.696 -3.874  1.00 24.12 ? 88  ASP A N   1 
ATOM   651 C  CA  . ASP A 1 90  ? -19.293 -11.214 -4.907  1.00 26.39 ? 88  ASP A CA  1 
ATOM   652 C  C   . ASP A 1 90  ? -18.519 -11.910 -6.024  1.00 27.77 ? 88  ASP A C   1 
ATOM   653 O  O   . ASP A 1 90  ? -18.988 -12.894 -6.599  1.00 29.22 ? 88  ASP A O   1 
ATOM   654 C  CB  . ASP A 1 90  ? -20.167 -10.087 -5.469  1.00 23.53 ? 88  ASP A CB  1 
ATOM   655 C  CG  . ASP A 1 90  ? -21.279 -9.683  -4.511  1.00 32.17 ? 88  ASP A CG  1 
ATOM   656 O  OD1 . ASP A 1 90  ? -21.493 -10.406 -3.509  1.00 30.62 ? 88  ASP A OD1 1 
ATOM   657 O  OD2 . ASP A 1 90  ? -21.936 -8.645  -4.753  1.00 36.27 ? 88  ASP A OD2 1 
ATOM   658 N  N   . LYS A 1 91  ? -17.320 -11.407 -6.302  1.00 23.72 ? 89  LYS A N   1 
ATOM   659 C  CA  . LYS A 1 91  ? -16.474 -11.942 -7.367  1.00 25.07 ? 89  LYS A CA  1 
ATOM   660 C  C   . LYS A 1 91  ? -15.643 -13.123 -6.887  1.00 23.19 ? 89  LYS A C   1 
ATOM   661 O  O   . LYS A 1 91  ? -14.887 -13.717 -7.653  1.00 25.68 ? 89  LYS A O   1 
ATOM   662 C  CB  . LYS A 1 91  ? -15.542 -10.847 -7.907  1.00 22.49 ? 89  LYS A CB  1 
ATOM   663 C  CG  . LYS A 1 91  ? -16.218 -9.847  -8.824  1.00 24.42 ? 89  LYS A CG  1 
ATOM   664 C  CD  . LYS A 1 91  ? -15.367 -8.592  -8.994  1.00 25.64 ? 89  LYS A CD  1 
ATOM   665 C  CE  . LYS A 1 91  ? -15.982 -7.645  -10.020 1.00 26.71 ? 89  LYS A CE  1 
ATOM   666 N  NZ  . LYS A 1 91  ? -15.058 -6.533  -10.348 1.00 27.65 ? 89  LYS A NZ  1 
ATOM   667 N  N   . GLU A 1 92  ? -15.757 -13.431 -5.605  1.00 22.79 ? 90  GLU A N   1 
ATOM   668 C  CA  . GLU A 1 92  ? -15.044 -14.559 -5.028  1.00 25.74 ? 90  GLU A CA  1 
ATOM   669 C  C   . GLU A 1 92  ? -13.529 -14.342 -4.973  1.00 22.60 ? 90  GLU A C   1 
ATOM   670 O  O   . GLU A 1 92  ? -12.753 -15.283 -5.081  1.00 20.89 ? 90  GLU A O   1 
ATOM   671 C  CB  . GLU A 1 92  ? -15.420 -15.852 -5.766  1.00 28.42 ? 90  GLU A CB  1 
ATOM   672 C  CG  . GLU A 1 92  ? -16.910 -16.188 -5.608  1.00 30.00 ? 90  GLU A CG  1 
ATOM   673 C  CD  . GLU A 1 92  ? -17.303 -17.557 -6.166  1.00 40.45 ? 90  GLU A CD  1 
ATOM   674 O  OE1 . GLU A 1 92  ? -16.446 -18.259 -6.750  1.00 38.10 ? 90  GLU A OE1 1 
ATOM   675 O  OE2 . GLU A 1 92  ? -18.490 -17.924 -6.016  1.00 47.48 ? 90  GLU A OE2 1 
ATOM   676 N  N   . ILE A 1 93  ? -13.121 -13.091 -4.784  1.00 20.98 ? 91  ILE A N   1 
ATOM   677 C  CA  . ILE A 1 93  ? -11.712 -12.769 -4.613  1.00 19.37 ? 91  ILE A CA  1 
ATOM   678 C  C   . ILE A 1 93  ? -11.300 -13.065 -3.172  1.00 18.26 ? 91  ILE A C   1 
ATOM   679 O  O   . ILE A 1 93  ? -11.937 -12.592 -2.230  1.00 18.53 ? 91  ILE A O   1 
ATOM   680 C  CB  . ILE A 1 93  ? -11.436 -11.300 -4.996  1.00 20.14 ? 91  ILE A CB  1 
ATOM   681 C  CG1 . ILE A 1 93  ? -11.679 -11.113 -6.502  1.00 21.39 ? 91  ILE A CG1 1 
ATOM   682 C  CG2 . ILE A 1 93  ? -10.013 -10.877 -4.597  1.00 18.68 ? 91  ILE A CG2 1 
ATOM   683 C  CD1 . ILE A 1 93  ? -11.974 -9.688  -6.904  1.00 24.89 ? 91  ILE A CD1 1 
ATOM   684 N  N   . SER A 1 94  ? -10.256 -13.873 -3.002  1.00 17.29 ? 92  SER A N   1 
ATOM   685 C  CA  . SER A 1 94  ? -9.791  -14.242 -1.671  1.00 18.30 ? 92  SER A CA  1 
ATOM   686 C  C   . SER A 1 94  ? -9.409  -12.989 -0.918  1.00 18.02 ? 92  SER A C   1 
ATOM   687 O  O   . SER A 1 94  ? -8.665  -12.147 -1.427  1.00 15.60 ? 92  SER A O   1 
ATOM   688 C  CB  . SER A 1 94  ? -8.591  -15.200 -1.722  1.00 17.23 ? 92  SER A CB  1 
ATOM   689 O  OG  . SER A 1 94  ? -8.942  -16.404 -2.383  1.00 21.82 ? 92  SER A OG  1 
ATOM   690 N  N   . ILE A 1 95  ? -9.927  -12.878 0.298   1.00 17.45 ? 93  ILE A N   1 
ATOM   691 C  CA  . ILE A 1 95  ? -9.683  -11.723 1.145   1.00 16.58 ? 93  ILE A CA  1 
ATOM   692 C  C   . ILE A 1 95  ? -8.950  -12.184 2.395   1.00 18.04 ? 93  ILE A C   1 
ATOM   693 O  O   . ILE A 1 95  ? -9.412  -13.092 3.093   1.00 16.97 ? 93  ILE A O   1 
ATOM   694 C  CB  . ILE A 1 95  ? -11.014 -11.025 1.508   1.00 17.82 ? 93  ILE A CB  1 
ATOM   695 C  CG1 . ILE A 1 95  ? -11.577 -10.314 0.267   1.00 21.86 ? 93  ILE A CG1 1 
ATOM   696 C  CG2 . ILE A 1 95  ? -10.832 -10.039 2.655   1.00 17.26 ? 93  ILE A CG2 1 
ATOM   697 C  CD1 . ILE A 1 95  ? -13.026 -9.940  0.379   1.00 21.06 ? 93  ILE A CD1 1 
ATOM   698 N  N   . ILE A 1 96  ? -7.802  -11.571 2.675   1.00 15.92 ? 94  ILE A N   1 
ATOM   699 C  CA  . ILE A 1 96  ? -7.036  -11.945 3.858   1.00 15.29 ? 94  ILE A CA  1 
ATOM   700 C  C   . ILE A 1 96  ? -7.116  -10.920 4.987   1.00 18.97 ? 94  ILE A C   1 
ATOM   701 O  O   . ILE A 1 96  ? -6.665  -11.178 6.092   1.00 17.72 ? 94  ILE A O   1 
ATOM   702 C  CB  . ILE A 1 96  ? -5.569  -12.266 3.536   1.00 15.69 ? 94  ILE A CB  1 
ATOM   703 C  CG1 . ILE A 1 96  ? -4.904  -11.108 2.782   1.00 17.33 ? 94  ILE A CG1 1 
ATOM   704 C  CG2 . ILE A 1 96  ? -5.480  -13.564 2.722   1.00 18.31 ? 94  ILE A CG2 1 
ATOM   705 C  CD1 . ILE A 1 96  ? -3.412  -11.352 2.518   1.00 18.60 ? 94  ILE A CD1 1 
ATOM   706 N  N   . GLN A 1 97  ? -7.672  -9.754  4.700   1.00 18.09 ? 95  GLN A N   1 
ATOM   707 C  CA  . GLN A 1 97  ? -7.943  -8.789  5.749   1.00 18.34 ? 95  GLN A CA  1 
ATOM   708 C  C   . GLN A 1 97  ? -9.244  -8.090  5.389   1.00 17.65 ? 95  GLN A C   1 
ATOM   709 O  O   . GLN A 1 97  ? -9.337  -7.474  4.335   1.00 16.80 ? 95  GLN A O   1 
ATOM   710 C  CB  . GLN A 1 97  ? -6.795  -7.778  5.888   1.00 19.04 ? 95  GLN A CB  1 
ATOM   711 C  CG  . GLN A 1 97  ? -6.895  -6.882  7.123   1.00 20.02 ? 95  GLN A CG  1 
ATOM   712 C  CD  . GLN A 1 97  ? -5.937  -5.703  7.068   1.00 27.10 ? 95  GLN A CD  1 
ATOM   713 O  OE1 . GLN A 1 97  ? -5.751  -5.082  6.017   1.00 24.89 ? 95  GLN A OE1 1 
ATOM   714 N  NE2 . GLN A 1 97  ? -5.321  -5.390  8.203   1.00 27.26 ? 95  GLN A NE2 1 
ATOM   715 N  N   . PRO A 1 98  ? -10.264 -8.211  6.254   1.00 19.03 ? 96  PRO A N   1 
ATOM   716 C  CA  . PRO A 1 98  ? -11.553 -7.554  6.018   1.00 19.30 ? 96  PRO A CA  1 
ATOM   717 C  C   . PRO A 1 98  ? -11.400 -6.064  6.275   1.00 17.43 ? 96  PRO A C   1 
ATOM   718 O  O   . PRO A 1 98  ? -10.364 -5.666  6.793   1.00 19.84 ? 96  PRO A O   1 
ATOM   719 C  CB  . PRO A 1 98  ? -12.455 -8.175  7.087   1.00 22.70 ? 96  PRO A CB  1 
ATOM   720 C  CG  . PRO A 1 98  ? -11.511 -8.470  8.221   1.00 23.53 ? 96  PRO A CG  1 
ATOM   721 C  CD  . PRO A 1 98  ? -10.180 -8.809  7.600   1.00 19.57 ? 96  PRO A CD  1 
ATOM   722 N  N   . PRO A 1 99  ? -12.415 -5.257  5.925   1.00 19.17 ? 97  PRO A N   1 
ATOM   723 C  CA  . PRO A 1 99  ? -12.322 -3.809  6.112   1.00 18.96 ? 97  PRO A CA  1 
ATOM   724 C  C   . PRO A 1 99  ? -11.965 -3.471  7.555   1.00 22.70 ? 97  PRO A C   1 
ATOM   725 O  O   . PRO A 1 99  ? -12.649 -3.907  8.479   1.00 24.30 ? 97  PRO A O   1 
ATOM   726 C  CB  . PRO A 1 99  ? -13.721 -3.315  5.744   1.00 20.05 ? 97  PRO A CB  1 
ATOM   727 C  CG  . PRO A 1 99  ? -14.201 -4.316  4.736   1.00 21.57 ? 97  PRO A CG  1 
ATOM   728 C  CD  . PRO A 1 99  ? -13.654 -5.645  5.224   1.00 20.44 ? 97  PRO A CD  1 
ATOM   729 N  N   . THR A 1 100 ? -10.889 -2.710  7.730   1.00 20.17 ? 98  THR A N   1 
ATOM   730 C  CA  . THR A 1 100 ? -10.310 -2.476  9.045   1.00 22.80 ? 98  THR A CA  1 
ATOM   731 C  C   . THR A 1 100 ? -9.803  -1.040  9.204   1.00 24.30 ? 98  THR A C   1 
ATOM   732 O  O   . THR A 1 100 ? -9.208  -0.472  8.289   1.00 22.46 ? 98  THR A O   1 
ATOM   733 C  CB  . THR A 1 100 ? -9.122  -3.441  9.295   1.00 26.11 ? 98  THR A CB  1 
ATOM   734 O  OG1 . THR A 1 100 ? -9.587  -4.797  9.285   1.00 26.75 ? 98  THR A OG1 1 
ATOM   735 C  CG2 . THR A 1 100 ? -8.445  -3.143  10.622  1.00 28.72 ? 98  THR A CG2 1 
ATOM   736 N  N   . GLN A 1 101 ? -10.037 -0.455  10.374  1.00 24.82 ? 99  GLN A N   1 
ATOM   737 C  CA  . GLN A 1 101 ? -9.481  0.852   10.690  1.00 26.61 ? 99  GLN A CA  1 
ATOM   738 C  C   . GLN A 1 101 ? -8.038  0.726   11.160  1.00 26.98 ? 99  GLN A C   1 
ATOM   739 O  O   . GLN A 1 101 ? -7.780  0.303   12.282  1.00 28.76 ? 99  GLN A O   1 
ATOM   740 C  CB  . GLN A 1 101 ? -10.325 1.555   11.762  1.00 28.11 ? 99  GLN A CB  1 
ATOM   741 C  CG  . GLN A 1 101 ? -11.482 2.344   11.192  1.00 30.16 ? 99  GLN A CG  1 
ATOM   742 C  CD  . GLN A 1 101 ? -11.020 3.604   10.492  1.00 28.58 ? 99  GLN A CD  1 
ATOM   743 O  OE1 . GLN A 1 101 ? -9.953  4.133   10.786  1.00 34.28 ? 99  GLN A OE1 1 
ATOM   744 N  NE2 . GLN A 1 101 ? -11.832 4.098   9.570   1.00 33.49 ? 99  GLN A NE2 1 
HETATM 745 N  N   . MSE A 1 102 ? -7.096  1.080   10.296  1.00 26.61 ? 100 MSE A N   1 
HETATM 746 C  CA  . MSE A 1 102 ? -5.697  1.073   10.683  1.00 28.13 ? 100 MSE A CA  1 
HETATM 747 C  C   . MSE A 1 102 ? -5.309  2.511   11.025  1.00 30.83 ? 100 MSE A C   1 
HETATM 748 O  O   . MSE A 1 102 ? -6.109  3.427   10.858  1.00 31.33 ? 100 MSE A O   1 
HETATM 749 C  CB  . MSE A 1 102 ? -4.805  0.497   9.572   1.00 27.99 ? 100 MSE A CB  1 
HETATM 750 C  CG  . MSE A 1 102 ? -5.033  -0.996  9.229   1.00 27.33 ? 100 MSE A CG  1 
HETATM 751 SE SE  . MSE A 1 102 ? -3.471  -1.755  8.266   1.00 47.74 ? 100 MSE A SE  1 
HETATM 752 C  CE  . MSE A 1 102 ? -4.263  -3.117  7.161   1.00 30.28 ? 100 MSE A CE  1 
ATOM   753 N  N   . ASP A 1 103 ? -4.088  2.711   11.506  1.00 33.67 ? 101 ASP A N   1 
ATOM   754 C  CA  . ASP A 1 103 ? -3.635  4.044   11.894  1.00 36.14 ? 101 ASP A CA  1 
ATOM   755 C  C   . ASP A 1 103 ? -3.693  5.062   10.753  1.00 35.46 ? 101 ASP A C   1 
ATOM   756 O  O   . ASP A 1 103 ? -3.976  6.234   10.984  1.00 36.47 ? 101 ASP A O   1 
ATOM   757 C  CB  . ASP A 1 103 ? -2.226  3.982   12.489  1.00 40.23 ? 101 ASP A CB  1 
ATOM   758 C  CG  . ASP A 1 103 ? -2.227  3.512   13.930  1.00 41.75 ? 101 ASP A CG  1 
ATOM   759 O  OD1 . ASP A 1 103 ? -3.326  3.439   14.521  1.00 44.65 ? 101 ASP A OD1 1 
ATOM   760 O  OD2 . ASP A 1 103 ? -1.140  3.222   14.477  1.00 48.71 ? 101 ASP A OD2 1 
ATOM   761 N  N   . PHE A 1 104 ? -3.442  4.615   9.525   1.00 29.54 ? 102 PHE A N   1 
ATOM   762 C  CA  . PHE A 1 104 ? -3.407  5.527   8.380   1.00 29.94 ? 102 PHE A CA  1 
ATOM   763 C  C   . PHE A 1 104 ? -4.771  5.711   7.713   1.00 28.60 ? 102 PHE A C   1 
ATOM   764 O  O   . PHE A 1 104 ? -4.935  6.579   6.855   1.00 28.44 ? 102 PHE A O   1 
ATOM   765 C  CB  . PHE A 1 104 ? -2.399  5.037   7.340   1.00 30.83 ? 102 PHE A CB  1 
ATOM   766 C  CG  . PHE A 1 104 ? -2.744  3.696   6.756   1.00 33.75 ? 102 PHE A CG  1 
ATOM   767 C  CD1 . PHE A 1 104 ? -3.629  3.594   5.691   1.00 31.54 ? 102 PHE A CD1 1 
ATOM   768 C  CD2 . PHE A 1 104 ? -2.203  2.538   7.285   1.00 31.82 ? 102 PHE A CD2 1 
ATOM   769 C  CE1 . PHE A 1 104 ? -3.954  2.358   5.159   1.00 29.66 ? 102 PHE A CE1 1 
ATOM   770 C  CE2 . PHE A 1 104 ? -2.527  1.302   6.755   1.00 30.51 ? 102 PHE A CE2 1 
ATOM   771 C  CZ  . PHE A 1 104 ? -3.405  1.215   5.695   1.00 25.69 ? 102 PHE A CZ  1 
ATOM   772 N  N   . GLY A 1 105 ? -5.744  4.891   8.097   1.00 31.39 ? 103 GLY A N   1 
ATOM   773 C  CA  . GLY A 1 105 ? -7.049  4.922   7.455   1.00 26.98 ? 103 GLY A CA  1 
ATOM   774 C  C   . GLY A 1 105 ? -7.713  3.563   7.347   1.00 23.00 ? 103 GLY A C   1 
ATOM   775 O  O   . GLY A 1 105 ? -7.369  2.629   8.062   1.00 25.70 ? 103 GLY A O   1 
ATOM   776 N  N   . TYR A 1 106 ? -8.658  3.455   6.423   1.00 20.44 ? 104 TYR A N   1 
ATOM   777 C  CA  . TYR A 1 106 ? -9.582  2.329   6.374   1.00 20.96 ? 104 TYR A CA  1 
ATOM   778 C  C   . TYR A 1 106 ? -9.308  1.468   5.150   1.00 18.33 ? 104 TYR A C   1 
ATOM   779 O  O   . TYR A 1 106 ? -9.197  1.984   4.037   1.00 16.41 ? 104 TYR A O   1 
ATOM   780 C  CB  . TYR A 1 106 ? -10.997 2.888   6.335   1.00 19.77 ? 104 TYR A CB  1 
ATOM   781 C  CG  . TYR A 1 106 ? -12.120 1.902   6.472   1.00 19.65 ? 104 TYR A CG  1 
ATOM   782 C  CD1 . TYR A 1 106 ? -12.317 1.187   7.652   1.00 21.43 ? 104 TYR A CD1 1 
ATOM   783 C  CD2 . TYR A 1 106 ? -13.045 1.742   5.442   1.00 18.69 ? 104 TYR A CD2 1 
ATOM   784 C  CE1 . TYR A 1 106 ? -13.392 0.309   7.793   1.00 22.79 ? 104 TYR A CE1 1 
ATOM   785 C  CE2 . TYR A 1 106 ? -14.112 0.871   5.569   1.00 19.11 ? 104 TYR A CE2 1 
ATOM   786 C  CZ  . TYR A 1 106 ? -14.286 0.158   6.743   1.00 21.61 ? 104 TYR A CZ  1 
ATOM   787 O  OH  . TYR A 1 106 ? -15.353 -0.710  6.850   1.00 18.50 ? 104 TYR A OH  1 
ATOM   788 N  N   . THR A 1 107 ? -9.209  0.156   5.353   1.00 19.74 ? 105 THR A N   1 
ATOM   789 C  CA  . THR A 1 107 ? -8.541  -0.689  4.367   1.00 18.54 ? 105 THR A CA  1 
ATOM   790 C  C   . THR A 1 107 ? -8.940  -2.158  4.450   1.00 16.99 ? 105 THR A C   1 
ATOM   791 O  O   . THR A 1 107 ? -9.359  -2.636  5.498   1.00 18.88 ? 105 THR A O   1 
ATOM   792 C  CB  . THR A 1 107 ? -6.986  -0.573  4.534   1.00 17.01 ? 105 THR A CB  1 
ATOM   793 O  OG1 . THR A 1 107 ? -6.318  -1.236  3.459   1.00 16.56 ? 105 THR A OG1 1 
ATOM   794 C  CG2 . THR A 1 107 ? -6.535  -1.200  5.843   1.00 19.47 ? 105 THR A CG2 1 
ATOM   795 N  N   . PHE A 1 108 ? -8.803  -2.865  3.334   1.00 15.43 ? 106 PHE A N   1 
ATOM   796 C  CA  . PHE A 1 108 ? -8.882  -4.318  3.333   1.00 15.89 ? 106 PHE A CA  1 
ATOM   797 C  C   . PHE A 1 108 ? -7.919  -4.863  2.285   1.00 15.44 ? 106 PHE A C   1 
ATOM   798 O  O   . PHE A 1 108 ? -7.462  -4.122  1.413   1.00 16.12 ? 106 PHE A O   1 
ATOM   799 C  CB  . PHE A 1 108 ? -10.327 -4.832  3.137   1.00 15.23 ? 106 PHE A CB  1 
ATOM   800 C  CG  . PHE A 1 108 ? -10.811 -4.806  1.710   1.00 17.89 ? 106 PHE A CG  1 
ATOM   801 C  CD1 . PHE A 1 108 ? -11.413 -3.669  1.183   1.00 18.79 ? 106 PHE A CD1 1 
ATOM   802 C  CD2 . PHE A 1 108 ? -10.706 -5.935  0.910   1.00 15.18 ? 106 PHE A CD2 1 
ATOM   803 C  CE1 . PHE A 1 108 ? -11.868 -3.647  -0.129  1.00 17.78 ? 106 PHE A CE1 1 
ATOM   804 C  CE2 . PHE A 1 108 ? -11.171 -5.921  -0.397  1.00 18.87 ? 106 PHE A CE2 1 
ATOM   805 C  CZ  . PHE A 1 108 ? -11.750 -4.772  -0.918  1.00 17.06 ? 106 PHE A CZ  1 
ATOM   806 N  N   . VAL A 1 109 ? -7.573  -6.140  2.379   1.00 16.43 ? 107 VAL A N   1 
ATOM   807 C  CA  . VAL A 1 109 ? -6.660  -6.715  1.378   1.00 15.45 ? 107 VAL A CA  1 
ATOM   808 C  C   . VAL A 1 109 ? -7.066  -8.089  0.867   1.00 17.40 ? 107 VAL A C   1 
ATOM   809 O  O   . VAL A 1 109 ? -7.507  -8.955  1.630   1.00 18.74 ? 107 VAL A O   1 
ATOM   810 C  CB  . VAL A 1 109 ? -5.144  -6.654  1.785   1.00 18.55 ? 107 VAL A CB  1 
ATOM   811 C  CG1 . VAL A 1 109 ? -4.962  -6.496  3.258   1.00 19.44 ? 107 VAL A CG1 1 
ATOM   812 C  CG2 . VAL A 1 109 ? -4.330  -7.851  1.224   1.00 16.05 ? 107 VAL A CG2 1 
ATOM   813 N  N   . GLY A 1 110 ? -6.947  -8.252  -0.444  1.00 14.39 ? 108 GLY A N   1 
ATOM   814 C  CA  . GLY A 1 110 ? -7.154  -9.532  -1.081  1.00 17.93 ? 108 GLY A CA  1 
ATOM   815 C  C   . GLY A 1 110 ? -5.854  -10.069 -1.652  1.00 17.49 ? 108 GLY A C   1 
ATOM   816 O  O   . GLY A 1 110 ? -4.804  -9.432  -1.532  1.00 16.19 ? 108 GLY A O   1 
ATOM   817 N  N   . VAL A 1 111 ? -5.917  -11.250 -2.254  1.00 17.31 ? 109 VAL A N   1 
ATOM   818 C  CA  . VAL A 1 111 ? -4.757  -11.803 -2.948  1.00 17.55 ? 109 VAL A CA  1 
ATOM   819 C  C   . VAL A 1 111 ? -5.182  -12.403 -4.269  1.00 18.22 ? 109 VAL A C   1 
ATOM   820 O  O   . VAL A 1 111 ? -6.321  -12.853 -4.427  1.00 16.73 ? 109 VAL A O   1 
ATOM   821 C  CB  . VAL A 1 111 ? -4.037  -12.900 -2.138  1.00 18.40 ? 109 VAL A CB  1 
ATOM   822 C  CG1 . VAL A 1 111 ? -3.344  -12.303 -0.928  1.00 19.42 ? 109 VAL A CG1 1 
ATOM   823 C  CG2 . VAL A 1 111 ? -5.006  -14.023 -1.748  1.00 18.85 ? 109 VAL A CG2 1 
ATOM   824 N  N   . ASP A 1 112 ? -4.260  -12.419 -5.218  1.00 16.12 ? 110 ASP A N   1 
ATOM   825 C  CA  . ASP A 1 112 ? -4.541  -13.038 -6.496  1.00 17.22 ? 110 ASP A CA  1 
ATOM   826 C  C   . ASP A 1 112 ? -4.191  -14.531 -6.413  1.00 15.89 ? 110 ASP A C   1 
ATOM   827 O  O   . ASP A 1 112 ? -3.739  -14.988 -5.370  1.00 16.72 ? 110 ASP A O   1 
ATOM   828 C  CB  . ASP A 1 112 ? -3.832  -12.276 -7.639  1.00 14.74 ? 110 ASP A CB  1 
ATOM   829 C  CG  . ASP A 1 112 ? -2.344  -12.570 -7.745  1.00 15.90 ? 110 ASP A CG  1 
ATOM   830 O  OD1 . ASP A 1 112 ? -1.795  -13.330 -6.926  1.00 14.75 ? 110 ASP A OD1 1 
ATOM   831 O  OD2 . ASP A 1 112 ? -1.709  -12.023 -8.689  1.00 15.08 ? 110 ASP A OD2 1 
ATOM   832 N  N   . PRO A 1 113 ? -4.414  -15.290 -7.497  1.00 17.30 ? 111 PRO A N   1 
ATOM   833 C  CA  . PRO A 1 113 ? -4.086  -16.727 -7.497  1.00 18.91 ? 111 PRO A CA  1 
ATOM   834 C  C   . PRO A 1 113 ? -2.616  -17.058 -7.219  1.00 20.24 ? 111 PRO A C   1 
ATOM   835 O  O   . PRO A 1 113 ? -2.309  -18.221 -6.966  1.00 19.42 ? 111 PRO A O   1 
ATOM   836 C  CB  . PRO A 1 113 ? -4.449  -17.169 -8.920  1.00 19.20 ? 111 PRO A CB  1 
ATOM   837 C  CG  . PRO A 1 113 ? -5.488  -16.182 -9.372  1.00 18.20 ? 111 PRO A CG  1 
ATOM   838 C  CD  . PRO A 1 113 ? -5.067  -14.873 -8.754  1.00 17.01 ? 111 PRO A CD  1 
ATOM   839 N  N   . ASP A 1 114 ? -1.728  -16.067 -7.272  1.00 16.29 ? 112 ASP A N   1 
ATOM   840 C  CA  . ASP A 1 114 ? -0.312  -16.309 -7.027  1.00 18.73 ? 112 ASP A CA  1 
ATOM   841 C  C   . ASP A 1 114 ? 0.146   -15.600 -5.751  1.00 18.92 ? 112 ASP A C   1 
ATOM   842 O  O   . ASP A 1 114 ? 1.333   -15.341 -5.564  1.00 19.25 ? 112 ASP A O   1 
ATOM   843 C  CB  . ASP A 1 114 ? 0.525   -15.857 -8.230  1.00 18.40 ? 112 ASP A CB  1 
ATOM   844 C  CG  . ASP A 1 114 ? 0.279   -16.722 -9.457  1.00 19.01 ? 112 ASP A CG  1 
ATOM   845 O  OD1 . ASP A 1 114 ? 0.920   -17.789 -9.564  1.00 19.63 ? 112 ASP A OD1 1 
ATOM   846 O  OD2 . ASP A 1 114 ? -0.566  -16.351 -10.294 1.00 16.80 ? 112 ASP A OD2 1 
ATOM   847 N  N   . GLU A 1 115 ? -0.816  -15.275 -4.894  1.00 17.22 ? 113 GLU A N   1 
ATOM   848 C  CA  . GLU A 1 115 ? -0.532  -14.705 -3.580  1.00 20.66 ? 113 GLU A CA  1 
ATOM   849 C  C   . GLU A 1 115 ? 0.033   -13.292 -3.585  1.00 17.99 ? 113 GLU A C   1 
ATOM   850 O  O   . GLU A 1 115 ? 0.616   -12.854 -2.594  1.00 19.96 ? 113 GLU A O   1 
ATOM   851 C  CB  . GLU A 1 115 ? 0.367   -15.636 -2.760  1.00 22.01 ? 113 GLU A CB  1 
ATOM   852 C  CG  . GLU A 1 115 ? -0.322  -16.946 -2.431  1.00 24.27 ? 113 GLU A CG  1 
ATOM   853 C  CD  . GLU A 1 115 ? -1.753  -16.728 -1.949  1.00 27.85 ? 113 GLU A CD  1 
ATOM   854 O  OE1 . GLU A 1 115 ? -1.930  -16.272 -0.806  1.00 31.52 ? 113 GLU A OE1 1 
ATOM   855 O  OE2 . GLU A 1 115 ? -2.704  -17.015 -2.713  1.00 32.11 ? 113 GLU A OE2 1 
ATOM   856 N  N   . HIS A 1 116 ? -0.141  -12.579 -4.690  1.00 15.02 ? 114 HIS A N   1 
ATOM   857 C  CA  . HIS A 1 116 ? 0.185   -11.156 -4.706  1.00 16.03 ? 114 HIS A CA  1 
ATOM   858 C  C   . HIS A 1 116 ? -0.913  -10.404 -3.955  1.00 16.98 ? 114 HIS A C   1 
ATOM   859 O  O   . HIS A 1 116 ? -2.103  -10.582 -4.241  1.00 13.52 ? 114 HIS A O   1 
ATOM   860 C  CB  . HIS A 1 116 ? 0.318   -10.639 -6.139  1.00 14.35 ? 114 HIS A CB  1 
ATOM   861 C  CG  . HIS A 1 116 ? 1.339   -11.379 -6.954  1.00 16.89 ? 114 HIS A CG  1 
ATOM   862 N  ND1 . HIS A 1 116 ? 2.688   -11.342 -6.670  1.00 18.45 ? 114 HIS A ND1 1 
ATOM   863 C  CD2 . HIS A 1 116 ? 1.206   -12.177 -8.043  1.00 14.65 ? 114 HIS A CD2 1 
ATOM   864 C  CE1 . HIS A 1 116 ? 3.345   -12.087 -7.545  1.00 17.16 ? 114 HIS A CE1 1 
ATOM   865 N  NE2 . HIS A 1 116 ? 2.467   -12.606 -8.389  1.00 19.48 ? 114 HIS A NE2 1 
ATOM   866 N  N   . ARG A 1 117 ? -0.515  -9.584  -2.985  1.00 14.61 ? 115 ARG A N   1 
ATOM   867 C  CA  . ARG A 1 117 ? -1.479  -8.807  -2.203  1.00 16.52 ? 115 ARG A CA  1 
ATOM   868 C  C   . ARG A 1 117 ? -2.002  -7.575  -2.949  1.00 14.96 ? 115 ARG A C   1 
ATOM   869 O  O   . ARG A 1 117 ? -1.255  -6.848  -3.622  1.00 13.78 ? 115 ARG A O   1 
ATOM   870 C  CB  . ARG A 1 117 ? -0.892  -8.395  -0.851  1.00 17.53 ? 115 ARG A CB  1 
ATOM   871 C  CG  . ARG A 1 117 ? -0.631  -9.550  0.107   1.00 18.12 ? 115 ARG A CG  1 
ATOM   872 C  CD  . ARG A 1 117 ? 0.111   -9.068  1.347   1.00 18.12 ? 115 ARG A CD  1 
ATOM   873 N  NE  . ARG A 1 117 ? 0.216   -10.100 2.373   1.00 22.06 ? 115 ARG A NE  1 
ATOM   874 C  CZ  . ARG A 1 117 ? 0.546   -9.863  3.641   1.00 23.01 ? 115 ARG A CZ  1 
ATOM   875 N  NH1 . ARG A 1 117 ? 0.814   -8.620  4.046   1.00 18.32 ? 115 ARG A NH1 1 
ATOM   876 N  NH2 . ARG A 1 117 ? 0.610   -10.871 4.502   1.00 21.05 ? 115 ARG A NH2 1 
ATOM   877 N  N   . LEU A 1 118 ? -3.297  -7.355  -2.801  1.00 15.12 ? 116 LEU A N   1 
ATOM   878 C  CA  . LEU A 1 118 ? -4.008  -6.286  -3.476  1.00 16.19 ? 116 LEU A CA  1 
ATOM   879 C  C   . LEU A 1 118 ? -4.761  -5.523  -2.393  1.00 16.44 ? 116 LEU A C   1 
ATOM   880 O  O   . LEU A 1 118 ? -5.652  -6.070  -1.755  1.00 17.23 ? 116 LEU A O   1 
ATOM   881 C  CB  . LEU A 1 118 ? -5.010  -6.891  -4.464  1.00 16.96 ? 116 LEU A CB  1 
ATOM   882 C  CG  . LEU A 1 118 ? -4.443  -7.846  -5.529  1.00 14.98 ? 116 LEU A CG  1 
ATOM   883 C  CD1 . LEU A 1 118 ? -5.566  -8.419  -6.372  1.00 15.76 ? 116 LEU A CD1 1 
ATOM   884 C  CD2 . LEU A 1 118 ? -3.470  -7.117  -6.421  1.00 15.16 ? 116 LEU A CD2 1 
ATOM   885 N  N   . ARG A 1 119 ? -4.411  -4.261  -2.183  1.00 15.05 ? 117 ARG A N   1 
ATOM   886 C  CA  . ARG A 1 119 ? -4.989  -3.518  -1.077  1.00 14.03 ? 117 ARG A CA  1 
ATOM   887 C  C   . ARG A 1 119 ? -5.862  -2.365  -1.540  1.00 15.55 ? 117 ARG A C   1 
ATOM   888 O  O   . ARG A 1 119 ? -5.485  -1.605  -2.432  1.00 16.38 ? 117 ARG A O   1 
ATOM   889 C  CB  . ARG A 1 119 ? -3.900  -2.996  -0.130  1.00 14.92 ? 117 ARG A CB  1 
ATOM   890 C  CG  . ARG A 1 119 ? -4.437  -2.066  0.978   1.00 14.98 ? 117 ARG A CG  1 
ATOM   891 C  CD  . ARG A 1 119 ? -3.308  -1.443  1.820   1.00 15.85 ? 117 ARG A CD  1 
ATOM   892 N  NE  . ARG A 1 119 ? -2.472  -2.452  2.470   1.00 13.62 ? 117 ARG A NE  1 
ATOM   893 C  CZ  . ARG A 1 119 ? -2.758  -3.045  3.620   1.00 17.17 ? 117 ARG A CZ  1 
ATOM   894 N  NH1 . ARG A 1 119 ? -3.877  -2.746  4.268   1.00 16.77 ? 117 ARG A NH1 1 
ATOM   895 N  NH2 . ARG A 1 119 ? -1.923  -3.944  4.124   1.00 17.19 ? 117 ARG A NH2 1 
ATOM   896 N  N   . ILE A 1 120 ? -7.030  -2.241  -0.919  1.00 13.80 ? 118 ILE A N   1 
ATOM   897 C  CA  . ILE A 1 120 ? -7.895  -1.082  -1.105  1.00 14.38 ? 118 ILE A CA  1 
ATOM   898 C  C   . ILE A 1 120 ? -7.773  -0.241  0.173   1.00 14.77 ? 118 ILE A C   1 
ATOM   899 O  O   . ILE A 1 120 ? -7.831  -0.781  1.277   1.00 15.33 ? 118 ILE A O   1 
ATOM   900 C  CB  . ILE A 1 120 ? -9.395  -1.498  -1.262  1.00 14.93 ? 118 ILE A CB  1 
ATOM   901 C  CG1 . ILE A 1 120 ? -9.614  -2.483  -2.425  1.00 15.55 ? 118 ILE A CG1 1 
ATOM   902 C  CG2 . ILE A 1 120 ? -10.289 -0.267  -1.414  1.00 14.98 ? 118 ILE A CG2 1 
ATOM   903 C  CD1 . ILE A 1 120 ? -9.286  -1.942  -3.780  1.00 16.16 ? 118 ILE A CD1 1 
ATOM   904 N  N   . PHE A 1 121 ? -7.605  1.067   0.043   1.00 15.22 ? 119 PHE A N   1 
ATOM   905 C  CA  . PHE A 1 121 ? -7.585  1.915   1.236   1.00 15.72 ? 119 PHE A CA  1 
ATOM   906 C  C   . PHE A 1 121 ? -8.119  3.310   0.965   1.00 16.85 ? 119 PHE A C   1 
ATOM   907 O  O   . PHE A 1 121 ? -8.032  3.825   -0.153  1.00 15.42 ? 119 PHE A O   1 
ATOM   908 C  CB  . PHE A 1 121 ? -6.178  2.013   1.835   1.00 15.70 ? 119 PHE A CB  1 
ATOM   909 C  CG  . PHE A 1 121 ? -5.215  2.809   0.991   1.00 19.13 ? 119 PHE A CG  1 
ATOM   910 C  CD1 . PHE A 1 121 ? -4.924  4.130   1.299   1.00 18.90 ? 119 PHE A CD1 1 
ATOM   911 C  CD2 . PHE A 1 121 ? -4.614  2.242   -0.125  1.00 17.95 ? 119 PHE A CD2 1 
ATOM   912 C  CE1 . PHE A 1 121 ? -4.046  4.870   0.517   1.00 19.82 ? 119 PHE A CE1 1 
ATOM   913 C  CE2 . PHE A 1 121 ? -3.736  2.983   -0.916  1.00 17.65 ? 119 PHE A CE2 1 
ATOM   914 C  CZ  . PHE A 1 121 ? -3.451  4.299   -0.584  1.00 18.48 ? 119 PHE A CZ  1 
ATOM   915 N  N   . CYS A 1 122 ? -8.689  3.900   2.009   1.00 16.41 ? 120 CYS A N   1 
ATOM   916 C  CA  . CYS A 1 122 ? -9.014  5.317   2.039   1.00 17.32 ? 120 CYS A CA  1 
ATOM   917 C  C   . CYS A 1 122 ? -8.216  5.938   3.186   1.00 19.20 ? 120 CYS A C   1 
ATOM   918 O  O   . CYS A 1 122 ? -8.289  5.465   4.324   1.00 19.24 ? 120 CYS A O   1 
ATOM   919 C  CB  . CYS A 1 122 ? -10.511 5.516   2.305   1.00 17.38 ? 120 CYS A CB  1 
ATOM   920 S  SG  . CYS A 1 122 ? -10.969 7.257   2.482   1.00 20.54 ? 120 CYS A SG  1 
ATOM   921 N  N   . LEU A 1 123 ? -7.459  6.990   2.902   1.00 20.54 ? 121 LEU A N   1 
ATOM   922 C  CA  . LEU A 1 123 ? -6.658  7.639   3.949   1.00 24.86 ? 121 LEU A CA  1 
ATOM   923 C  C   . LEU A 1 123 ? -7.511  8.474   4.902   1.00 24.46 ? 121 LEU A C   1 
ATOM   924 O  O   . LEU A 1 123 ? -8.458  9.125   4.470   1.00 21.18 ? 121 LEU A O   1 
ATOM   925 C  CB  . LEU A 1 123 ? -5.593  8.545   3.324   1.00 23.84 ? 121 LEU A CB  1 
ATOM   926 C  CG  . LEU A 1 123 ? -4.526  7.835   2.496   1.00 22.99 ? 121 LEU A CG  1 
ATOM   927 C  CD1 . LEU A 1 123 ? -3.548  8.839   1.896   1.00 28.52 ? 121 LEU A CD1 1 
ATOM   928 C  CD2 . LEU A 1 123 ? -3.804  6.824   3.360   1.00 26.70 ? 121 LEU A CD2 1 
ATOM   929 N  N   . LYS A 1 124 ? -7.163  8.465   6.189   1.00 26.95 ? 122 LYS A N   1 
ATOM   930 C  CA  . LYS A 1 124 ? -7.783  9.380   7.144   1.00 29.83 ? 122 LYS A CA  1 
ATOM   931 C  C   . LYS A 1 124 ? -7.673  10.806  6.628   1.00 29.98 ? 122 LYS A C   1 
ATOM   932 O  O   . LYS A 1 124 ? -6.655  11.177  6.043   1.00 27.19 ? 122 LYS A O   1 
ATOM   933 C  CB  . LYS A 1 124 ? -7.109  9.291   8.513   1.00 32.89 ? 122 LYS A CB  1 
ATOM   934 C  CG  . LYS A 1 124 ? -7.639  8.190   9.424   1.00 37.76 ? 122 LYS A CG  1 
ATOM   935 C  CD  . LYS A 1 124 ? -7.075  8.353   10.834  1.00 37.88 ? 122 LYS A CD  1 
ATOM   936 C  CE  . LYS A 1 124 ? -7.358  7.145   11.706  1.00 41.67 ? 122 LYS A CE  1 
ATOM   937 N  NZ  . LYS A 1 124 ? -8.816  6.931   11.924  1.00 46.59 ? 122 LYS A NZ  1 
HETATM 938 O  O   . HOH B 2 .   ? -8.292  -14.670 -5.189  1.00 20.39 ? 147 HOH A O   1 
HETATM 939 O  O   . HOH B 2 .   ? -5.756  -6.303  10.561  1.00 30.98 ? 148 HOH A O   1 
HETATM 940 O  O   . HOH B 2 .   ? 15.281  -1.338  4.023   1.00 19.71 ? 149 HOH A O   1 
HETATM 941 O  O   . HOH B 2 .   ? -0.180  -13.107 2.174   1.00 31.00 ? 150 HOH A O   1 
HETATM 942 O  O   . HOH B 2 .   ? 1.984   -12.009 0.010   1.00 36.62 ? 151 HOH A O   1 
HETATM 943 O  O   . HOH B 2 .   ? -14.613 -4.958  -8.379  1.00 25.20 ? 152 HOH A O   1 
HETATM 944 O  O   . HOH B 2 .   ? -20.609 1.649   3.865   1.00 28.95 ? 153 HOH A O   1 
HETATM 945 O  O   . HOH B 2 .   ? 14.443  -1.238  -0.242  1.00 18.79 ? 154 HOH A O   1 
HETATM 946 O  O   . HOH B 2 .   ? -7.944  8.249   0.228   1.00 23.82 ? 155 HOH A O   1 
HETATM 947 O  O   . HOH B 2 .   ? -10.540 6.674   6.233   1.00 22.88 ? 156 HOH A O   1 
HETATM 948 O  O   . HOH B 2 .   ? 3.984   -11.363 -3.630  1.00 22.52 ? 157 HOH A O   1 
HETATM 949 O  O   . HOH B 2 .   ? 13.340  4.313   8.980   1.00 27.99 ? 158 HOH A O   1 
HETATM 950 O  O   . HOH B 2 .   ? 15.983  9.015   5.532   1.00 35.85 ? 159 HOH A O   1 
HETATM 951 O  O   . HOH B 2 .   ? 2.177   -9.530  -2.335  1.00 17.11 ? 160 HOH A O   1 
HETATM 952 O  O   . HOH B 2 .   ? 2.477   -18.692 -7.671  1.00 30.83 ? 161 HOH A O   1 
HETATM 953 O  O   . HOH B 2 .   ? 4.396   -7.322  9.301   1.00 26.41 ? 162 HOH A O   1 
HETATM 954 O  O   . HOH B 2 .   ? -4.292  -20.275 -6.110  1.00 37.39 ? 163 HOH A O   1 
HETATM 955 O  O   . HOH B 2 .   ? -14.462 8.311   4.599   1.00 21.99 ? 164 HOH A O   1 
HETATM 956 O  O   . HOH B 2 .   ? 17.273  4.461   10.439  1.00 36.25 ? 165 HOH A O   1 
HETATM 957 O  O   . HOH B 2 .   ? -16.659 -14.459 -1.109  1.00 29.72 ? 166 HOH A O   1 
HETATM 958 O  O   . HOH B 2 .   ? 10.609  15.124  1.197   1.00 33.88 ? 167 HOH A O   1 
HETATM 959 O  O   . HOH B 2 .   ? 11.627  7.335   5.108   1.00 28.89 ? 168 HOH A O   1 
HETATM 960 O  O   . HOH B 2 .   ? 8.424   12.090  -5.487  1.00 25.86 ? 169 HOH A O   1 
HETATM 961 O  O   . HOH B 2 .   ? 10.339  2.028   11.812  1.00 37.54 ? 170 HOH A O   1 
HETATM 962 O  O   . HOH B 2 .   ? -9.905  9.800   -3.388  1.00 31.57 ? 171 HOH A O   1 
HETATM 963 O  O   . HOH B 2 .   ? -11.325 -16.997 -3.676  1.00 28.17 ? 172 HOH A O   1 
HETATM 964 O  O   . HOH B 2 .   ? -22.105 -4.755  -4.982  1.00 31.77 ? 173 HOH A O   1 
HETATM 965 O  O   . HOH B 2 .   ? -8.827  3.226   -7.126  1.00 29.45 ? 174 HOH A O   1 
HETATM 966 O  O   . HOH B 2 .   ? 10.077  15.386  -5.637  1.00 37.99 ? 175 HOH A O   1 
HETATM 967 O  O   . HOH B 2 .   ? 2.008   2.591   9.114   1.00 31.74 ? 176 HOH A O   1 
HETATM 968 O  O   . HOH B 2 .   ? 7.415   -10.277 3.159   1.00 42.32 ? 177 HOH A O   1 
HETATM 969 O  O   . HOH B 2 .   ? -18.226 -4.593  2.700   1.00 28.06 ? 178 HOH A O   1 
HETATM 970 O  O   . HOH B 2 .   ? -2.855  -9.934  12.159  1.00 39.38 ? 179 HOH A O   1 
HETATM 971 O  O   . HOH B 2 .   ? -11.722 -1.764  12.408  1.00 31.94 ? 180 HOH A O   1 
HETATM 972 O  O   . HOH B 2 .   ? -20.657 1.843   0.997   1.00 27.77 ? 181 HOH A O   1 
HETATM 973 O  O   . HOH B 2 .   ? 13.016  15.704  -7.053  1.00 36.24 ? 182 HOH A O   1 
HETATM 974 O  O   . HOH B 2 .   ? 7.271   -10.535 -3.585  0.5  34.64 ? 183 HOH A O   1 
HETATM 975 O  O   . HOH B 2 .   ? 10.209  10.911  -12.520 1.00 42.21 ? 184 HOH A O   1 
HETATM 976 O  O   . HOH B 2 .   ? -11.853 -5.804  11.331  1.00 35.57 ? 185 HOH A O   1 
HETATM 977 O  O   . HOH B 2 .   ? -8.284  -6.604  10.721  1.00 31.53 ? 186 HOH A O   1 
# 
